data_2OVD
# 
_entry.id   2OVD 
# 
_audit_conform.dict_name       mmcif_pdbx.dic 
_audit_conform.dict_version    5.399 
_audit_conform.dict_location   http://mmcif.pdb.org/dictionaries/ascii/mmcif_pdbx.dic 
# 
loop_
_database_2.database_id 
_database_2.database_code 
_database_2.pdbx_database_accession 
_database_2.pdbx_DOI 
PDB   2OVD         pdb_00002ovd 10.2210/pdb2ovd/pdb 
RCSB  RCSB041632   ?            ?                   
WWPDB D_1000041632 ?            ?                   
# 
loop_
_pdbx_audit_revision_history.ordinal 
_pdbx_audit_revision_history.data_content_type 
_pdbx_audit_revision_history.major_revision 
_pdbx_audit_revision_history.minor_revision 
_pdbx_audit_revision_history.revision_date 
1 'Structure model' 1 0 2007-05-22 
2 'Structure model' 1 1 2008-05-01 
3 'Structure model' 1 2 2011-07-13 
4 'Structure model' 1 3 2017-10-18 
5 'Structure model' 1 4 2021-10-20 
6 'Structure model' 1 5 2024-11-20 
# 
_pdbx_audit_revision_details.ordinal             1 
_pdbx_audit_revision_details.revision_ordinal    1 
_pdbx_audit_revision_details.data_content_type   'Structure model' 
_pdbx_audit_revision_details.provider            repository 
_pdbx_audit_revision_details.type                'Initial release' 
_pdbx_audit_revision_details.description         ? 
_pdbx_audit_revision_details.details             ? 
# 
loop_
_pdbx_audit_revision_group.ordinal 
_pdbx_audit_revision_group.revision_ordinal 
_pdbx_audit_revision_group.data_content_type 
_pdbx_audit_revision_group.group 
1 2 'Structure model' 'Version format compliance' 
2 3 'Structure model' 'Version format compliance' 
3 4 'Structure model' 'Refinement description'    
4 5 'Structure model' 'Database references'       
5 5 'Structure model' 'Derived calculations'      
6 6 'Structure model' 'Data collection'           
7 6 'Structure model' 'Structure summary'         
# 
loop_
_pdbx_audit_revision_category.ordinal 
_pdbx_audit_revision_category.revision_ordinal 
_pdbx_audit_revision_category.data_content_type 
_pdbx_audit_revision_category.category 
1 4 'Structure model' software                  
2 5 'Structure model' database_2                
3 5 'Structure model' struct_ref_seq_dif        
4 5 'Structure model' struct_site               
5 6 'Structure model' chem_comp_atom            
6 6 'Structure model' chem_comp_bond            
7 6 'Structure model' pdbx_entry_details        
8 6 'Structure model' pdbx_modification_feature 
# 
loop_
_pdbx_audit_revision_item.ordinal 
_pdbx_audit_revision_item.revision_ordinal 
_pdbx_audit_revision_item.data_content_type 
_pdbx_audit_revision_item.item 
1  4 'Structure model' '_software.classification'            
2  4 'Structure model' '_software.contact_author'            
3  4 'Structure model' '_software.contact_author_email'      
4  4 'Structure model' '_software.date'                      
5  4 'Structure model' '_software.language'                  
6  4 'Structure model' '_software.location'                  
7  4 'Structure model' '_software.name'                      
8  4 'Structure model' '_software.type'                      
9  4 'Structure model' '_software.version'                   
10 5 'Structure model' '_database_2.pdbx_DOI'                
11 5 'Structure model' '_database_2.pdbx_database_accession' 
12 5 'Structure model' '_struct_ref_seq_dif.details'         
13 5 'Structure model' '_struct_site.pdbx_auth_asym_id'      
14 5 'Structure model' '_struct_site.pdbx_auth_comp_id'      
15 5 'Structure model' '_struct_site.pdbx_auth_seq_id'       
# 
_pdbx_database_status.entry_id                        2OVD 
_pdbx_database_status.status_code                     REL 
_pdbx_database_status.status_code_sf                  REL 
_pdbx_database_status.deposit_site                    RCSB 
_pdbx_database_status.process_site                    RCSB 
_pdbx_database_status.recvd_initial_deposition_date   2007-02-13 
_pdbx_database_status.SG_entry                        N 
_pdbx_database_status.status_code_mr                  ? 
_pdbx_database_status.pdb_format_compatible           Y 
_pdbx_database_status.status_code_cs                  ? 
_pdbx_database_status.methods_development_category    ? 
_pdbx_database_status.status_code_nmr_data            ? 
# 
loop_
_pdbx_database_related.db_name 
_pdbx_database_related.db_id 
_pdbx_database_related.details 
_pdbx_database_related.content_type 
PDB 1IW2 . unspecified 
PDB 1LF7 . unspecified 
PDB 2OVA . unspecified 
PDB 2OVE . unspecified 
# 
loop_
_audit_author.name 
_audit_author.pdbx_ordinal 
'Chiswell, B.'   1 
'Lovelace, L.L.' 2 
'Brannen, C.'    3 
'Ortlund, E.A.'  4 
'Lebioda, L.'    5 
'Sodetz, J.M.'   6 
# 
_citation.id                        primary 
_citation.title                     
'Structural features of the ligand binding site on human complement protein C8gamma: A member of the lipocalin family' 
_citation.journal_abbrev            Biochim.Biophys.Acta 
_citation.journal_volume            1774 
_citation.page_first                637 
_citation.page_last                 644 
_citation.year                      2007 
_citation.journal_id_ASTM           BBACAQ 
_citation.country                   NE 
_citation.journal_id_ISSN           0006-3002 
_citation.journal_id_CSD            0113 
_citation.book_publisher            ? 
_citation.pdbx_database_id_PubMed   17452033 
_citation.pdbx_database_id_DOI      10.1016/j.bbapap.2007.03.004 
# 
loop_
_citation_author.citation_id 
_citation_author.name 
_citation_author.ordinal 
_citation_author.identifier_ORCID 
primary 'Chiswell, B.'   1 ? 
primary 'Lovelace, L.L.' 2 ? 
primary 'Brannen, C.'    3 ? 
primary 'Ortlund, E.A.'  4 ? 
primary 'Lebioda, L.'    5 ? 
primary 'Sodetz, J.M.'   6 ? 
# 
loop_
_entity.id 
_entity.type 
_entity.src_method 
_entity.pdbx_description 
_entity.formula_weight 
_entity.pdbx_number_of_molecules 
_entity.pdbx_ec 
_entity.pdbx_mutation 
_entity.pdbx_fragment 
_entity.details 
1 polymer     man 'Complement component 8, gamma polypeptide' 20320.004 1   ? ? ? ? 
2 non-polymer syn 'LAURIC ACID'                               200.318   1   ? ? ? ? 
3 water       nat water                                       18.015    199 ? ? ? ? 
# 
_entity_name_com.entity_id   1 
_entity_name_com.name        'Complement Protein C8gamma' 
# 
_entity_poly.entity_id                      1 
_entity_poly.type                           'polypeptide(L)' 
_entity_poly.nstd_linkage                   no 
_entity_poly.nstd_monomer                   no 
_entity_poly.pdbx_seq_one_letter_code       
;QKPQRPRRPASPISTIQPKANFDAQQFAGTWLLVAVGSAARFLQEQGHRAEATTLHVAPQGTAMAVSTFRKLDGICWQVR
QLYGDTGVLGRFLLQARGARGAVHVVVAETDYQSFAVLYLERAGQLSVKLYARSLPVSDSVLSGFEQRVQEAHLTEDQIF
YFPKYGFCEAADQFHVLDEVRR
;
_entity_poly.pdbx_seq_one_letter_code_can   
;QKPQRPRRPASPISTIQPKANFDAQQFAGTWLLVAVGSAARFLQEQGHRAEATTLHVAPQGTAMAVSTFRKLDGICWQVR
QLYGDTGVLGRFLLQARGARGAVHVVVAETDYQSFAVLYLERAGQLSVKLYARSLPVSDSVLSGFEQRVQEAHLTEDQIF
YFPKYGFCEAADQFHVLDEVRR
;
_entity_poly.pdbx_strand_id                 A 
_entity_poly.pdbx_target_identifier         ? 
# 
loop_
_pdbx_entity_nonpoly.entity_id 
_pdbx_entity_nonpoly.name 
_pdbx_entity_nonpoly.comp_id 
2 'LAURIC ACID' DAO 
3 water         HOH 
# 
loop_
_entity_poly_seq.entity_id 
_entity_poly_seq.num 
_entity_poly_seq.mon_id 
_entity_poly_seq.hetero 
1 1   GLN n 
1 2   LYS n 
1 3   PRO n 
1 4   GLN n 
1 5   ARG n 
1 6   PRO n 
1 7   ARG n 
1 8   ARG n 
1 9   PRO n 
1 10  ALA n 
1 11  SER n 
1 12  PRO n 
1 13  ILE n 
1 14  SER n 
1 15  THR n 
1 16  ILE n 
1 17  GLN n 
1 18  PRO n 
1 19  LYS n 
1 20  ALA n 
1 21  ASN n 
1 22  PHE n 
1 23  ASP n 
1 24  ALA n 
1 25  GLN n 
1 26  GLN n 
1 27  PHE n 
1 28  ALA n 
1 29  GLY n 
1 30  THR n 
1 31  TRP n 
1 32  LEU n 
1 33  LEU n 
1 34  VAL n 
1 35  ALA n 
1 36  VAL n 
1 37  GLY n 
1 38  SER n 
1 39  ALA n 
1 40  ALA n 
1 41  ARG n 
1 42  PHE n 
1 43  LEU n 
1 44  GLN n 
1 45  GLU n 
1 46  GLN n 
1 47  GLY n 
1 48  HIS n 
1 49  ARG n 
1 50  ALA n 
1 51  GLU n 
1 52  ALA n 
1 53  THR n 
1 54  THR n 
1 55  LEU n 
1 56  HIS n 
1 57  VAL n 
1 58  ALA n 
1 59  PRO n 
1 60  GLN n 
1 61  GLY n 
1 62  THR n 
1 63  ALA n 
1 64  MET n 
1 65  ALA n 
1 66  VAL n 
1 67  SER n 
1 68  THR n 
1 69  PHE n 
1 70  ARG n 
1 71  LYS n 
1 72  LEU n 
1 73  ASP n 
1 74  GLY n 
1 75  ILE n 
1 76  CYS n 
1 77  TRP n 
1 78  GLN n 
1 79  VAL n 
1 80  ARG n 
1 81  GLN n 
1 82  LEU n 
1 83  TYR n 
1 84  GLY n 
1 85  ASP n 
1 86  THR n 
1 87  GLY n 
1 88  VAL n 
1 89  LEU n 
1 90  GLY n 
1 91  ARG n 
1 92  PHE n 
1 93  LEU n 
1 94  LEU n 
1 95  GLN n 
1 96  ALA n 
1 97  ARG n 
1 98  GLY n 
1 99  ALA n 
1 100 ARG n 
1 101 GLY n 
1 102 ALA n 
1 103 VAL n 
1 104 HIS n 
1 105 VAL n 
1 106 VAL n 
1 107 VAL n 
1 108 ALA n 
1 109 GLU n 
1 110 THR n 
1 111 ASP n 
1 112 TYR n 
1 113 GLN n 
1 114 SER n 
1 115 PHE n 
1 116 ALA n 
1 117 VAL n 
1 118 LEU n 
1 119 TYR n 
1 120 LEU n 
1 121 GLU n 
1 122 ARG n 
1 123 ALA n 
1 124 GLY n 
1 125 GLN n 
1 126 LEU n 
1 127 SER n 
1 128 VAL n 
1 129 LYS n 
1 130 LEU n 
1 131 TYR n 
1 132 ALA n 
1 133 ARG n 
1 134 SER n 
1 135 LEU n 
1 136 PRO n 
1 137 VAL n 
1 138 SER n 
1 139 ASP n 
1 140 SER n 
1 141 VAL n 
1 142 LEU n 
1 143 SER n 
1 144 GLY n 
1 145 PHE n 
1 146 GLU n 
1 147 GLN n 
1 148 ARG n 
1 149 VAL n 
1 150 GLN n 
1 151 GLU n 
1 152 ALA n 
1 153 HIS n 
1 154 LEU n 
1 155 THR n 
1 156 GLU n 
1 157 ASP n 
1 158 GLN n 
1 159 ILE n 
1 160 PHE n 
1 161 TYR n 
1 162 PHE n 
1 163 PRO n 
1 164 LYS n 
1 165 TYR n 
1 166 GLY n 
1 167 PHE n 
1 168 CYS n 
1 169 GLU n 
1 170 ALA n 
1 171 ALA n 
1 172 ASP n 
1 173 GLN n 
1 174 PHE n 
1 175 HIS n 
1 176 VAL n 
1 177 LEU n 
1 178 ASP n 
1 179 GLU n 
1 180 VAL n 
1 181 ARG n 
1 182 ARG n 
# 
_entity_src_gen.entity_id                          1 
_entity_src_gen.pdbx_src_id                        1 
_entity_src_gen.pdbx_alt_source_flag               sample 
_entity_src_gen.pdbx_seq_type                      ? 
_entity_src_gen.pdbx_beg_seq_num                   ? 
_entity_src_gen.pdbx_end_seq_num                   ? 
_entity_src_gen.gene_src_common_name               human 
_entity_src_gen.gene_src_genus                     Homo 
_entity_src_gen.pdbx_gene_src_gene                 C8G 
_entity_src_gen.gene_src_species                   ? 
_entity_src_gen.gene_src_strain                    ? 
_entity_src_gen.gene_src_tissue                    ? 
_entity_src_gen.gene_src_tissue_fraction           ? 
_entity_src_gen.gene_src_details                   ? 
_entity_src_gen.pdbx_gene_src_fragment             ? 
_entity_src_gen.pdbx_gene_src_scientific_name      'Homo sapiens' 
_entity_src_gen.pdbx_gene_src_ncbi_taxonomy_id     9606 
_entity_src_gen.pdbx_gene_src_variant              ? 
_entity_src_gen.pdbx_gene_src_cell_line            ? 
_entity_src_gen.pdbx_gene_src_atcc                 ? 
_entity_src_gen.pdbx_gene_src_organ                ? 
_entity_src_gen.pdbx_gene_src_organelle            ? 
_entity_src_gen.pdbx_gene_src_cell                 ? 
_entity_src_gen.pdbx_gene_src_cellular_location    ? 
_entity_src_gen.host_org_common_name               ? 
_entity_src_gen.pdbx_host_org_scientific_name      'Escherichia coli' 
_entity_src_gen.pdbx_host_org_ncbi_taxonomy_id     562 
_entity_src_gen.host_org_genus                     Escherichia 
_entity_src_gen.pdbx_host_org_gene                 ? 
_entity_src_gen.pdbx_host_org_organ                ? 
_entity_src_gen.host_org_species                   ? 
_entity_src_gen.pdbx_host_org_tissue               ? 
_entity_src_gen.pdbx_host_org_tissue_fraction      ? 
_entity_src_gen.pdbx_host_org_strain               'Origami B(DE3)' 
_entity_src_gen.pdbx_host_org_variant              ? 
_entity_src_gen.pdbx_host_org_cell_line            ? 
_entity_src_gen.pdbx_host_org_atcc                 ? 
_entity_src_gen.pdbx_host_org_culture_collection   ? 
_entity_src_gen.pdbx_host_org_cell                 ? 
_entity_src_gen.pdbx_host_org_organelle            ? 
_entity_src_gen.pdbx_host_org_cellular_location    ? 
_entity_src_gen.pdbx_host_org_vector_type          plasmid 
_entity_src_gen.pdbx_host_org_vector               ? 
_entity_src_gen.host_org_details                   ? 
_entity_src_gen.expression_system_id               ? 
_entity_src_gen.plasmid_name                       pET-17b 
_entity_src_gen.plasmid_details                    ? 
_entity_src_gen.pdbx_description                   ? 
# 
loop_
_chem_comp.id 
_chem_comp.type 
_chem_comp.mon_nstd_flag 
_chem_comp.name 
_chem_comp.pdbx_synonyms 
_chem_comp.formula 
_chem_comp.formula_weight 
ALA 'L-peptide linking' y ALANINE         ? 'C3 H7 N O2'     89.093  
ARG 'L-peptide linking' y ARGININE        ? 'C6 H15 N4 O2 1' 175.209 
ASN 'L-peptide linking' y ASPARAGINE      ? 'C4 H8 N2 O3'    132.118 
ASP 'L-peptide linking' y 'ASPARTIC ACID' ? 'C4 H7 N O4'     133.103 
CYS 'L-peptide linking' y CYSTEINE        ? 'C3 H7 N O2 S'   121.158 
DAO non-polymer         . 'LAURIC ACID'   ? 'C12 H24 O2'     200.318 
GLN 'L-peptide linking' y GLUTAMINE       ? 'C5 H10 N2 O3'   146.144 
GLU 'L-peptide linking' y 'GLUTAMIC ACID' ? 'C5 H9 N O4'     147.129 
GLY 'peptide linking'   y GLYCINE         ? 'C2 H5 N O2'     75.067  
HIS 'L-peptide linking' y HISTIDINE       ? 'C6 H10 N3 O2 1' 156.162 
HOH non-polymer         . WATER           ? 'H2 O'           18.015  
ILE 'L-peptide linking' y ISOLEUCINE      ? 'C6 H13 N O2'    131.173 
LEU 'L-peptide linking' y LEUCINE         ? 'C6 H13 N O2'    131.173 
LYS 'L-peptide linking' y LYSINE          ? 'C6 H15 N2 O2 1' 147.195 
MET 'L-peptide linking' y METHIONINE      ? 'C5 H11 N O2 S'  149.211 
PHE 'L-peptide linking' y PHENYLALANINE   ? 'C9 H11 N O2'    165.189 
PRO 'L-peptide linking' y PROLINE         ? 'C5 H9 N O2'     115.130 
SER 'L-peptide linking' y SERINE          ? 'C3 H7 N O3'     105.093 
THR 'L-peptide linking' y THREONINE       ? 'C4 H9 N O3'     119.119 
TRP 'L-peptide linking' y TRYPTOPHAN      ? 'C11 H12 N2 O2'  204.225 
TYR 'L-peptide linking' y TYROSINE        ? 'C9 H11 N O3'    181.189 
VAL 'L-peptide linking' y VALINE          ? 'C5 H11 N O2'    117.146 
# 
loop_
_pdbx_poly_seq_scheme.asym_id 
_pdbx_poly_seq_scheme.entity_id 
_pdbx_poly_seq_scheme.seq_id 
_pdbx_poly_seq_scheme.mon_id 
_pdbx_poly_seq_scheme.ndb_seq_num 
_pdbx_poly_seq_scheme.pdb_seq_num 
_pdbx_poly_seq_scheme.auth_seq_num 
_pdbx_poly_seq_scheme.pdb_mon_id 
_pdbx_poly_seq_scheme.auth_mon_id 
_pdbx_poly_seq_scheme.pdb_strand_id 
_pdbx_poly_seq_scheme.pdb_ins_code 
_pdbx_poly_seq_scheme.hetero 
A 1 1   GLN 1   1   ?   ?   ?   A . n 
A 1 2   LYS 2   2   ?   ?   ?   A . n 
A 1 3   PRO 3   3   ?   ?   ?   A . n 
A 1 4   GLN 4   4   ?   ?   ?   A . n 
A 1 5   ARG 5   5   ?   ?   ?   A . n 
A 1 6   PRO 6   6   ?   ?   ?   A . n 
A 1 7   ARG 7   7   ?   ?   ?   A . n 
A 1 8   ARG 8   8   ?   ?   ?   A . n 
A 1 9   PRO 9   9   ?   ?   ?   A . n 
A 1 10  ALA 10  10  ?   ?   ?   A . n 
A 1 11  SER 11  11  11  SER SER A . n 
A 1 12  PRO 12  12  12  PRO PRO A . n 
A 1 13  ILE 13  13  13  ILE ILE A . n 
A 1 14  SER 14  14  14  SER SER A . n 
A 1 15  THR 15  15  15  THR THR A . n 
A 1 16  ILE 16  16  16  ILE ILE A . n 
A 1 17  GLN 17  17  17  GLN GLN A . n 
A 1 18  PRO 18  18  18  PRO PRO A . n 
A 1 19  LYS 19  19  19  LYS LYS A . n 
A 1 20  ALA 20  20  20  ALA ALA A . n 
A 1 21  ASN 21  21  21  ASN ASN A . n 
A 1 22  PHE 22  22  22  PHE PHE A . n 
A 1 23  ASP 23  23  23  ASP ASP A . n 
A 1 24  ALA 24  24  24  ALA ALA A . n 
A 1 25  GLN 25  25  25  GLN GLN A . n 
A 1 26  GLN 26  26  26  GLN GLN A . n 
A 1 27  PHE 27  27  27  PHE PHE A . n 
A 1 28  ALA 28  28  28  ALA ALA A . n 
A 1 29  GLY 29  29  29  GLY GLY A . n 
A 1 30  THR 30  30  30  THR THR A . n 
A 1 31  TRP 31  31  31  TRP TRP A . n 
A 1 32  LEU 32  32  32  LEU LEU A . n 
A 1 33  LEU 33  33  33  LEU LEU A . n 
A 1 34  VAL 34  34  34  VAL VAL A . n 
A 1 35  ALA 35  35  35  ALA ALA A . n 
A 1 36  VAL 36  36  36  VAL VAL A . n 
A 1 37  GLY 37  37  37  GLY GLY A . n 
A 1 38  SER 38  38  38  SER SER A . n 
A 1 39  ALA 39  39  39  ALA ALA A . n 
A 1 40  ALA 40  40  40  ALA ALA A . n 
A 1 41  ARG 41  41  41  ARG ARG A . n 
A 1 42  PHE 42  42  ?   ?   ?   A . n 
A 1 43  LEU 43  43  ?   ?   ?   A . n 
A 1 44  GLN 44  44  ?   ?   ?   A . n 
A 1 45  GLU 45  45  ?   ?   ?   A . n 
A 1 46  GLN 46  46  ?   ?   ?   A . n 
A 1 47  GLY 47  47  ?   ?   ?   A . n 
A 1 48  HIS 48  48  ?   ?   ?   A . n 
A 1 49  ARG 49  49  ?   ?   ?   A . n 
A 1 50  ALA 50  50  50  ALA ALA A . n 
A 1 51  GLU 51  51  51  GLU GLU A . n 
A 1 52  ALA 52  52  52  ALA ALA A . n 
A 1 53  THR 53  53  53  THR THR A . n 
A 1 54  THR 54  54  54  THR THR A . n 
A 1 55  LEU 55  55  55  LEU LEU A . n 
A 1 56  HIS 56  56  56  HIS HIS A . n 
A 1 57  VAL 57  57  57  VAL VAL A . n 
A 1 58  ALA 58  58  58  ALA ALA A . n 
A 1 59  PRO 59  59  59  PRO PRO A . n 
A 1 60  GLN 60  60  60  GLN GLN A . n 
A 1 61  GLY 61  61  61  GLY GLY A . n 
A 1 62  THR 62  62  62  THR THR A . n 
A 1 63  ALA 63  63  63  ALA ALA A . n 
A 1 64  MET 64  64  64  MET MET A . n 
A 1 65  ALA 65  65  65  ALA ALA A . n 
A 1 66  VAL 66  66  66  VAL VAL A . n 
A 1 67  SER 67  67  67  SER SER A . n 
A 1 68  THR 68  68  68  THR THR A . n 
A 1 69  PHE 69  69  69  PHE PHE A . n 
A 1 70  ARG 70  70  70  ARG ARG A . n 
A 1 71  LYS 71  71  71  LYS LYS A . n 
A 1 72  LEU 72  72  72  LEU LEU A . n 
A 1 73  ASP 73  73  73  ASP ASP A . n 
A 1 74  GLY 74  74  74  GLY GLY A . n 
A 1 75  ILE 75  75  75  ILE ILE A . n 
A 1 76  CYS 76  76  76  CYS CYS A . n 
A 1 77  TRP 77  77  77  TRP TRP A . n 
A 1 78  GLN 78  78  78  GLN GLN A . n 
A 1 79  VAL 79  79  79  VAL VAL A . n 
A 1 80  ARG 80  80  80  ARG ARG A . n 
A 1 81  GLN 81  81  81  GLN GLN A . n 
A 1 82  LEU 82  82  82  LEU LEU A . n 
A 1 83  TYR 83  83  83  TYR TYR A . n 
A 1 84  GLY 84  84  84  GLY GLY A . n 
A 1 85  ASP 85  85  85  ASP ASP A . n 
A 1 86  THR 86  86  86  THR THR A . n 
A 1 87  GLY 87  87  87  GLY GLY A . n 
A 1 88  VAL 88  88  88  VAL VAL A . n 
A 1 89  LEU 89  89  89  LEU LEU A . n 
A 1 90  GLY 90  90  90  GLY GLY A . n 
A 1 91  ARG 91  91  91  ARG ARG A . n 
A 1 92  PHE 92  92  92  PHE PHE A . n 
A 1 93  LEU 93  93  93  LEU LEU A . n 
A 1 94  LEU 94  94  94  LEU LEU A . n 
A 1 95  GLN 95  95  95  GLN GLN A . n 
A 1 96  ALA 96  96  96  ALA ALA A . n 
A 1 97  ARG 97  97  97  ARG ARG A . n 
A 1 98  GLY 98  98  98  GLY GLY A . n 
A 1 99  ALA 99  99  99  ALA ALA A . n 
A 1 100 ARG 100 100 100 ARG ARG A . n 
A 1 101 GLY 101 101 101 GLY GLY A . n 
A 1 102 ALA 102 102 102 ALA ALA A . n 
A 1 103 VAL 103 103 103 VAL VAL A . n 
A 1 104 HIS 104 104 104 HIS HIS A . n 
A 1 105 VAL 105 105 105 VAL VAL A . n 
A 1 106 VAL 106 106 106 VAL VAL A . n 
A 1 107 VAL 107 107 107 VAL VAL A . n 
A 1 108 ALA 108 108 108 ALA ALA A . n 
A 1 109 GLU 109 109 109 GLU GLU A . n 
A 1 110 THR 110 110 110 THR THR A . n 
A 1 111 ASP 111 111 111 ASP ASP A . n 
A 1 112 TYR 112 112 112 TYR TYR A . n 
A 1 113 GLN 113 113 113 GLN GLN A . n 
A 1 114 SER 114 114 114 SER SER A . n 
A 1 115 PHE 115 115 115 PHE PHE A . n 
A 1 116 ALA 116 116 116 ALA ALA A . n 
A 1 117 VAL 117 117 117 VAL VAL A . n 
A 1 118 LEU 118 118 118 LEU LEU A . n 
A 1 119 TYR 119 119 119 TYR TYR A . n 
A 1 120 LEU 120 120 120 LEU LEU A . n 
A 1 121 GLU 121 121 121 GLU GLU A . n 
A 1 122 ARG 122 122 122 ARG ARG A . n 
A 1 123 ALA 123 123 123 ALA ALA A . n 
A 1 124 GLY 124 124 124 GLY GLY A . n 
A 1 125 GLN 125 125 125 GLN GLN A . n 
A 1 126 LEU 126 126 126 LEU LEU A . n 
A 1 127 SER 127 127 127 SER SER A . n 
A 1 128 VAL 128 128 128 VAL VAL A . n 
A 1 129 LYS 129 129 129 LYS LYS A . n 
A 1 130 LEU 130 130 130 LEU LEU A . n 
A 1 131 TYR 131 131 131 TYR TYR A . n 
A 1 132 ALA 132 132 132 ALA ALA A . n 
A 1 133 ARG 133 133 133 ARG ARG A . n 
A 1 134 SER 134 134 134 SER SER A . n 
A 1 135 LEU 135 135 135 LEU LEU A . n 
A 1 136 PRO 136 136 136 PRO PRO A . n 
A 1 137 VAL 137 137 137 VAL VAL A . n 
A 1 138 SER 138 138 138 SER SER A . n 
A 1 139 ASP 139 139 139 ASP ASP A . n 
A 1 140 SER 140 140 140 SER SER A . n 
A 1 141 VAL 141 141 141 VAL VAL A . n 
A 1 142 LEU 142 142 142 LEU LEU A . n 
A 1 143 SER 143 143 143 SER SER A . n 
A 1 144 GLY 144 144 144 GLY GLY A . n 
A 1 145 PHE 145 145 145 PHE PHE A . n 
A 1 146 GLU 146 146 146 GLU GLU A . n 
A 1 147 GLN 147 147 147 GLN GLN A . n 
A 1 148 ARG 148 148 148 ARG ARG A . n 
A 1 149 VAL 149 149 149 VAL VAL A . n 
A 1 150 GLN 150 150 150 GLN GLN A . n 
A 1 151 GLU 151 151 151 GLU GLU A . n 
A 1 152 ALA 152 152 152 ALA ALA A . n 
A 1 153 HIS 153 153 153 HIS HIS A . n 
A 1 154 LEU 154 154 154 LEU LEU A . n 
A 1 155 THR 155 155 155 THR THR A . n 
A 1 156 GLU 156 156 156 GLU GLU A . n 
A 1 157 ASP 157 157 157 ASP ASP A . n 
A 1 158 GLN 158 158 158 GLN GLN A . n 
A 1 159 ILE 159 159 159 ILE ILE A . n 
A 1 160 PHE 160 160 160 PHE PHE A . n 
A 1 161 TYR 161 161 161 TYR TYR A . n 
A 1 162 PHE 162 162 162 PHE PHE A . n 
A 1 163 PRO 163 163 163 PRO PRO A . n 
A 1 164 LYS 164 164 164 LYS LYS A . n 
A 1 165 TYR 165 165 165 TYR TYR A . n 
A 1 166 GLY 166 166 166 GLY GLY A . n 
A 1 167 PHE 167 167 167 PHE PHE A . n 
A 1 168 CYS 168 168 168 CYS CYS A . n 
A 1 169 GLU 169 169 169 GLU GLU A . n 
A 1 170 ALA 170 170 170 ALA ALA A . n 
A 1 171 ALA 171 171 171 ALA ALA A . n 
A 1 172 ASP 172 172 172 ASP ASP A . n 
A 1 173 GLN 173 173 173 GLN GLN A . n 
A 1 174 PHE 174 174 174 PHE PHE A . n 
A 1 175 HIS 175 175 175 HIS HIS A . n 
A 1 176 VAL 176 176 176 VAL VAL A . n 
A 1 177 LEU 177 177 177 LEU LEU A . n 
A 1 178 ASP 178 178 178 ASP ASP A . n 
A 1 179 GLU 179 179 179 GLU GLU A . n 
A 1 180 VAL 180 180 180 VAL VAL A . n 
A 1 181 ARG 181 181 ?   ?   ?   A . n 
A 1 182 ARG 182 182 ?   ?   ?   A . n 
# 
loop_
_pdbx_nonpoly_scheme.asym_id 
_pdbx_nonpoly_scheme.entity_id 
_pdbx_nonpoly_scheme.mon_id 
_pdbx_nonpoly_scheme.ndb_seq_num 
_pdbx_nonpoly_scheme.pdb_seq_num 
_pdbx_nonpoly_scheme.auth_seq_num 
_pdbx_nonpoly_scheme.pdb_mon_id 
_pdbx_nonpoly_scheme.auth_mon_id 
_pdbx_nonpoly_scheme.pdb_strand_id 
_pdbx_nonpoly_scheme.pdb_ins_code 
B 2 DAO 1   190  190  DAO DAO A . 
C 3 HOH 1   1001 1001 HOH HOH A . 
C 3 HOH 2   1002 1002 HOH HOH A . 
C 3 HOH 3   1003 1003 HOH HOH A . 
C 3 HOH 4   1004 1004 HOH HOH A . 
C 3 HOH 5   1005 1005 HOH HOH A . 
C 3 HOH 6   1006 1006 HOH HOH A . 
C 3 HOH 7   1007 1007 HOH HOH A . 
C 3 HOH 8   1008 1008 HOH HOH A . 
C 3 HOH 9   1009 1009 HOH HOH A . 
C 3 HOH 10  1010 1010 HOH HOH A . 
C 3 HOH 11  1011 1011 HOH HOH A . 
C 3 HOH 12  1012 1012 HOH HOH A . 
C 3 HOH 13  1013 1013 HOH HOH A . 
C 3 HOH 14  1014 1014 HOH HOH A . 
C 3 HOH 15  1015 1015 HOH HOH A . 
C 3 HOH 16  1016 1016 HOH HOH A . 
C 3 HOH 17  1017 1017 HOH HOH A . 
C 3 HOH 18  1018 1018 HOH HOH A . 
C 3 HOH 19  1019 1019 HOH HOH A . 
C 3 HOH 20  1020 1020 HOH HOH A . 
C 3 HOH 21  1021 1021 HOH HOH A . 
C 3 HOH 22  1022 1022 HOH HOH A . 
C 3 HOH 23  1023 1023 HOH HOH A . 
C 3 HOH 24  1024 1024 HOH HOH A . 
C 3 HOH 25  1025 1025 HOH HOH A . 
C 3 HOH 26  1026 1026 HOH HOH A . 
C 3 HOH 27  1027 1027 HOH HOH A . 
C 3 HOH 28  1028 1028 HOH HOH A . 
C 3 HOH 29  1029 1029 HOH HOH A . 
C 3 HOH 30  1030 1030 HOH HOH A . 
C 3 HOH 31  1031 1031 HOH HOH A . 
C 3 HOH 32  1032 1032 HOH HOH A . 
C 3 HOH 33  1033 1033 HOH HOH A . 
C 3 HOH 34  1034 1034 HOH HOH A . 
C 3 HOH 35  1035 1035 HOH HOH A . 
C 3 HOH 36  1036 1036 HOH HOH A . 
C 3 HOH 37  1037 1037 HOH HOH A . 
C 3 HOH 38  1038 1038 HOH HOH A . 
C 3 HOH 39  1039 1039 HOH HOH A . 
C 3 HOH 40  1040 1040 HOH HOH A . 
C 3 HOH 41  1041 1041 HOH HOH A . 
C 3 HOH 42  1042 1042 HOH HOH A . 
C 3 HOH 43  1043 1043 HOH HOH A . 
C 3 HOH 44  1044 1044 HOH HOH A . 
C 3 HOH 45  1045 1045 HOH HOH A . 
C 3 HOH 46  1046 1046 HOH HOH A . 
C 3 HOH 47  1047 1047 HOH HOH A . 
C 3 HOH 48  1048 1048 HOH HOH A . 
C 3 HOH 49  1049 1049 HOH HOH A . 
C 3 HOH 50  1050 1050 HOH HOH A . 
C 3 HOH 51  1051 1051 HOH HOH A . 
C 3 HOH 52  1052 1052 HOH HOH A . 
C 3 HOH 53  1053 1053 HOH HOH A . 
C 3 HOH 54  1054 1054 HOH HOH A . 
C 3 HOH 55  1055 1055 HOH HOH A . 
C 3 HOH 56  1056 1056 HOH HOH A . 
C 3 HOH 57  1057 1057 HOH HOH A . 
C 3 HOH 58  1058 1058 HOH HOH A . 
C 3 HOH 59  1059 1059 HOH HOH A . 
C 3 HOH 60  1060 1060 HOH HOH A . 
C 3 HOH 61  1061 1061 HOH HOH A . 
C 3 HOH 62  1062 1062 HOH HOH A . 
C 3 HOH 63  1063 1063 HOH HOH A . 
C 3 HOH 64  1064 1064 HOH HOH A . 
C 3 HOH 65  1065 1065 HOH HOH A . 
C 3 HOH 66  1066 1066 HOH HOH A . 
C 3 HOH 67  1067 1067 HOH HOH A . 
C 3 HOH 68  1068 1068 HOH HOH A . 
C 3 HOH 69  1069 1069 HOH HOH A . 
C 3 HOH 70  1070 1070 HOH HOH A . 
C 3 HOH 71  1071 1071 HOH HOH A . 
C 3 HOH 72  1072 1072 HOH HOH A . 
C 3 HOH 73  1073 1073 HOH HOH A . 
C 3 HOH 74  1074 1074 HOH HOH A . 
C 3 HOH 75  1075 1075 HOH HOH A . 
C 3 HOH 76  1076 1076 HOH HOH A . 
C 3 HOH 77  1077 1077 HOH HOH A . 
C 3 HOH 78  1078 1078 HOH HOH A . 
C 3 HOH 79  1079 1079 HOH HOH A . 
C 3 HOH 80  1080 1080 HOH HOH A . 
C 3 HOH 81  1081 1081 HOH HOH A . 
C 3 HOH 82  1082 1082 HOH HOH A . 
C 3 HOH 83  1083 1083 HOH HOH A . 
C 3 HOH 84  1084 1084 HOH HOH A . 
C 3 HOH 85  1085 1085 HOH HOH A . 
C 3 HOH 86  1086 1086 HOH HOH A . 
C 3 HOH 87  1087 1087 HOH HOH A . 
C 3 HOH 88  1088 1088 HOH HOH A . 
C 3 HOH 89  1089 1089 HOH HOH A . 
C 3 HOH 90  1090 1090 HOH HOH A . 
C 3 HOH 91  1091 1091 HOH HOH A . 
C 3 HOH 92  1092 1092 HOH HOH A . 
C 3 HOH 93  1093 1093 HOH HOH A . 
C 3 HOH 94  1094 1094 HOH HOH A . 
C 3 HOH 95  1095 1095 HOH HOH A . 
C 3 HOH 96  1096 1096 HOH HOH A . 
C 3 HOH 97  1097 1097 HOH HOH A . 
C 3 HOH 98  1098 1098 HOH HOH A . 
C 3 HOH 99  1099 1099 HOH HOH A . 
C 3 HOH 100 1100 1100 HOH HOH A . 
C 3 HOH 101 1101 1101 HOH HOH A . 
C 3 HOH 102 1102 1102 HOH HOH A . 
C 3 HOH 103 1103 1103 HOH HOH A . 
C 3 HOH 104 1104 1104 HOH HOH A . 
C 3 HOH 105 1105 1105 HOH HOH A . 
C 3 HOH 106 1106 1106 HOH HOH A . 
C 3 HOH 107 1107 1107 HOH HOH A . 
C 3 HOH 108 1108 1108 HOH HOH A . 
C 3 HOH 109 1109 1109 HOH HOH A . 
C 3 HOH 110 1110 1110 HOH HOH A . 
C 3 HOH 111 1111 1111 HOH HOH A . 
C 3 HOH 112 1112 1112 HOH HOH A . 
C 3 HOH 113 1113 1113 HOH HOH A . 
C 3 HOH 114 1114 1114 HOH HOH A . 
C 3 HOH 115 1115 1115 HOH HOH A . 
C 3 HOH 116 1116 1116 HOH HOH A . 
C 3 HOH 117 1117 1117 HOH HOH A . 
C 3 HOH 118 1118 1118 HOH HOH A . 
C 3 HOH 119 1119 1119 HOH HOH A . 
C 3 HOH 120 1120 1120 HOH HOH A . 
C 3 HOH 121 1121 1121 HOH HOH A . 
C 3 HOH 122 1122 1122 HOH HOH A . 
C 3 HOH 123 1123 1123 HOH HOH A . 
C 3 HOH 124 1124 1124 HOH HOH A . 
C 3 HOH 125 1125 1125 HOH HOH A . 
C 3 HOH 126 1126 1126 HOH HOH A . 
C 3 HOH 127 1127 1127 HOH HOH A . 
C 3 HOH 128 1128 1128 HOH HOH A . 
C 3 HOH 129 1129 1129 HOH HOH A . 
C 3 HOH 130 1130 1130 HOH HOH A . 
C 3 HOH 131 1131 1131 HOH HOH A . 
C 3 HOH 132 1132 1132 HOH HOH A . 
C 3 HOH 133 1133 1133 HOH HOH A . 
C 3 HOH 134 1134 1134 HOH HOH A . 
C 3 HOH 135 1135 1135 HOH HOH A . 
C 3 HOH 136 1136 1136 HOH HOH A . 
C 3 HOH 137 1137 1137 HOH HOH A . 
C 3 HOH 138 1138 1138 HOH HOH A . 
C 3 HOH 139 1139 1139 HOH HOH A . 
C 3 HOH 140 1140 1140 HOH HOH A . 
C 3 HOH 141 1141 1141 HOH HOH A . 
C 3 HOH 142 1142 1142 HOH HOH A . 
C 3 HOH 143 1143 1143 HOH HOH A . 
C 3 HOH 144 1144 1144 HOH HOH A . 
C 3 HOH 145 1145 1145 HOH HOH A . 
C 3 HOH 146 1146 1146 HOH HOH A . 
C 3 HOH 147 1147 1147 HOH HOH A . 
C 3 HOH 148 1148 1148 HOH HOH A . 
C 3 HOH 149 1149 1149 HOH HOH A . 
C 3 HOH 150 1150 1150 HOH HOH A . 
C 3 HOH 151 1151 1151 HOH HOH A . 
C 3 HOH 152 1152 1152 HOH HOH A . 
C 3 HOH 153 1153 1153 HOH HOH A . 
C 3 HOH 154 1154 1154 HOH HOH A . 
C 3 HOH 155 1155 1155 HOH HOH A . 
C 3 HOH 156 1156 1156 HOH HOH A . 
C 3 HOH 157 1157 1157 HOH HOH A . 
C 3 HOH 158 1158 1158 HOH HOH A . 
C 3 HOH 159 1159 1159 HOH HOH A . 
C 3 HOH 160 1160 1160 HOH HOH A . 
C 3 HOH 161 1161 1161 HOH HOH A . 
C 3 HOH 162 1162 1162 HOH HOH A . 
C 3 HOH 163 1163 1163 HOH HOH A . 
C 3 HOH 164 1164 1164 HOH HOH A . 
C 3 HOH 165 1165 1165 HOH HOH A . 
C 3 HOH 166 1166 1166 HOH HOH A . 
C 3 HOH 167 1167 1167 HOH HOH A . 
C 3 HOH 168 1168 1168 HOH HOH A . 
C 3 HOH 169 1169 1169 HOH HOH A . 
C 3 HOH 170 1170 1170 HOH HOH A . 
C 3 HOH 171 1171 1171 HOH HOH A . 
C 3 HOH 172 1172 1172 HOH HOH A . 
C 3 HOH 173 1173 1173 HOH HOH A . 
C 3 HOH 174 1174 1174 HOH HOH A . 
C 3 HOH 175 1175 1175 HOH HOH A . 
C 3 HOH 176 1176 1176 HOH HOH A . 
C 3 HOH 177 1177 1177 HOH HOH A . 
C 3 HOH 178 1178 1178 HOH HOH A . 
C 3 HOH 179 1179 1179 HOH HOH A . 
C 3 HOH 180 1180 1180 HOH HOH A . 
C 3 HOH 181 1181 1181 HOH HOH A . 
C 3 HOH 182 1182 1182 HOH HOH A . 
C 3 HOH 183 1183 1183 HOH HOH A . 
C 3 HOH 184 1184 1184 HOH HOH A . 
C 3 HOH 185 1185 1185 HOH HOH A . 
C 3 HOH 186 1186 1186 HOH HOH A . 
C 3 HOH 187 1187 1187 HOH HOH A . 
C 3 HOH 188 1188 1188 HOH HOH A . 
C 3 HOH 189 1189 1189 HOH HOH A . 
C 3 HOH 190 1190 1190 HOH HOH A . 
C 3 HOH 191 1191 1191 HOH HOH A . 
C 3 HOH 192 1192 1192 HOH HOH A . 
C 3 HOH 193 1193 1193 HOH HOH A . 
C 3 HOH 194 1194 1194 HOH HOH A . 
C 3 HOH 195 1195 1195 HOH HOH A . 
C 3 HOH 196 1196 1196 HOH HOH A . 
C 3 HOH 197 1197 1197 HOH HOH A . 
C 3 HOH 198 1198 1198 HOH HOH A . 
C 3 HOH 199 1199 1199 HOH HOH A . 
# 
loop_
_software.name 
_software.version 
_software.date 
_software.type 
_software.contact_author 
_software.contact_author_email 
_software.classification 
_software.location 
_software.language 
_software.citation_id 
_software.pdbx_ordinal 
DENZO       .     ?                package 'Zbyszek Otwinowski' zbyszek@mix.swmed.edu    'data reduction'  
http://www.lnls.br/infra/linhasluz/denzo-hkl.htm ?          ? 1 
SCALEPACK   .     ?                package 'Zbyszek Otwinowski' zbyszek@mix.swmed.edu    'data scaling'    
http://www.lnls.br/infra/linhasluz/denzo-hkl.htm ?          ? 2 
CNS         .     ?                package 'Axel T. Brunger'    axel.brunger@yale.edu    refinement        
http://cns.csb.yale.edu/v1.1/                    Fortran_77 ? 3 
PDB_EXTRACT 2.000 'April. 3, 2006' package PDB                  sw-help@rcsb.rutgers.edu 'data extraction' 
http://pdb.rutgers.edu/software/                 C++        ? 4 
SBC-Collect 19ID  ?                ?       ?                    ?                        'data collection' ? ?          ? 5 
HKL-2000    .     ?                ?       ?                    ?                        'data reduction'  ? ?          ? 6 
CNS         .     ?                ?       ?                    ?                        phasing           ? ?          ? 7 
# 
_cell.length_a           42.081 
_cell.length_b           59.539 
_cell.length_c           70.836 
_cell.angle_alpha        90.000 
_cell.angle_beta         90.000 
_cell.angle_gamma        90.000 
_cell.entry_id           2OVD 
_cell.pdbx_unique_axis   ? 
_cell.Z_PDB              4 
_cell.length_a_esd       ? 
_cell.length_b_esd       ? 
_cell.length_c_esd       ? 
_cell.angle_alpha_esd    ? 
_cell.angle_beta_esd     ? 
_cell.angle_gamma_esd    ? 
# 
_symmetry.space_group_name_H-M             'P 21 21 21' 
_symmetry.entry_id                         2OVD 
_symmetry.Int_Tables_number                19 
_symmetry.pdbx_full_space_group_name_H-M   ? 
_symmetry.cell_setting                     ? 
_symmetry.space_group_name_Hall            ? 
# 
_exptl.crystals_number   1 
_exptl.entry_id          2OVD 
_exptl.method            'X-RAY DIFFRACTION' 
# 
_exptl_crystal.id                    1 
_exptl_crystal.density_meas          ? 
_exptl_crystal.density_Matthews      2.18 
_exptl_crystal.density_percent_sol   43.65 
_exptl_crystal.description           ? 
_exptl_crystal.F_000                 ? 
_exptl_crystal.preparation           ? 
# 
_exptl_crystal_grow.crystal_id      1 
_exptl_crystal_grow.method          'VAPOR DIFFUSION, HANGING DROP' 
_exptl_crystal_grow.pH              4.0 
_exptl_crystal_grow.temp            290 
_exptl_crystal_grow.pdbx_details    
;0.1 M sodium citrate and 25-27% PEG 4000. 
Sodium laurate (Sigma) was solubilized in methanol/water and used to prepare a 0.9 mM solution in 0.1M imidazole containing 32% PEG 4000, pH 7.0, pH 4.0, VAPOR DIFFUSION, HANGING DROP, temperature 290K
;
_exptl_crystal_grow.temp_details    ? 
_exptl_crystal_grow.pdbx_pH_range   . 
# 
_diffrn.id                     1 
_diffrn.ambient_temp           100 
_diffrn.ambient_temp_details   ? 
_diffrn.crystal_id             1 
# 
_diffrn_detector.diffrn_id              1 
_diffrn_detector.detector               CCD 
_diffrn_detector.type                   'ADSC QUANTUM 315' 
_diffrn_detector.pdbx_collection_date   2004-03-14 
_diffrn_detector.details                ? 
# 
_diffrn_radiation.diffrn_id                        1 
_diffrn_radiation.wavelength_id                    1 
_diffrn_radiation.pdbx_diffrn_protocol             'SINGLE WAVELENGTH' 
_diffrn_radiation.monochromator                    'double crystal' 
_diffrn_radiation.pdbx_monochromatic_or_laue_m_l   M 
_diffrn_radiation.pdbx_scattering_type             x-ray 
# 
_diffrn_radiation_wavelength.id           1 
_diffrn_radiation_wavelength.wavelength   0.91963 
_diffrn_radiation_wavelength.wt           1.0 
# 
_diffrn_source.diffrn_id                   1 
_diffrn_source.source                      SYNCHROTRON 
_diffrn_source.type                        'APS BEAMLINE 19-ID' 
_diffrn_source.pdbx_wavelength             ? 
_diffrn_source.pdbx_wavelength_list        0.91963 
_diffrn_source.pdbx_synchrotron_site       APS 
_diffrn_source.pdbx_synchrotron_beamline   19-ID 
# 
_reflns.entry_id                     2OVD 
_reflns.d_resolution_high            1.750 
_reflns.d_resolution_low             50.000 
_reflns.number_obs                   18059 
_reflns.pdbx_Rmerge_I_obs            0.058 
_reflns.pdbx_netI_over_sigmaI        10.300 
_reflns.pdbx_chi_squared             0.863 
_reflns.pdbx_redundancy              6.200 
_reflns.percent_possible_obs         97.000 
_reflns.observed_criterion_sigma_F   ? 
_reflns.observed_criterion_sigma_I   2.0 
_reflns.number_all                   ? 
_reflns.pdbx_Rsym_value              ? 
_reflns.B_iso_Wilson_estimate        ? 
_reflns.R_free_details               ? 
_reflns.limit_h_max                  ? 
_reflns.limit_h_min                  ? 
_reflns.limit_k_max                  ? 
_reflns.limit_k_min                  ? 
_reflns.limit_l_max                  ? 
_reflns.limit_l_min                  ? 
_reflns.observed_criterion_F_max     ? 
_reflns.observed_criterion_F_min     ? 
_reflns.pdbx_scaling_rejects         ? 
_reflns.pdbx_diffrn_id               1 
_reflns.pdbx_ordinal                 1 
# 
_reflns_shell.d_res_high             1.75 
_reflns_shell.d_res_low              1.81 
_reflns_shell.number_measured_obs    ? 
_reflns_shell.number_measured_all    ? 
_reflns_shell.number_unique_obs      ? 
_reflns_shell.Rmerge_I_obs           0.335 
_reflns_shell.meanI_over_sigI_obs    3.7 
_reflns_shell.pdbx_Rsym_value        ? 
_reflns_shell.pdbx_chi_squared       0.744 
_reflns_shell.pdbx_redundancy        1.70 
_reflns_shell.percent_possible_obs   ? 
_reflns_shell.number_unique_all      1412 
_reflns_shell.percent_possible_all   77.40 
_reflns_shell.pdbx_diffrn_id         ? 
_reflns_shell.pdbx_ordinal           1 
# 
_refine.entry_id                                 2OVD 
_refine.ls_d_res_high                            1.800 
_refine.ls_d_res_low                             500.000 
_refine.pdbx_ls_sigma_F                          1149.00 
_refine.ls_percent_reflns_obs                    89.900 
_refine.ls_number_reflns_obs                     15376 
_refine.ls_R_factor_R_work                       0.208 
_refine.ls_R_factor_R_free                       0.23 
_refine.ls_percent_reflns_R_free                 8.900 
_refine.ls_number_reflns_R_free                  1516 
_refine.B_iso_mean                               25.504 
_refine.solvent_model_param_bsol                 56.680 
_refine.aniso_B[1][1]                            -1.820 
_refine.aniso_B[2][2]                            3.164 
_refine.aniso_B[3][3]                            -1.344 
_refine.aniso_B[1][2]                            0.000 
_refine.aniso_B[1][3]                            0.000 
_refine.aniso_B[2][3]                            0.000 
_refine.overall_FOM_work_R_set                   0.889 
_refine.ls_R_factor_all                          ? 
_refine.ls_R_factor_obs                          ? 
_refine.ls_number_reflns_all                     ? 
_refine.pdbx_ls_sigma_I                          ? 
_refine.ls_redundancy_reflns_obs                 ? 
_refine.pdbx_data_cutoff_high_absF               ? 
_refine.pdbx_data_cutoff_low_absF                ? 
_refine.ls_number_parameters                     ? 
_refine.ls_number_restraints                     ? 
_refine.ls_R_factor_R_free_error                 ? 
_refine.ls_R_factor_R_free_error_details         ? 
_refine.pdbx_method_to_determine_struct          ? 
_refine.pdbx_starting_model                      ? 
_refine.pdbx_isotropic_thermal_model             ? 
_refine.pdbx_ls_cross_valid_method               ? 
_refine.pdbx_R_Free_selection_details            ? 
_refine.pdbx_stereochem_target_val_spec_case     ? 
_refine.pdbx_stereochemistry_target_values       ? 
_refine.solvent_model_details                    ? 
_refine.solvent_model_param_ksol                 ? 
_refine.occupancy_max                            ? 
_refine.occupancy_min                            ? 
_refine.overall_SU_B                             ? 
_refine.overall_SU_ML                            ? 
_refine.pdbx_overall_ESU_R                       ? 
_refine.pdbx_overall_ESU_R_Free                  ? 
_refine.pdbx_data_cutoff_high_rms_absF           ? 
_refine.details                                  ? 
_refine.B_iso_min                                ? 
_refine.B_iso_max                                ? 
_refine.correlation_coeff_Fo_to_Fc               ? 
_refine.correlation_coeff_Fo_to_Fc_free          ? 
_refine.pdbx_solvent_vdw_probe_radii             ? 
_refine.pdbx_solvent_ion_probe_radii             ? 
_refine.pdbx_solvent_shrinkage_radii             ? 
_refine.overall_SU_R_Cruickshank_DPI             ? 
_refine.overall_SU_R_free                        ? 
_refine.ls_wR_factor_R_free                      ? 
_refine.ls_wR_factor_R_work                      ? 
_refine.overall_FOM_free_R_set                   ? 
_refine.pdbx_refine_id                           'X-RAY DIFFRACTION' 
_refine.pdbx_diffrn_id                           1 
_refine.pdbx_TLS_residual_ADP_flag               ? 
_refine.pdbx_overall_phase_error                 ? 
_refine.pdbx_overall_SU_R_free_Cruickshank_DPI   ? 
_refine.pdbx_overall_SU_R_Blow_DPI               ? 
_refine.pdbx_overall_SU_R_free_Blow_DPI          ? 
# 
_refine_hist.pdbx_refine_id                   'X-RAY DIFFRACTION' 
_refine_hist.cycle_id                         LAST 
_refine_hist.pdbx_number_atoms_protein        1256 
_refine_hist.pdbx_number_atoms_nucleic_acid   0 
_refine_hist.pdbx_number_atoms_ligand         14 
_refine_hist.number_atoms_solvent             199 
_refine_hist.number_atoms_total               1469 
_refine_hist.d_res_high                       1.800 
_refine_hist.d_res_low                        500.000 
# 
loop_
_refine_ls_restr.type 
_refine_ls_restr.number 
_refine_ls_restr.dev_ideal 
_refine_ls_restr.dev_ideal_target 
_refine_ls_restr.weight 
_refine_ls_restr.pdbx_refine_id 
_refine_ls_restr.pdbx_restraint_function 
c_bond_d     ? 0.005 ?     ? 'X-RAY DIFFRACTION' ? 
c_angle_deg  ? 1.153 ?     ? 'X-RAY DIFFRACTION' ? 
c_mcbond_it  ? 2.083 1.500 ? 'X-RAY DIFFRACTION' ? 
c_scbond_it  ? 2.637 2.000 ? 'X-RAY DIFFRACTION' ? 
c_mcangle_it ? 3.471 2.000 ? 'X-RAY DIFFRACTION' ? 
c_scangle_it ? 4.154 2.500 ? 'X-RAY DIFFRACTION' ? 
# 
loop_
_refine_ls_shell.d_res_high 
_refine_ls_shell.d_res_low 
_refine_ls_shell.pdbx_total_number_of_bins_used 
_refine_ls_shell.percent_reflns_obs 
_refine_ls_shell.number_reflns_R_work 
_refine_ls_shell.R_factor_all 
_refine_ls_shell.R_factor_R_work 
_refine_ls_shell.R_factor_R_free 
_refine_ls_shell.percent_reflns_R_free 
_refine_ls_shell.number_reflns_R_free 
_refine_ls_shell.R_factor_R_free_error 
_refine_ls_shell.number_reflns_all 
_refine_ls_shell.number_reflns_obs 
_refine_ls_shell.redundancy_reflns_obs 
_refine_ls_shell.pdbx_refine_id 
1.800 1.820   30 . 275 . 0.22  0.247 . 36 . . 311 . 'X-RAY DIFFRACTION' 
1.820 1.840   30 . 308 . 0.216 0.194 . 22 . . 330 . 'X-RAY DIFFRACTION' 
1.840 1.860   30 . 372 . 0.201 0.195 . 29 . . 401 . 'X-RAY DIFFRACTION' 
1.860 1.890   30 . 377 . 0.216 0.205 . 34 . . 411 . 'X-RAY DIFFRACTION' 
1.890 1.910   30 . 387 . 0.22  0.245 . 62 . . 449 . 'X-RAY DIFFRACTION' 
1.910 1.940   30 . 383 . 0.201 0.221 . 50 . . 433 . 'X-RAY DIFFRACTION' 
1.940 1.970   30 . 462 . 0.19  0.227 . 51 . . 513 . 'X-RAY DIFFRACTION' 
1.970 2.000   30 . 450 . 0.213 0.255 . 50 . . 500 . 'X-RAY DIFFRACTION' 
2.000 2.030   30 . 463 . 0.202 0.208 . 35 . . 498 . 'X-RAY DIFFRACTION' 
2.030 2.060   30 . 458 . 0.203 0.224 . 53 . . 511 . 'X-RAY DIFFRACTION' 
2.060 2.100   30 . 474 . 0.213 0.249 . 47 . . 521 . 'X-RAY DIFFRACTION' 
2.100 2.130   30 . 490 . 0.203 0.258 . 36 . . 526 . 'X-RAY DIFFRACTION' 
2.130 2.180   30 . 462 . 0.215 0.265 . 39 . . 501 . 'X-RAY DIFFRACTION' 
2.180 2.220   30 . 480 . 0.199 0.235 . 61 . . 541 . 'X-RAY DIFFRACTION' 
2.220 2.270   30 . 465 . 0.196 0.251 . 55 . . 520 . 'X-RAY DIFFRACTION' 
2.270 2.320   30 . 479 . 0.189 0.207 . 57 . . 536 . 'X-RAY DIFFRACTION' 
2.320 2.380   30 . 478 . 0.201 0.191 . 57 . . 535 . 'X-RAY DIFFRACTION' 
2.380 2.440   30 . 480 . 0.19  0.221 . 55 . . 535 . 'X-RAY DIFFRACTION' 
2.440 2.510   30 . 473 . 0.203 0.243 . 60 . . 533 . 'X-RAY DIFFRACTION' 
2.510 2.600   30 . 484 . 0.202 0.263 . 54 . . 538 . 'X-RAY DIFFRACTION' 
2.600 2.690   30 . 493 . 0.222 0.23  . 52 . . 545 . 'X-RAY DIFFRACTION' 
2.690 2.800   30 . 517 . 0.212 0.253 . 46 . . 563 . 'X-RAY DIFFRACTION' 
2.800 2.920   30 . 489 . 0.197 0.231 . 49 . . 538 . 'X-RAY DIFFRACTION' 
2.920 3.080   30 . 521 . 0.221 0.279 . 51 . . 572 . 'X-RAY DIFFRACTION' 
3.080 3.270   30 . 489 . 0.185 0.201 . 64 . . 553 . 'X-RAY DIFFRACTION' 
3.270 3.520   30 . 522 . 0.21  0.255 . 58 . . 580 . 'X-RAY DIFFRACTION' 
3.520 3.880   30 . 515 . 0.196 0.194 . 62 . . 577 . 'X-RAY DIFFRACTION' 
3.880 4.440   30 . 521 . 0.204 0.223 . 56 . . 577 . 'X-RAY DIFFRACTION' 
4.440 5.590   30 . 536 . 0.204 0.217 . 68 . . 604 . 'X-RAY DIFFRACTION' 
5.590 500.010 30 . 557 . 0.257 0.245 . 67 . . 624 . 'X-RAY DIFFRACTION' 
# 
loop_
_pdbx_xplor_file.serial_no 
_pdbx_xplor_file.param_file 
_pdbx_xplor_file.topol_file 
_pdbx_xplor_file.pdbx_refine_id 
1 CNS_TOPPAR:protein_rep.paramHicup CNS_TOPPAR:protein.topHIcup 'X-RAY DIFFRACTION' 
2 CNS_TOPPAR:dna-rna_rep.param      CNS_TOPPAR:dna-rna.top      'X-RAY DIFFRACTION' 
3 CNS_TOPPAR:water_rep.param        CNS_TOPPAR:water.top        'X-RAY DIFFRACTION' 
4 CNS_TOPPAR:ion.param              CNS_TOPPAR:ion.top          'X-RAY DIFFRACTION' 
5 ligand.param                      ligand.top                  'X-RAY DIFFRACTION' 
# 
_struct.entry_id                  2OVD 
_struct.title                     'Crystal Structure of Human Complement Protein C8gamma with Laurate' 
_struct.pdbx_model_details        ? 
_struct.pdbx_CASP_flag            N 
_struct.pdbx_model_type_details   ? 
# 
_struct_keywords.entry_id        2OVD 
_struct_keywords.pdbx_keywords   'TRANSPORT PROTEIN,LIGAND BINDING PROTEIN' 
_struct_keywords.text            'lipocalin; beta barrel, TRANSPORT PROTEIN, LIGAND BINDING PROTEIN' 
# 
loop_
_struct_asym.id 
_struct_asym.pdbx_blank_PDB_chainid_flag 
_struct_asym.pdbx_modified 
_struct_asym.entity_id 
_struct_asym.details 
A N N 1 ? 
B N N 2 ? 
C N N 3 ? 
# 
_struct_ref.id                         1 
_struct_ref.entity_id                  1 
_struct_ref.db_name                    UNP 
_struct_ref.db_code                    Q14CU0_HUMAN 
_struct_ref.pdbx_db_accession          Q14CU0 
_struct_ref.pdbx_align_begin           21 
_struct_ref.pdbx_seq_one_letter_code   
;QKPQRPRRPASPISTIQPKANFDAQQFAGTWLLVAVGSACRFLQEQGHRAEATTLHVAPQGTAMAVSTFRKLDGICWQVR
QLYGDTGVLGRFLLQARGARGAVHVVVAETDYQSFAVLYLERAGQLSVKLYARSLPVSDSVLSGFEQRVQEAHLTEDQIF
YFPKYGFCEAADQFHVLDEVRR
;
_struct_ref.pdbx_db_isoform            ? 
# 
_struct_ref_seq.align_id                      1 
_struct_ref_seq.ref_id                        1 
_struct_ref_seq.pdbx_PDB_id_code              2OVD 
_struct_ref_seq.pdbx_strand_id                A 
_struct_ref_seq.seq_align_beg                 1 
_struct_ref_seq.pdbx_seq_align_beg_ins_code   ? 
_struct_ref_seq.seq_align_end                 182 
_struct_ref_seq.pdbx_seq_align_end_ins_code   ? 
_struct_ref_seq.pdbx_db_accession             Q14CU0 
_struct_ref_seq.db_align_beg                  21 
_struct_ref_seq.pdbx_db_align_beg_ins_code    ? 
_struct_ref_seq.db_align_end                  202 
_struct_ref_seq.pdbx_db_align_end_ins_code    ? 
_struct_ref_seq.pdbx_auth_seq_align_beg       1 
_struct_ref_seq.pdbx_auth_seq_align_end       182 
# 
_struct_ref_seq_dif.align_id                     1 
_struct_ref_seq_dif.pdbx_pdb_id_code             2OVD 
_struct_ref_seq_dif.mon_id                       ALA 
_struct_ref_seq_dif.pdbx_pdb_strand_id           A 
_struct_ref_seq_dif.seq_num                      40 
_struct_ref_seq_dif.pdbx_pdb_ins_code            ? 
_struct_ref_seq_dif.pdbx_seq_db_name             UNP 
_struct_ref_seq_dif.pdbx_seq_db_accession_code   Q14CU0 
_struct_ref_seq_dif.db_mon_id                    CYS 
_struct_ref_seq_dif.pdbx_seq_db_seq_num          60 
_struct_ref_seq_dif.details                      'engineered mutation' 
_struct_ref_seq_dif.pdbx_auth_seq_num            40 
_struct_ref_seq_dif.pdbx_ordinal                 1 
# 
_pdbx_struct_assembly.id                   1 
_pdbx_struct_assembly.details              author_defined_assembly 
_pdbx_struct_assembly.method_details       ? 
_pdbx_struct_assembly.oligomeric_details   monomeric 
_pdbx_struct_assembly.oligomeric_count     1 
# 
_pdbx_struct_assembly_gen.assembly_id       1 
_pdbx_struct_assembly_gen.oper_expression   1 
_pdbx_struct_assembly_gen.asym_id_list      A,B,C 
# 
_pdbx_struct_oper_list.id                   1 
_pdbx_struct_oper_list.type                 'identity operation' 
_pdbx_struct_oper_list.name                 1_555 
_pdbx_struct_oper_list.symmetry_operation   x,y,z 
_pdbx_struct_oper_list.matrix[1][1]         1.0000000000 
_pdbx_struct_oper_list.matrix[1][2]         0.0000000000 
_pdbx_struct_oper_list.matrix[1][3]         0.0000000000 
_pdbx_struct_oper_list.vector[1]            0.0000000000 
_pdbx_struct_oper_list.matrix[2][1]         0.0000000000 
_pdbx_struct_oper_list.matrix[2][2]         1.0000000000 
_pdbx_struct_oper_list.matrix[2][3]         0.0000000000 
_pdbx_struct_oper_list.vector[2]            0.0000000000 
_pdbx_struct_oper_list.matrix[3][1]         0.0000000000 
_pdbx_struct_oper_list.matrix[3][2]         0.0000000000 
_pdbx_struct_oper_list.matrix[3][3]         1.0000000000 
_pdbx_struct_oper_list.vector[3]            0.0000000000 
# 
loop_
_struct_conf.conf_type_id 
_struct_conf.id 
_struct_conf.pdbx_PDB_helix_id 
_struct_conf.beg_label_comp_id 
_struct_conf.beg_label_asym_id 
_struct_conf.beg_label_seq_id 
_struct_conf.pdbx_beg_PDB_ins_code 
_struct_conf.end_label_comp_id 
_struct_conf.end_label_asym_id 
_struct_conf.end_label_seq_id 
_struct_conf.pdbx_end_PDB_ins_code 
_struct_conf.beg_auth_comp_id 
_struct_conf.beg_auth_asym_id 
_struct_conf.beg_auth_seq_id 
_struct_conf.end_auth_comp_id 
_struct_conf.end_auth_asym_id 
_struct_conf.end_auth_seq_id 
_struct_conf.pdbx_PDB_helix_class 
_struct_conf.details 
_struct_conf.pdbx_PDB_helix_length 
HELX_P HELX_P1 1 SER A 11  ? ILE A 16  ? SER A 11  ILE A 16  5 ? 6  
HELX_P HELX_P2 2 ASP A 23  ? ALA A 28  ? ASP A 23  ALA A 28  1 ? 6  
HELX_P HELX_P3 3 SER A 138 ? ALA A 152 ? SER A 138 ALA A 152 1 ? 15 
HELX_P HELX_P4 4 THR A 155 ? ASP A 157 ? THR A 155 ASP A 157 5 ? 3  
HELX_P HELX_P5 5 ASP A 172 ? PHE A 174 ? ASP A 172 PHE A 174 5 ? 3  
# 
_struct_conf_type.id          HELX_P 
_struct_conf_type.criteria    ? 
_struct_conf_type.reference   ? 
# 
_struct_conn.id                            disulf1 
_struct_conn.conn_type_id                  disulf 
_struct_conn.pdbx_leaving_atom_flag        ? 
_struct_conn.pdbx_PDB_id                   ? 
_struct_conn.ptnr1_label_asym_id           A 
_struct_conn.ptnr1_label_comp_id           CYS 
_struct_conn.ptnr1_label_seq_id            76 
_struct_conn.ptnr1_label_atom_id           SG 
_struct_conn.pdbx_ptnr1_label_alt_id       ? 
_struct_conn.pdbx_ptnr1_PDB_ins_code       ? 
_struct_conn.pdbx_ptnr1_standard_comp_id   ? 
_struct_conn.ptnr1_symmetry                1_555 
_struct_conn.ptnr2_label_asym_id           A 
_struct_conn.ptnr2_label_comp_id           CYS 
_struct_conn.ptnr2_label_seq_id            168 
_struct_conn.ptnr2_label_atom_id           SG 
_struct_conn.pdbx_ptnr2_label_alt_id       ? 
_struct_conn.pdbx_ptnr2_PDB_ins_code       ? 
_struct_conn.ptnr1_auth_asym_id            A 
_struct_conn.ptnr1_auth_comp_id            CYS 
_struct_conn.ptnr1_auth_seq_id             76 
_struct_conn.ptnr2_auth_asym_id            A 
_struct_conn.ptnr2_auth_comp_id            CYS 
_struct_conn.ptnr2_auth_seq_id             168 
_struct_conn.ptnr2_symmetry                1_555 
_struct_conn.pdbx_ptnr3_label_atom_id      ? 
_struct_conn.pdbx_ptnr3_label_seq_id       ? 
_struct_conn.pdbx_ptnr3_label_comp_id      ? 
_struct_conn.pdbx_ptnr3_label_asym_id      ? 
_struct_conn.pdbx_ptnr3_label_alt_id       ? 
_struct_conn.pdbx_ptnr3_PDB_ins_code       ? 
_struct_conn.details                       ? 
_struct_conn.pdbx_dist_value               2.041 
_struct_conn.pdbx_value_order              ? 
_struct_conn.pdbx_role                     ? 
# 
_struct_conn_type.id          disulf 
_struct_conn_type.criteria    ? 
_struct_conn_type.reference   ? 
# 
_pdbx_modification_feature.ordinal                            1 
_pdbx_modification_feature.label_comp_id                      CYS 
_pdbx_modification_feature.label_asym_id                      A 
_pdbx_modification_feature.label_seq_id                       76 
_pdbx_modification_feature.label_alt_id                       ? 
_pdbx_modification_feature.modified_residue_label_comp_id     CYS 
_pdbx_modification_feature.modified_residue_label_asym_id     A 
_pdbx_modification_feature.modified_residue_label_seq_id      168 
_pdbx_modification_feature.modified_residue_label_alt_id      ? 
_pdbx_modification_feature.auth_comp_id                       CYS 
_pdbx_modification_feature.auth_asym_id                       A 
_pdbx_modification_feature.auth_seq_id                        76 
_pdbx_modification_feature.PDB_ins_code                       ? 
_pdbx_modification_feature.symmetry                           1_555 
_pdbx_modification_feature.modified_residue_auth_comp_id      CYS 
_pdbx_modification_feature.modified_residue_auth_asym_id      A 
_pdbx_modification_feature.modified_residue_auth_seq_id       168 
_pdbx_modification_feature.modified_residue_PDB_ins_code      ? 
_pdbx_modification_feature.modified_residue_symmetry          1_555 
_pdbx_modification_feature.comp_id_linking_atom               SG 
_pdbx_modification_feature.modified_residue_id_linking_atom   SG 
_pdbx_modification_feature.modified_residue_id                . 
_pdbx_modification_feature.ref_pcm_id                         . 
_pdbx_modification_feature.ref_comp_id                        . 
_pdbx_modification_feature.type                               None 
_pdbx_modification_feature.category                           'Disulfide bridge' 
# 
_struct_mon_prot_cis.pdbx_id                1 
_struct_mon_prot_cis.label_comp_id          LEU 
_struct_mon_prot_cis.label_seq_id           135 
_struct_mon_prot_cis.label_asym_id          A 
_struct_mon_prot_cis.label_alt_id           . 
_struct_mon_prot_cis.pdbx_PDB_ins_code      ? 
_struct_mon_prot_cis.auth_comp_id           LEU 
_struct_mon_prot_cis.auth_seq_id            135 
_struct_mon_prot_cis.auth_asym_id           A 
_struct_mon_prot_cis.pdbx_label_comp_id_2   PRO 
_struct_mon_prot_cis.pdbx_label_seq_id_2    136 
_struct_mon_prot_cis.pdbx_label_asym_id_2   A 
_struct_mon_prot_cis.pdbx_PDB_ins_code_2    ? 
_struct_mon_prot_cis.pdbx_auth_comp_id_2    PRO 
_struct_mon_prot_cis.pdbx_auth_seq_id_2     136 
_struct_mon_prot_cis.pdbx_auth_asym_id_2    A 
_struct_mon_prot_cis.pdbx_PDB_model_num     1 
_struct_mon_prot_cis.pdbx_omega_angle       0.40 
# 
loop_
_struct_sheet.id 
_struct_sheet.type 
_struct_sheet.number_strands 
_struct_sheet.details 
A ? 6 ? 
B ? 8 ? 
# 
loop_
_struct_sheet_order.sheet_id 
_struct_sheet_order.range_id_1 
_struct_sheet_order.range_id_2 
_struct_sheet_order.offset 
_struct_sheet_order.sense 
A 1 2 ? anti-parallel 
A 2 3 ? anti-parallel 
A 3 4 ? anti-parallel 
A 4 5 ? anti-parallel 
A 5 6 ? parallel      
B 1 2 ? anti-parallel 
B 2 3 ? anti-parallel 
B 3 4 ? anti-parallel 
B 4 5 ? anti-parallel 
B 5 6 ? anti-parallel 
B 6 7 ? anti-parallel 
B 7 8 ? parallel      
# 
loop_
_struct_sheet_range.sheet_id 
_struct_sheet_range.id 
_struct_sheet_range.beg_label_comp_id 
_struct_sheet_range.beg_label_asym_id 
_struct_sheet_range.beg_label_seq_id 
_struct_sheet_range.pdbx_beg_PDB_ins_code 
_struct_sheet_range.end_label_comp_id 
_struct_sheet_range.end_label_asym_id 
_struct_sheet_range.end_label_seq_id 
_struct_sheet_range.pdbx_end_PDB_ins_code 
_struct_sheet_range.beg_auth_comp_id 
_struct_sheet_range.beg_auth_asym_id 
_struct_sheet_range.beg_auth_seq_id 
_struct_sheet_range.end_auth_comp_id 
_struct_sheet_range.end_auth_asym_id 
_struct_sheet_range.end_auth_seq_id 
A 1 ILE A 159 ? TYR A 161 ? ILE A 159 TYR A 161 
A 2 GLY A 29  ? GLY A 37  ? GLY A 29  GLY A 37  
A 3 THR A 54  ? GLN A 60  ? THR A 54  GLN A 60  
A 4 ALA A 63  ? LEU A 72  ? ALA A 63  LEU A 72  
A 5 ILE A 75  ? ASP A 85  ? ILE A 75  ASP A 85  
A 6 VAL A 176 ? ASP A 178 ? VAL A 176 ASP A 178 
B 1 ILE A 159 ? TYR A 161 ? ILE A 159 TYR A 161 
B 2 GLY A 29  ? GLY A 37  ? GLY A 29  GLY A 37  
B 3 GLN A 125 ? ALA A 132 ? GLN A 125 ALA A 132 
B 4 PHE A 115 ? ARG A 122 ? PHE A 115 ARG A 122 
B 5 VAL A 103 ? THR A 110 ? VAL A 103 THR A 110 
B 6 ARG A 91  ? LEU A 94  ? ARG A 91  LEU A 94  
B 7 ILE A 75  ? ASP A 85  ? ILE A 75  ASP A 85  
B 8 VAL A 176 ? ASP A 178 ? VAL A 176 ASP A 178 
# 
loop_
_pdbx_struct_sheet_hbond.sheet_id 
_pdbx_struct_sheet_hbond.range_id_1 
_pdbx_struct_sheet_hbond.range_id_2 
_pdbx_struct_sheet_hbond.range_1_label_atom_id 
_pdbx_struct_sheet_hbond.range_1_label_comp_id 
_pdbx_struct_sheet_hbond.range_1_label_asym_id 
_pdbx_struct_sheet_hbond.range_1_label_seq_id 
_pdbx_struct_sheet_hbond.range_1_PDB_ins_code 
_pdbx_struct_sheet_hbond.range_1_auth_atom_id 
_pdbx_struct_sheet_hbond.range_1_auth_comp_id 
_pdbx_struct_sheet_hbond.range_1_auth_asym_id 
_pdbx_struct_sheet_hbond.range_1_auth_seq_id 
_pdbx_struct_sheet_hbond.range_2_label_atom_id 
_pdbx_struct_sheet_hbond.range_2_label_comp_id 
_pdbx_struct_sheet_hbond.range_2_label_asym_id 
_pdbx_struct_sheet_hbond.range_2_label_seq_id 
_pdbx_struct_sheet_hbond.range_2_PDB_ins_code 
_pdbx_struct_sheet_hbond.range_2_auth_atom_id 
_pdbx_struct_sheet_hbond.range_2_auth_comp_id 
_pdbx_struct_sheet_hbond.range_2_auth_asym_id 
_pdbx_struct_sheet_hbond.range_2_auth_seq_id 
A 1 2 O PHE A 160 ? O PHE A 160 N VAL A 36  ? N VAL A 36  
A 2 3 N TRP A 31  ? N TRP A 31  O LEU A 55  ? O LEU A 55  
A 3 4 N ALA A 58  ? N ALA A 58  O ALA A 65  ? O ALA A 65  
A 4 5 N VAL A 66  ? N VAL A 66  O GLN A 81  ? O GLN A 81  
A 5 6 N GLN A 78  ? N GLN A 78  O LEU A 177 ? O LEU A 177 
B 1 2 O PHE A 160 ? O PHE A 160 N VAL A 36  ? N VAL A 36  
B 2 3 N GLY A 37  ? N GLY A 37  O VAL A 128 ? O VAL A 128 
B 3 4 O LYS A 129 ? O LYS A 129 N LEU A 118 ? N LEU A 118 
B 4 5 O VAL A 117 ? O VAL A 117 N GLU A 109 ? N GLU A 109 
B 5 6 O VAL A 105 ? O VAL A 105 N PHE A 92  ? N PHE A 92  
B 6 7 O LEU A 93  ? O LEU A 93  N GLY A 84  ? N GLY A 84  
B 7 8 N GLN A 78  ? N GLN A 78  O LEU A 177 ? O LEU A 177 
# 
_struct_site.id                   AC1 
_struct_site.pdbx_evidence_code   Software 
_struct_site.pdbx_auth_asym_id    A 
_struct_site.pdbx_auth_comp_id    DAO 
_struct_site.pdbx_auth_seq_id     190 
_struct_site.pdbx_auth_ins_code   ? 
_struct_site.pdbx_num_residues    5 
_struct_site.details              'BINDING SITE FOR RESIDUE DAO A 190' 
# 
loop_
_struct_site_gen.id 
_struct_site_gen.site_id 
_struct_site_gen.pdbx_num_res 
_struct_site_gen.label_comp_id 
_struct_site_gen.label_asym_id 
_struct_site_gen.label_seq_id 
_struct_site_gen.pdbx_auth_ins_code 
_struct_site_gen.auth_comp_id 
_struct_site_gen.auth_asym_id 
_struct_site_gen.auth_seq_id 
_struct_site_gen.label_atom_id 
_struct_site_gen.label_alt_id 
_struct_site_gen.symmetry 
_struct_site_gen.details 
1 AC1 5 TYR A 83  ? TYR A 83  . ? 1_555 ? 
2 AC1 5 LEU A 120 ? LEU A 120 . ? 1_555 ? 
3 AC1 5 ARG A 122 ? ARG A 122 . ? 1_555 ? 
4 AC1 5 LYS A 129 ? LYS A 129 . ? 1_555 ? 
5 AC1 5 TYR A 131 ? TYR A 131 . ? 1_555 ? 
# 
_pdbx_entry_details.entry_id                   2OVD 
_pdbx_entry_details.compound_details           ? 
_pdbx_entry_details.source_details             ? 
_pdbx_entry_details.nonpolymer_details         ? 
_pdbx_entry_details.sequence_details           ? 
_pdbx_entry_details.has_ligand_of_interest     ? 
_pdbx_entry_details.has_protein_modification   Y 
# 
loop_
_pdbx_validate_torsion.id 
_pdbx_validate_torsion.PDB_model_num 
_pdbx_validate_torsion.auth_comp_id 
_pdbx_validate_torsion.auth_asym_id 
_pdbx_validate_torsion.auth_seq_id 
_pdbx_validate_torsion.PDB_ins_code 
_pdbx_validate_torsion.label_alt_id 
_pdbx_validate_torsion.phi 
_pdbx_validate_torsion.psi 
1 1 ALA A 52  ? ? 67.41   132.33  
2 1 ARG A 97  ? ? -169.74 105.38  
3 1 ALA A 108 ? ? -93.80  -119.43 
4 1 THR A 110 ? ? -173.81 142.23  
5 1 TYR A 112 ? ? 62.38   -27.54  
6 1 SER A 114 ? ? -145.58 -37.39  
7 1 GLU A 169 ? ? -152.48 33.86   
# 
loop_
_pdbx_unobs_or_zero_occ_residues.id 
_pdbx_unobs_or_zero_occ_residues.PDB_model_num 
_pdbx_unobs_or_zero_occ_residues.polymer_flag 
_pdbx_unobs_or_zero_occ_residues.occupancy_flag 
_pdbx_unobs_or_zero_occ_residues.auth_asym_id 
_pdbx_unobs_or_zero_occ_residues.auth_comp_id 
_pdbx_unobs_or_zero_occ_residues.auth_seq_id 
_pdbx_unobs_or_zero_occ_residues.PDB_ins_code 
_pdbx_unobs_or_zero_occ_residues.label_asym_id 
_pdbx_unobs_or_zero_occ_residues.label_comp_id 
_pdbx_unobs_or_zero_occ_residues.label_seq_id 
1  1 Y 1 A GLN 1   ? A GLN 1   
2  1 Y 1 A LYS 2   ? A LYS 2   
3  1 Y 1 A PRO 3   ? A PRO 3   
4  1 Y 1 A GLN 4   ? A GLN 4   
5  1 Y 1 A ARG 5   ? A ARG 5   
6  1 Y 1 A PRO 6   ? A PRO 6   
7  1 Y 1 A ARG 7   ? A ARG 7   
8  1 Y 1 A ARG 8   ? A ARG 8   
9  1 Y 1 A PRO 9   ? A PRO 9   
10 1 Y 1 A ALA 10  ? A ALA 10  
11 1 Y 1 A PHE 42  ? A PHE 42  
12 1 Y 1 A LEU 43  ? A LEU 43  
13 1 Y 1 A GLN 44  ? A GLN 44  
14 1 Y 1 A GLU 45  ? A GLU 45  
15 1 Y 1 A GLN 46  ? A GLN 46  
16 1 Y 1 A GLY 47  ? A GLY 47  
17 1 Y 1 A HIS 48  ? A HIS 48  
18 1 Y 1 A ARG 49  ? A ARG 49  
19 1 Y 1 A ARG 181 ? A ARG 181 
20 1 Y 1 A ARG 182 ? A ARG 182 
# 
loop_
_chem_comp_atom.comp_id 
_chem_comp_atom.atom_id 
_chem_comp_atom.type_symbol 
_chem_comp_atom.pdbx_aromatic_flag 
_chem_comp_atom.pdbx_stereo_config 
_chem_comp_atom.pdbx_ordinal 
ALA N    N N N 1   
ALA CA   C N S 2   
ALA C    C N N 3   
ALA O    O N N 4   
ALA CB   C N N 5   
ALA OXT  O N N 6   
ALA H    H N N 7   
ALA H2   H N N 8   
ALA HA   H N N 9   
ALA HB1  H N N 10  
ALA HB2  H N N 11  
ALA HB3  H N N 12  
ALA HXT  H N N 13  
ARG N    N N N 14  
ARG CA   C N S 15  
ARG C    C N N 16  
ARG O    O N N 17  
ARG CB   C N N 18  
ARG CG   C N N 19  
ARG CD   C N N 20  
ARG NE   N N N 21  
ARG CZ   C N N 22  
ARG NH1  N N N 23  
ARG NH2  N N N 24  
ARG OXT  O N N 25  
ARG H    H N N 26  
ARG H2   H N N 27  
ARG HA   H N N 28  
ARG HB2  H N N 29  
ARG HB3  H N N 30  
ARG HG2  H N N 31  
ARG HG3  H N N 32  
ARG HD2  H N N 33  
ARG HD3  H N N 34  
ARG HE   H N N 35  
ARG HH11 H N N 36  
ARG HH12 H N N 37  
ARG HH21 H N N 38  
ARG HH22 H N N 39  
ARG HXT  H N N 40  
ASN N    N N N 41  
ASN CA   C N S 42  
ASN C    C N N 43  
ASN O    O N N 44  
ASN CB   C N N 45  
ASN CG   C N N 46  
ASN OD1  O N N 47  
ASN ND2  N N N 48  
ASN OXT  O N N 49  
ASN H    H N N 50  
ASN H2   H N N 51  
ASN HA   H N N 52  
ASN HB2  H N N 53  
ASN HB3  H N N 54  
ASN HD21 H N N 55  
ASN HD22 H N N 56  
ASN HXT  H N N 57  
ASP N    N N N 58  
ASP CA   C N S 59  
ASP C    C N N 60  
ASP O    O N N 61  
ASP CB   C N N 62  
ASP CG   C N N 63  
ASP OD1  O N N 64  
ASP OD2  O N N 65  
ASP OXT  O N N 66  
ASP H    H N N 67  
ASP H2   H N N 68  
ASP HA   H N N 69  
ASP HB2  H N N 70  
ASP HB3  H N N 71  
ASP HD2  H N N 72  
ASP HXT  H N N 73  
CYS N    N N N 74  
CYS CA   C N R 75  
CYS C    C N N 76  
CYS O    O N N 77  
CYS CB   C N N 78  
CYS SG   S N N 79  
CYS OXT  O N N 80  
CYS H    H N N 81  
CYS H2   H N N 82  
CYS HA   H N N 83  
CYS HB2  H N N 84  
CYS HB3  H N N 85  
CYS HG   H N N 86  
CYS HXT  H N N 87  
DAO O1   O N N 88  
DAO O2   O N N 89  
DAO C1   C N N 90  
DAO C2   C N N 91  
DAO C3   C N N 92  
DAO C4   C N N 93  
DAO C5   C N N 94  
DAO C6   C N N 95  
DAO C7   C N N 96  
DAO C8   C N N 97  
DAO C9   C N N 98  
DAO C10  C N N 99  
DAO C11  C N N 100 
DAO C12  C N N 101 
DAO HO2  H N N 102 
DAO H21  H N N 103 
DAO H22  H N N 104 
DAO H31  H N N 105 
DAO H32  H N N 106 
DAO H41  H N N 107 
DAO H42  H N N 108 
DAO H51  H N N 109 
DAO H52  H N N 110 
DAO H61  H N N 111 
DAO H62  H N N 112 
DAO H71  H N N 113 
DAO H72  H N N 114 
DAO H81  H N N 115 
DAO H82  H N N 116 
DAO H91  H N N 117 
DAO H92  H N N 118 
DAO H101 H N N 119 
DAO H102 H N N 120 
DAO H111 H N N 121 
DAO H112 H N N 122 
DAO H121 H N N 123 
DAO H122 H N N 124 
DAO H123 H N N 125 
GLN N    N N N 126 
GLN CA   C N S 127 
GLN C    C N N 128 
GLN O    O N N 129 
GLN CB   C N N 130 
GLN CG   C N N 131 
GLN CD   C N N 132 
GLN OE1  O N N 133 
GLN NE2  N N N 134 
GLN OXT  O N N 135 
GLN H    H N N 136 
GLN H2   H N N 137 
GLN HA   H N N 138 
GLN HB2  H N N 139 
GLN HB3  H N N 140 
GLN HG2  H N N 141 
GLN HG3  H N N 142 
GLN HE21 H N N 143 
GLN HE22 H N N 144 
GLN HXT  H N N 145 
GLU N    N N N 146 
GLU CA   C N S 147 
GLU C    C N N 148 
GLU O    O N N 149 
GLU CB   C N N 150 
GLU CG   C N N 151 
GLU CD   C N N 152 
GLU OE1  O N N 153 
GLU OE2  O N N 154 
GLU OXT  O N N 155 
GLU H    H N N 156 
GLU H2   H N N 157 
GLU HA   H N N 158 
GLU HB2  H N N 159 
GLU HB3  H N N 160 
GLU HG2  H N N 161 
GLU HG3  H N N 162 
GLU HE2  H N N 163 
GLU HXT  H N N 164 
GLY N    N N N 165 
GLY CA   C N N 166 
GLY C    C N N 167 
GLY O    O N N 168 
GLY OXT  O N N 169 
GLY H    H N N 170 
GLY H2   H N N 171 
GLY HA2  H N N 172 
GLY HA3  H N N 173 
GLY HXT  H N N 174 
HIS N    N N N 175 
HIS CA   C N S 176 
HIS C    C N N 177 
HIS O    O N N 178 
HIS CB   C N N 179 
HIS CG   C Y N 180 
HIS ND1  N Y N 181 
HIS CD2  C Y N 182 
HIS CE1  C Y N 183 
HIS NE2  N Y N 184 
HIS OXT  O N N 185 
HIS H    H N N 186 
HIS H2   H N N 187 
HIS HA   H N N 188 
HIS HB2  H N N 189 
HIS HB3  H N N 190 
HIS HD1  H N N 191 
HIS HD2  H N N 192 
HIS HE1  H N N 193 
HIS HE2  H N N 194 
HIS HXT  H N N 195 
HOH O    O N N 196 
HOH H1   H N N 197 
HOH H2   H N N 198 
ILE N    N N N 199 
ILE CA   C N S 200 
ILE C    C N N 201 
ILE O    O N N 202 
ILE CB   C N S 203 
ILE CG1  C N N 204 
ILE CG2  C N N 205 
ILE CD1  C N N 206 
ILE OXT  O N N 207 
ILE H    H N N 208 
ILE H2   H N N 209 
ILE HA   H N N 210 
ILE HB   H N N 211 
ILE HG12 H N N 212 
ILE HG13 H N N 213 
ILE HG21 H N N 214 
ILE HG22 H N N 215 
ILE HG23 H N N 216 
ILE HD11 H N N 217 
ILE HD12 H N N 218 
ILE HD13 H N N 219 
ILE HXT  H N N 220 
LEU N    N N N 221 
LEU CA   C N S 222 
LEU C    C N N 223 
LEU O    O N N 224 
LEU CB   C N N 225 
LEU CG   C N N 226 
LEU CD1  C N N 227 
LEU CD2  C N N 228 
LEU OXT  O N N 229 
LEU H    H N N 230 
LEU H2   H N N 231 
LEU HA   H N N 232 
LEU HB2  H N N 233 
LEU HB3  H N N 234 
LEU HG   H N N 235 
LEU HD11 H N N 236 
LEU HD12 H N N 237 
LEU HD13 H N N 238 
LEU HD21 H N N 239 
LEU HD22 H N N 240 
LEU HD23 H N N 241 
LEU HXT  H N N 242 
LYS N    N N N 243 
LYS CA   C N S 244 
LYS C    C N N 245 
LYS O    O N N 246 
LYS CB   C N N 247 
LYS CG   C N N 248 
LYS CD   C N N 249 
LYS CE   C N N 250 
LYS NZ   N N N 251 
LYS OXT  O N N 252 
LYS H    H N N 253 
LYS H2   H N N 254 
LYS HA   H N N 255 
LYS HB2  H N N 256 
LYS HB3  H N N 257 
LYS HG2  H N N 258 
LYS HG3  H N N 259 
LYS HD2  H N N 260 
LYS HD3  H N N 261 
LYS HE2  H N N 262 
LYS HE3  H N N 263 
LYS HZ1  H N N 264 
LYS HZ2  H N N 265 
LYS HZ3  H N N 266 
LYS HXT  H N N 267 
MET N    N N N 268 
MET CA   C N S 269 
MET C    C N N 270 
MET O    O N N 271 
MET CB   C N N 272 
MET CG   C N N 273 
MET SD   S N N 274 
MET CE   C N N 275 
MET OXT  O N N 276 
MET H    H N N 277 
MET H2   H N N 278 
MET HA   H N N 279 
MET HB2  H N N 280 
MET HB3  H N N 281 
MET HG2  H N N 282 
MET HG3  H N N 283 
MET HE1  H N N 284 
MET HE2  H N N 285 
MET HE3  H N N 286 
MET HXT  H N N 287 
PHE N    N N N 288 
PHE CA   C N S 289 
PHE C    C N N 290 
PHE O    O N N 291 
PHE CB   C N N 292 
PHE CG   C Y N 293 
PHE CD1  C Y N 294 
PHE CD2  C Y N 295 
PHE CE1  C Y N 296 
PHE CE2  C Y N 297 
PHE CZ   C Y N 298 
PHE OXT  O N N 299 
PHE H    H N N 300 
PHE H2   H N N 301 
PHE HA   H N N 302 
PHE HB2  H N N 303 
PHE HB3  H N N 304 
PHE HD1  H N N 305 
PHE HD2  H N N 306 
PHE HE1  H N N 307 
PHE HE2  H N N 308 
PHE HZ   H N N 309 
PHE HXT  H N N 310 
PRO N    N N N 311 
PRO CA   C N S 312 
PRO C    C N N 313 
PRO O    O N N 314 
PRO CB   C N N 315 
PRO CG   C N N 316 
PRO CD   C N N 317 
PRO OXT  O N N 318 
PRO H    H N N 319 
PRO HA   H N N 320 
PRO HB2  H N N 321 
PRO HB3  H N N 322 
PRO HG2  H N N 323 
PRO HG3  H N N 324 
PRO HD2  H N N 325 
PRO HD3  H N N 326 
PRO HXT  H N N 327 
SER N    N N N 328 
SER CA   C N S 329 
SER C    C N N 330 
SER O    O N N 331 
SER CB   C N N 332 
SER OG   O N N 333 
SER OXT  O N N 334 
SER H    H N N 335 
SER H2   H N N 336 
SER HA   H N N 337 
SER HB2  H N N 338 
SER HB3  H N N 339 
SER HG   H N N 340 
SER HXT  H N N 341 
THR N    N N N 342 
THR CA   C N S 343 
THR C    C N N 344 
THR O    O N N 345 
THR CB   C N R 346 
THR OG1  O N N 347 
THR CG2  C N N 348 
THR OXT  O N N 349 
THR H    H N N 350 
THR H2   H N N 351 
THR HA   H N N 352 
THR HB   H N N 353 
THR HG1  H N N 354 
THR HG21 H N N 355 
THR HG22 H N N 356 
THR HG23 H N N 357 
THR HXT  H N N 358 
TRP N    N N N 359 
TRP CA   C N S 360 
TRP C    C N N 361 
TRP O    O N N 362 
TRP CB   C N N 363 
TRP CG   C Y N 364 
TRP CD1  C Y N 365 
TRP CD2  C Y N 366 
TRP NE1  N Y N 367 
TRP CE2  C Y N 368 
TRP CE3  C Y N 369 
TRP CZ2  C Y N 370 
TRP CZ3  C Y N 371 
TRP CH2  C Y N 372 
TRP OXT  O N N 373 
TRP H    H N N 374 
TRP H2   H N N 375 
TRP HA   H N N 376 
TRP HB2  H N N 377 
TRP HB3  H N N 378 
TRP HD1  H N N 379 
TRP HE1  H N N 380 
TRP HE3  H N N 381 
TRP HZ2  H N N 382 
TRP HZ3  H N N 383 
TRP HH2  H N N 384 
TRP HXT  H N N 385 
TYR N    N N N 386 
TYR CA   C N S 387 
TYR C    C N N 388 
TYR O    O N N 389 
TYR CB   C N N 390 
TYR CG   C Y N 391 
TYR CD1  C Y N 392 
TYR CD2  C Y N 393 
TYR CE1  C Y N 394 
TYR CE2  C Y N 395 
TYR CZ   C Y N 396 
TYR OH   O N N 397 
TYR OXT  O N N 398 
TYR H    H N N 399 
TYR H2   H N N 400 
TYR HA   H N N 401 
TYR HB2  H N N 402 
TYR HB3  H N N 403 
TYR HD1  H N N 404 
TYR HD2  H N N 405 
TYR HE1  H N N 406 
TYR HE2  H N N 407 
TYR HH   H N N 408 
TYR HXT  H N N 409 
VAL N    N N N 410 
VAL CA   C N S 411 
VAL C    C N N 412 
VAL O    O N N 413 
VAL CB   C N N 414 
VAL CG1  C N N 415 
VAL CG2  C N N 416 
VAL OXT  O N N 417 
VAL H    H N N 418 
VAL H2   H N N 419 
VAL HA   H N N 420 
VAL HB   H N N 421 
VAL HG11 H N N 422 
VAL HG12 H N N 423 
VAL HG13 H N N 424 
VAL HG21 H N N 425 
VAL HG22 H N N 426 
VAL HG23 H N N 427 
VAL HXT  H N N 428 
# 
loop_
_chem_comp_bond.comp_id 
_chem_comp_bond.atom_id_1 
_chem_comp_bond.atom_id_2 
_chem_comp_bond.value_order 
_chem_comp_bond.pdbx_aromatic_flag 
_chem_comp_bond.pdbx_stereo_config 
_chem_comp_bond.pdbx_ordinal 
ALA N   CA   sing N N 1   
ALA N   H    sing N N 2   
ALA N   H2   sing N N 3   
ALA CA  C    sing N N 4   
ALA CA  CB   sing N N 5   
ALA CA  HA   sing N N 6   
ALA C   O    doub N N 7   
ALA C   OXT  sing N N 8   
ALA CB  HB1  sing N N 9   
ALA CB  HB2  sing N N 10  
ALA CB  HB3  sing N N 11  
ALA OXT HXT  sing N N 12  
ARG N   CA   sing N N 13  
ARG N   H    sing N N 14  
ARG N   H2   sing N N 15  
ARG CA  C    sing N N 16  
ARG CA  CB   sing N N 17  
ARG CA  HA   sing N N 18  
ARG C   O    doub N N 19  
ARG C   OXT  sing N N 20  
ARG CB  CG   sing N N 21  
ARG CB  HB2  sing N N 22  
ARG CB  HB3  sing N N 23  
ARG CG  CD   sing N N 24  
ARG CG  HG2  sing N N 25  
ARG CG  HG3  sing N N 26  
ARG CD  NE   sing N N 27  
ARG CD  HD2  sing N N 28  
ARG CD  HD3  sing N N 29  
ARG NE  CZ   sing N N 30  
ARG NE  HE   sing N N 31  
ARG CZ  NH1  sing N N 32  
ARG CZ  NH2  doub N N 33  
ARG NH1 HH11 sing N N 34  
ARG NH1 HH12 sing N N 35  
ARG NH2 HH21 sing N N 36  
ARG NH2 HH22 sing N N 37  
ARG OXT HXT  sing N N 38  
ASN N   CA   sing N N 39  
ASN N   H    sing N N 40  
ASN N   H2   sing N N 41  
ASN CA  C    sing N N 42  
ASN CA  CB   sing N N 43  
ASN CA  HA   sing N N 44  
ASN C   O    doub N N 45  
ASN C   OXT  sing N N 46  
ASN CB  CG   sing N N 47  
ASN CB  HB2  sing N N 48  
ASN CB  HB3  sing N N 49  
ASN CG  OD1  doub N N 50  
ASN CG  ND2  sing N N 51  
ASN ND2 HD21 sing N N 52  
ASN ND2 HD22 sing N N 53  
ASN OXT HXT  sing N N 54  
ASP N   CA   sing N N 55  
ASP N   H    sing N N 56  
ASP N   H2   sing N N 57  
ASP CA  C    sing N N 58  
ASP CA  CB   sing N N 59  
ASP CA  HA   sing N N 60  
ASP C   O    doub N N 61  
ASP C   OXT  sing N N 62  
ASP CB  CG   sing N N 63  
ASP CB  HB2  sing N N 64  
ASP CB  HB3  sing N N 65  
ASP CG  OD1  doub N N 66  
ASP CG  OD2  sing N N 67  
ASP OD2 HD2  sing N N 68  
ASP OXT HXT  sing N N 69  
CYS N   CA   sing N N 70  
CYS N   H    sing N N 71  
CYS N   H2   sing N N 72  
CYS CA  C    sing N N 73  
CYS CA  CB   sing N N 74  
CYS CA  HA   sing N N 75  
CYS C   O    doub N N 76  
CYS C   OXT  sing N N 77  
CYS CB  SG   sing N N 78  
CYS CB  HB2  sing N N 79  
CYS CB  HB3  sing N N 80  
CYS SG  HG   sing N N 81  
CYS OXT HXT  sing N N 82  
DAO O1  C1   doub N N 83  
DAO O2  C1   sing N N 84  
DAO O2  HO2  sing N N 85  
DAO C1  C2   sing N N 86  
DAO C2  C3   sing N N 87  
DAO C2  H21  sing N N 88  
DAO C2  H22  sing N N 89  
DAO C3  C4   sing N N 90  
DAO C3  H31  sing N N 91  
DAO C3  H32  sing N N 92  
DAO C4  C5   sing N N 93  
DAO C4  H41  sing N N 94  
DAO C4  H42  sing N N 95  
DAO C5  C6   sing N N 96  
DAO C5  H51  sing N N 97  
DAO C5  H52  sing N N 98  
DAO C6  C7   sing N N 99  
DAO C6  H61  sing N N 100 
DAO C6  H62  sing N N 101 
DAO C7  C8   sing N N 102 
DAO C7  H71  sing N N 103 
DAO C7  H72  sing N N 104 
DAO C8  C9   sing N N 105 
DAO C8  H81  sing N N 106 
DAO C8  H82  sing N N 107 
DAO C9  C10  sing N N 108 
DAO C9  H91  sing N N 109 
DAO C9  H92  sing N N 110 
DAO C10 C11  sing N N 111 
DAO C10 H101 sing N N 112 
DAO C10 H102 sing N N 113 
DAO C11 C12  sing N N 114 
DAO C11 H111 sing N N 115 
DAO C11 H112 sing N N 116 
DAO C12 H121 sing N N 117 
DAO C12 H122 sing N N 118 
DAO C12 H123 sing N N 119 
GLN N   CA   sing N N 120 
GLN N   H    sing N N 121 
GLN N   H2   sing N N 122 
GLN CA  C    sing N N 123 
GLN CA  CB   sing N N 124 
GLN CA  HA   sing N N 125 
GLN C   O    doub N N 126 
GLN C   OXT  sing N N 127 
GLN CB  CG   sing N N 128 
GLN CB  HB2  sing N N 129 
GLN CB  HB3  sing N N 130 
GLN CG  CD   sing N N 131 
GLN CG  HG2  sing N N 132 
GLN CG  HG3  sing N N 133 
GLN CD  OE1  doub N N 134 
GLN CD  NE2  sing N N 135 
GLN NE2 HE21 sing N N 136 
GLN NE2 HE22 sing N N 137 
GLN OXT HXT  sing N N 138 
GLU N   CA   sing N N 139 
GLU N   H    sing N N 140 
GLU N   H2   sing N N 141 
GLU CA  C    sing N N 142 
GLU CA  CB   sing N N 143 
GLU CA  HA   sing N N 144 
GLU C   O    doub N N 145 
GLU C   OXT  sing N N 146 
GLU CB  CG   sing N N 147 
GLU CB  HB2  sing N N 148 
GLU CB  HB3  sing N N 149 
GLU CG  CD   sing N N 150 
GLU CG  HG2  sing N N 151 
GLU CG  HG3  sing N N 152 
GLU CD  OE1  doub N N 153 
GLU CD  OE2  sing N N 154 
GLU OE2 HE2  sing N N 155 
GLU OXT HXT  sing N N 156 
GLY N   CA   sing N N 157 
GLY N   H    sing N N 158 
GLY N   H2   sing N N 159 
GLY CA  C    sing N N 160 
GLY CA  HA2  sing N N 161 
GLY CA  HA3  sing N N 162 
GLY C   O    doub N N 163 
GLY C   OXT  sing N N 164 
GLY OXT HXT  sing N N 165 
HIS N   CA   sing N N 166 
HIS N   H    sing N N 167 
HIS N   H2   sing N N 168 
HIS CA  C    sing N N 169 
HIS CA  CB   sing N N 170 
HIS CA  HA   sing N N 171 
HIS C   O    doub N N 172 
HIS C   OXT  sing N N 173 
HIS CB  CG   sing N N 174 
HIS CB  HB2  sing N N 175 
HIS CB  HB3  sing N N 176 
HIS CG  ND1  sing Y N 177 
HIS CG  CD2  doub Y N 178 
HIS ND1 CE1  doub Y N 179 
HIS ND1 HD1  sing N N 180 
HIS CD2 NE2  sing Y N 181 
HIS CD2 HD2  sing N N 182 
HIS CE1 NE2  sing Y N 183 
HIS CE1 HE1  sing N N 184 
HIS NE2 HE2  sing N N 185 
HIS OXT HXT  sing N N 186 
HOH O   H1   sing N N 187 
HOH O   H2   sing N N 188 
ILE N   CA   sing N N 189 
ILE N   H    sing N N 190 
ILE N   H2   sing N N 191 
ILE CA  C    sing N N 192 
ILE CA  CB   sing N N 193 
ILE CA  HA   sing N N 194 
ILE C   O    doub N N 195 
ILE C   OXT  sing N N 196 
ILE CB  CG1  sing N N 197 
ILE CB  CG2  sing N N 198 
ILE CB  HB   sing N N 199 
ILE CG1 CD1  sing N N 200 
ILE CG1 HG12 sing N N 201 
ILE CG1 HG13 sing N N 202 
ILE CG2 HG21 sing N N 203 
ILE CG2 HG22 sing N N 204 
ILE CG2 HG23 sing N N 205 
ILE CD1 HD11 sing N N 206 
ILE CD1 HD12 sing N N 207 
ILE CD1 HD13 sing N N 208 
ILE OXT HXT  sing N N 209 
LEU N   CA   sing N N 210 
LEU N   H    sing N N 211 
LEU N   H2   sing N N 212 
LEU CA  C    sing N N 213 
LEU CA  CB   sing N N 214 
LEU CA  HA   sing N N 215 
LEU C   O    doub N N 216 
LEU C   OXT  sing N N 217 
LEU CB  CG   sing N N 218 
LEU CB  HB2  sing N N 219 
LEU CB  HB3  sing N N 220 
LEU CG  CD1  sing N N 221 
LEU CG  CD2  sing N N 222 
LEU CG  HG   sing N N 223 
LEU CD1 HD11 sing N N 224 
LEU CD1 HD12 sing N N 225 
LEU CD1 HD13 sing N N 226 
LEU CD2 HD21 sing N N 227 
LEU CD2 HD22 sing N N 228 
LEU CD2 HD23 sing N N 229 
LEU OXT HXT  sing N N 230 
LYS N   CA   sing N N 231 
LYS N   H    sing N N 232 
LYS N   H2   sing N N 233 
LYS CA  C    sing N N 234 
LYS CA  CB   sing N N 235 
LYS CA  HA   sing N N 236 
LYS C   O    doub N N 237 
LYS C   OXT  sing N N 238 
LYS CB  CG   sing N N 239 
LYS CB  HB2  sing N N 240 
LYS CB  HB3  sing N N 241 
LYS CG  CD   sing N N 242 
LYS CG  HG2  sing N N 243 
LYS CG  HG3  sing N N 244 
LYS CD  CE   sing N N 245 
LYS CD  HD2  sing N N 246 
LYS CD  HD3  sing N N 247 
LYS CE  NZ   sing N N 248 
LYS CE  HE2  sing N N 249 
LYS CE  HE3  sing N N 250 
LYS NZ  HZ1  sing N N 251 
LYS NZ  HZ2  sing N N 252 
LYS NZ  HZ3  sing N N 253 
LYS OXT HXT  sing N N 254 
MET N   CA   sing N N 255 
MET N   H    sing N N 256 
MET N   H2   sing N N 257 
MET CA  C    sing N N 258 
MET CA  CB   sing N N 259 
MET CA  HA   sing N N 260 
MET C   O    doub N N 261 
MET C   OXT  sing N N 262 
MET CB  CG   sing N N 263 
MET CB  HB2  sing N N 264 
MET CB  HB3  sing N N 265 
MET CG  SD   sing N N 266 
MET CG  HG2  sing N N 267 
MET CG  HG3  sing N N 268 
MET SD  CE   sing N N 269 
MET CE  HE1  sing N N 270 
MET CE  HE2  sing N N 271 
MET CE  HE3  sing N N 272 
MET OXT HXT  sing N N 273 
PHE N   CA   sing N N 274 
PHE N   H    sing N N 275 
PHE N   H2   sing N N 276 
PHE CA  C    sing N N 277 
PHE CA  CB   sing N N 278 
PHE CA  HA   sing N N 279 
PHE C   O    doub N N 280 
PHE C   OXT  sing N N 281 
PHE CB  CG   sing N N 282 
PHE CB  HB2  sing N N 283 
PHE CB  HB3  sing N N 284 
PHE CG  CD1  doub Y N 285 
PHE CG  CD2  sing Y N 286 
PHE CD1 CE1  sing Y N 287 
PHE CD1 HD1  sing N N 288 
PHE CD2 CE2  doub Y N 289 
PHE CD2 HD2  sing N N 290 
PHE CE1 CZ   doub Y N 291 
PHE CE1 HE1  sing N N 292 
PHE CE2 CZ   sing Y N 293 
PHE CE2 HE2  sing N N 294 
PHE CZ  HZ   sing N N 295 
PHE OXT HXT  sing N N 296 
PRO N   CA   sing N N 297 
PRO N   CD   sing N N 298 
PRO N   H    sing N N 299 
PRO CA  C    sing N N 300 
PRO CA  CB   sing N N 301 
PRO CA  HA   sing N N 302 
PRO C   O    doub N N 303 
PRO C   OXT  sing N N 304 
PRO CB  CG   sing N N 305 
PRO CB  HB2  sing N N 306 
PRO CB  HB3  sing N N 307 
PRO CG  CD   sing N N 308 
PRO CG  HG2  sing N N 309 
PRO CG  HG3  sing N N 310 
PRO CD  HD2  sing N N 311 
PRO CD  HD3  sing N N 312 
PRO OXT HXT  sing N N 313 
SER N   CA   sing N N 314 
SER N   H    sing N N 315 
SER N   H2   sing N N 316 
SER CA  C    sing N N 317 
SER CA  CB   sing N N 318 
SER CA  HA   sing N N 319 
SER C   O    doub N N 320 
SER C   OXT  sing N N 321 
SER CB  OG   sing N N 322 
SER CB  HB2  sing N N 323 
SER CB  HB3  sing N N 324 
SER OG  HG   sing N N 325 
SER OXT HXT  sing N N 326 
THR N   CA   sing N N 327 
THR N   H    sing N N 328 
THR N   H2   sing N N 329 
THR CA  C    sing N N 330 
THR CA  CB   sing N N 331 
THR CA  HA   sing N N 332 
THR C   O    doub N N 333 
THR C   OXT  sing N N 334 
THR CB  OG1  sing N N 335 
THR CB  CG2  sing N N 336 
THR CB  HB   sing N N 337 
THR OG1 HG1  sing N N 338 
THR CG2 HG21 sing N N 339 
THR CG2 HG22 sing N N 340 
THR CG2 HG23 sing N N 341 
THR OXT HXT  sing N N 342 
TRP N   CA   sing N N 343 
TRP N   H    sing N N 344 
TRP N   H2   sing N N 345 
TRP CA  C    sing N N 346 
TRP CA  CB   sing N N 347 
TRP CA  HA   sing N N 348 
TRP C   O    doub N N 349 
TRP C   OXT  sing N N 350 
TRP CB  CG   sing N N 351 
TRP CB  HB2  sing N N 352 
TRP CB  HB3  sing N N 353 
TRP CG  CD1  doub Y N 354 
TRP CG  CD2  sing Y N 355 
TRP CD1 NE1  sing Y N 356 
TRP CD1 HD1  sing N N 357 
TRP CD2 CE2  doub Y N 358 
TRP CD2 CE3  sing Y N 359 
TRP NE1 CE2  sing Y N 360 
TRP NE1 HE1  sing N N 361 
TRP CE2 CZ2  sing Y N 362 
TRP CE3 CZ3  doub Y N 363 
TRP CE3 HE3  sing N N 364 
TRP CZ2 CH2  doub Y N 365 
TRP CZ2 HZ2  sing N N 366 
TRP CZ3 CH2  sing Y N 367 
TRP CZ3 HZ3  sing N N 368 
TRP CH2 HH2  sing N N 369 
TRP OXT HXT  sing N N 370 
TYR N   CA   sing N N 371 
TYR N   H    sing N N 372 
TYR N   H2   sing N N 373 
TYR CA  C    sing N N 374 
TYR CA  CB   sing N N 375 
TYR CA  HA   sing N N 376 
TYR C   O    doub N N 377 
TYR C   OXT  sing N N 378 
TYR CB  CG   sing N N 379 
TYR CB  HB2  sing N N 380 
TYR CB  HB3  sing N N 381 
TYR CG  CD1  doub Y N 382 
TYR CG  CD2  sing Y N 383 
TYR CD1 CE1  sing Y N 384 
TYR CD1 HD1  sing N N 385 
TYR CD2 CE2  doub Y N 386 
TYR CD2 HD2  sing N N 387 
TYR CE1 CZ   doub Y N 388 
TYR CE1 HE1  sing N N 389 
TYR CE2 CZ   sing Y N 390 
TYR CE2 HE2  sing N N 391 
TYR CZ  OH   sing N N 392 
TYR OH  HH   sing N N 393 
TYR OXT HXT  sing N N 394 
VAL N   CA   sing N N 395 
VAL N   H    sing N N 396 
VAL N   H2   sing N N 397 
VAL CA  C    sing N N 398 
VAL CA  CB   sing N N 399 
VAL CA  HA   sing N N 400 
VAL C   O    doub N N 401 
VAL C   OXT  sing N N 402 
VAL CB  CG1  sing N N 403 
VAL CB  CG2  sing N N 404 
VAL CB  HB   sing N N 405 
VAL CG1 HG11 sing N N 406 
VAL CG1 HG12 sing N N 407 
VAL CG1 HG13 sing N N 408 
VAL CG2 HG21 sing N N 409 
VAL CG2 HG22 sing N N 410 
VAL CG2 HG23 sing N N 411 
VAL OXT HXT  sing N N 412 
# 
_atom_sites.entry_id                    2OVD 
_atom_sites.fract_transf_matrix[1][1]   -0.02091944 
_atom_sites.fract_transf_matrix[1][2]   -0.00422374 
_atom_sites.fract_transf_matrix[1][3]   -0.01045297 
_atom_sites.fract_transf_matrix[2][1]   0.00333315 
_atom_sites.fract_transf_matrix[2][2]   -0.01646194 
_atom_sites.fract_transf_matrix[2][3]   -0.00001881 
_atom_sites.fract_transf_matrix[3][1]   -0.00608327 
_atom_sites.fract_transf_matrix[3][2]   -0.00124621 
_atom_sites.fract_transf_matrix[3][3]   0.01267795 
_atom_sites.fract_transf_vector[1]      0.494194 
_atom_sites.fract_transf_vector[2]      0.553374 
_atom_sites.fract_transf_vector[3]      0.337708 
# 
loop_
_atom_type.symbol 
C 
N 
O 
S 
# 
loop_
_atom_site.group_PDB 
_atom_site.id 
_atom_site.type_symbol 
_atom_site.label_atom_id 
_atom_site.label_alt_id 
_atom_site.label_comp_id 
_atom_site.label_asym_id 
_atom_site.label_entity_id 
_atom_site.label_seq_id 
_atom_site.pdbx_PDB_ins_code 
_atom_site.Cartn_x 
_atom_site.Cartn_y 
_atom_site.Cartn_z 
_atom_site.occupancy 
_atom_site.B_iso_or_equiv 
_atom_site.pdbx_formal_charge 
_atom_site.auth_seq_id 
_atom_site.auth_comp_id 
_atom_site.auth_asym_id 
_atom_site.auth_atom_id 
_atom_site.pdbx_PDB_model_num 
ATOM   1    N N   . SER A 1 11  ? 1.008   17.438  8.428   1.00 36.44  ? 11   SER A N   1 
ATOM   2    C CA  . SER A 1 11  ? 1.464   16.588  7.289   1.00 35.04  ? 11   SER A CA  1 
ATOM   3    C C   . SER A 1 11  ? 2.685   15.754  7.665   1.00 33.61  ? 11   SER A C   1 
ATOM   4    O O   . SER A 1 11  ? 3.803   16.042  7.242   1.00 33.48  ? 11   SER A O   1 
ATOM   5    C CB  . SER A 1 11  ? 1.801   17.461  6.078   1.00 35.65  ? 11   SER A CB  1 
ATOM   6    O OG  . SER A 1 11  ? 2.312   16.674  5.019   1.00 37.58  ? 11   SER A OG  1 
ATOM   7    N N   . PRO A 1 12  ? 2.478   14.704  8.470   1.00 32.04  ? 12   PRO A N   1 
ATOM   8    C CA  . PRO A 1 12  ? 3.550   13.811  8.916   1.00 31.18  ? 12   PRO A CA  1 
ATOM   9    C C   . PRO A 1 12  ? 4.274   13.117  7.764   1.00 30.35  ? 12   PRO A C   1 
ATOM   10   O O   . PRO A 1 12  ? 5.459   12.806  7.862   1.00 30.50  ? 12   PRO A O   1 
ATOM   11   C CB  . PRO A 1 12  ? 2.817   12.811  9.806   1.00 31.58  ? 12   PRO A CB  1 
ATOM   12   C CG  . PRO A 1 12  ? 1.679   13.612  10.350  1.00 32.96  ? 12   PRO A CG  1 
ATOM   13   C CD  . PRO A 1 12  ? 1.207   14.359  9.128   1.00 33.04  ? 12   PRO A CD  1 
ATOM   14   N N   . ILE A 1 13  ? 3.559   12.880  6.669   1.00 29.13  ? 13   ILE A N   1 
ATOM   15   C CA  . ILE A 1 13  ? 4.141   12.194  5.522   1.00 27.82  ? 13   ILE A CA  1 
ATOM   16   C C   . ILE A 1 13  ? 5.161   13.045  4.771   1.00 28.68  ? 13   ILE A C   1 
ATOM   17   O O   . ILE A 1 13  ? 5.958   12.522  3.994   1.00 28.69  ? 13   ILE A O   1 
ATOM   18   C CB  . ILE A 1 13  ? 3.037   11.718  4.546   1.00 26.14  ? 13   ILE A CB  1 
ATOM   19   C CG1 . ILE A 1 13  ? 3.583   10.597  3.654   1.00 25.13  ? 13   ILE A CG1 1 
ATOM   20   C CG2 . ILE A 1 13  ? 2.542   12.889  3.702   1.00 26.82  ? 13   ILE A CG2 1 
ATOM   21   C CD1 . ILE A 1 13  ? 2.521   9.883   2.833   1.00 24.02  ? 13   ILE A CD1 1 
ATOM   22   N N   . SER A 1 14  ? 5.142   14.354  5.001   1.00 30.44  ? 14   SER A N   1 
ATOM   23   C CA  . SER A 1 14  ? 6.090   15.235  4.329   1.00 30.84  ? 14   SER A CA  1 
ATOM   24   C C   . SER A 1 14  ? 7.488   15.029  4.899   1.00 30.53  ? 14   SER A C   1 
ATOM   25   O O   . SER A 1 14  ? 8.485   15.385  4.273   1.00 32.03  ? 14   SER A O   1 
ATOM   26   C CB  . SER A 1 14  ? 5.678   16.700  4.501   1.00 33.29  ? 14   SER A CB  1 
ATOM   27   O OG  . SER A 1 14  ? 5.775   17.104  5.857   1.00 35.15  ? 14   SER A OG  1 
ATOM   28   N N   . THR A 1 15  ? 7.555   14.447  6.091   1.00 30.49  ? 15   THR A N   1 
ATOM   29   C CA  . THR A 1 15  ? 8.834   14.199  6.747   1.00 30.56  ? 15   THR A CA  1 
ATOM   30   C C   . THR A 1 15  ? 9.423   12.851  6.342   1.00 30.80  ? 15   THR A C   1 
ATOM   31   O O   . THR A 1 15  ? 10.486  12.461  6.818   1.00 29.76  ? 15   THR A O   1 
ATOM   32   C CB  . THR A 1 15  ? 8.683   14.211  8.279   1.00 30.40  ? 15   THR A CB  1 
ATOM   33   O OG1 . THR A 1 15  ? 7.909   13.079  8.691   1.00 30.88  ? 15   THR A OG1 1 
ATOM   34   C CG2 . THR A 1 15  ? 7.985   15.481  8.735   1.00 31.81  ? 15   THR A CG2 1 
ATOM   35   N N   . ILE A 1 16  ? 8.732   12.142  5.457   1.00 29.92  ? 16   ILE A N   1 
ATOM   36   C CA  . ILE A 1 16  ? 9.194   10.829  5.017   1.00 28.49  ? 16   ILE A CA  1 
ATOM   37   C C   . ILE A 1 16  ? 9.943   10.890  3.688   1.00 27.82  ? 16   ILE A C   1 
ATOM   38   O O   . ILE A 1 16  ? 9.439   11.420  2.702   1.00 27.47  ? 16   ILE A O   1 
ATOM   39   C CB  . ILE A 1 16  ? 8.009   9.864   4.883   1.00 29.06  ? 16   ILE A CB  1 
ATOM   40   C CG1 . ILE A 1 16  ? 7.268   9.784   6.220   1.00 28.76  ? 16   ILE A CG1 1 
ATOM   41   C CG2 . ILE A 1 16  ? 8.503   8.483   4.468   1.00 26.96  ? 16   ILE A CG2 1 
ATOM   42   C CD1 . ILE A 1 16  ? 5.889   9.201   6.110   1.00 32.48  ? 16   ILE A CD1 1 
ATOM   43   N N   . GLN A 1 17  ? 11.150  10.333  3.673   1.00 28.23  ? 17   GLN A N   1 
ATOM   44   C CA  . GLN A 1 17  ? 11.983  10.315  2.476   1.00 28.90  ? 17   GLN A CA  1 
ATOM   45   C C   . GLN A 1 17  ? 11.525  9.228   1.506   1.00 24.65  ? 17   GLN A C   1 
ATOM   46   O O   . GLN A 1 17  ? 11.440  8.059   1.877   1.00 25.14  ? 17   GLN A O   1 
ATOM   47   C CB  . GLN A 1 17  ? 13.442  10.039  2.846   1.00 33.74  ? 17   GLN A CB  1 
ATOM   48   C CG  . GLN A 1 17  ? 14.002  10.929  3.939   1.00 41.63  ? 17   GLN A CG  1 
ATOM   49   C CD  . GLN A 1 17  ? 15.403  10.506  4.346   1.00 46.55  ? 17   GLN A CD  1 
ATOM   50   O OE1 . GLN A 1 17  ? 15.607  9.392   4.837   1.00 49.05  ? 17   GLN A OE1 1 
ATOM   51   N NE2 . GLN A 1 17  ? 16.373  11.391  4.148   1.00 48.16  ? 17   GLN A NE2 1 
ATOM   52   N N   . PRO A 1 18  ? 11.217  9.599   0.255   1.00 22.26  ? 18   PRO A N   1 
ATOM   53   C CA  . PRO A 1 18  ? 10.779  8.607   -0.730  1.00 20.32  ? 18   PRO A CA  1 
ATOM   54   C C   . PRO A 1 18  ? 11.984  7.792   -1.186  1.00 19.20  ? 18   PRO A C   1 
ATOM   55   O O   . PRO A 1 18  ? 13.130  8.218   -1.017  1.00 17.53  ? 18   PRO A O   1 
ATOM   56   C CB  . PRO A 1 18  ? 10.218  9.462   -1.869  1.00 19.88  ? 18   PRO A CB  1 
ATOM   57   C CG  . PRO A 1 18  ? 9.869   10.763  -1.205  1.00 20.38  ? 18   PRO A CG  1 
ATOM   58   C CD  . PRO A 1 18  ? 11.024  10.960  -0.266  1.00 21.75  ? 18   PRO A CD  1 
ATOM   59   N N   . LYS A 1 19  ? 11.720  6.621   -1.751  1.00 16.38  ? 19   LYS A N   1 
ATOM   60   C CA  . LYS A 1 19  ? 12.772  5.750   -2.261  1.00 15.51  ? 19   LYS A CA  1 
ATOM   61   C C   . LYS A 1 19  ? 13.621  6.540   -3.262  1.00 15.87  ? 19   LYS A C   1 
ATOM   62   O O   . LYS A 1 19  ? 13.096  7.098   -4.225  1.00 15.48  ? 19   LYS A O   1 
ATOM   63   C CB  . LYS A 1 19  ? 12.126  4.537   -2.946  1.00 14.68  ? 19   LYS A CB  1 
ATOM   64   C CG  . LYS A 1 19  ? 13.040  3.704   -3.827  1.00 15.54  ? 19   LYS A CG  1 
ATOM   65   C CD  . LYS A 1 19  ? 14.057  2.933   -3.014  1.00 14.99  ? 19   LYS A CD  1 
ATOM   66   C CE  . LYS A 1 19  ? 14.852  1.969   -3.891  1.00 13.00  ? 19   LYS A CE  1 
ATOM   67   N NZ  . LYS A 1 19  ? 15.893  1.258   -3.097  1.00 15.86  ? 19   LYS A NZ  1 
ATOM   68   N N   . ALA A 1 20  ? 14.926  6.594   -3.023  1.00 16.59  ? 20   ALA A N   1 
ATOM   69   C CA  . ALA A 1 20  ? 15.826  7.311   -3.920  1.00 17.79  ? 20   ALA A CA  1 
ATOM   70   C C   . ALA A 1 20  ? 15.739  6.694   -5.318  1.00 16.09  ? 20   ALA A C   1 
ATOM   71   O O   . ALA A 1 20  ? 15.846  5.481   -5.475  1.00 15.58  ? 20   ALA A O   1 
ATOM   72   C CB  . ALA A 1 20  ? 17.260  7.238   -3.398  1.00 17.20  ? 20   ALA A CB  1 
ATOM   73   N N   . ASN A 1 21  ? 15.530  7.538   -6.323  1.00 16.54  ? 21   ASN A N   1 
ATOM   74   C CA  . ASN A 1 21  ? 15.427  7.101   -7.714  1.00 17.01  ? 21   ASN A CA  1 
ATOM   75   C C   . ASN A 1 21  ? 14.408  5.990   -7.949  1.00 17.12  ? 21   ASN A C   1 
ATOM   76   O O   . ASN A 1 21  ? 14.662  5.027   -8.674  1.00 17.07  ? 21   ASN A O   1 
ATOM   77   C CB  . ASN A 1 21  ? 16.802  6.682   -8.217  1.00 19.32  ? 21   ASN A CB  1 
ATOM   78   C CG  . ASN A 1 21  ? 17.784  7.833   -8.190  1.00 20.06  ? 21   ASN A CG  1 
ATOM   79   O OD1 . ASN A 1 21  ? 17.528  8.886   -8.785  1.00 24.02  ? 21   ASN A OD1 1 
ATOM   80   N ND2 . ASN A 1 21  ? 18.903  7.653   -7.495  1.00 17.88  ? 21   ASN A ND2 1 
ATOM   81   N N   . PHE A 1 22  ? 13.239  6.157   -7.343  1.00 13.93  ? 22   PHE A N   1 
ATOM   82   C CA  . PHE A 1 22  ? 12.159  5.190   -7.474  1.00 13.40  ? 22   PHE A CA  1 
ATOM   83   C C   . PHE A 1 22  ? 11.876  4.875   -8.941  1.00 15.38  ? 22   PHE A C   1 
ATOM   84   O O   . PHE A 1 22  ? 11.666  5.778   -9.753  1.00 15.94  ? 22   PHE A O   1 
ATOM   85   C CB  . PHE A 1 22  ? 10.898  5.726   -6.789  1.00 13.60  ? 22   PHE A CB  1 
ATOM   86   C CG  . PHE A 1 22  ? 9.703   4.831   -6.941  1.00 12.78  ? 22   PHE A CG  1 
ATOM   87   C CD1 . PHE A 1 22  ? 8.746   5.080   -7.923  1.00 12.58  ? 22   PHE A CD1 1 
ATOM   88   C CD2 . PHE A 1 22  ? 9.553   3.714   -6.126  1.00 13.27  ? 22   PHE A CD2 1 
ATOM   89   C CE1 . PHE A 1 22  ? 7.659   4.227   -8.091  1.00 10.59  ? 22   PHE A CE1 1 
ATOM   90   C CE2 . PHE A 1 22  ? 8.470   2.851   -6.285  1.00 12.80  ? 22   PHE A CE2 1 
ATOM   91   C CZ  . PHE A 1 22  ? 7.522   3.105   -7.267  1.00 12.35  ? 22   PHE A CZ  1 
ATOM   92   N N   . ASP A 1 23  ? 11.864  3.584   -9.265  1.00 15.04  ? 23   ASP A N   1 
ATOM   93   C CA  . ASP A 1 23  ? 11.611  3.119   -10.623 1.00 16.62  ? 23   ASP A CA  1 
ATOM   94   C C   . ASP A 1 23  ? 10.269  2.396   -10.684 1.00 16.09  ? 23   ASP A C   1 
ATOM   95   O O   . ASP A 1 23  ? 10.151  1.246   -10.255 1.00 15.22  ? 23   ASP A O   1 
ATOM   96   C CB  . ASP A 1 23  ? 12.737  2.182   -11.065 1.00 20.30  ? 23   ASP A CB  1 
ATOM   97   C CG  . ASP A 1 23  ? 12.576  1.697   -12.497 1.00 24.24  ? 23   ASP A CG  1 
ATOM   98   O OD1 . ASP A 1 23  ? 13.570  1.187   -13.052 1.00 28.88  ? 23   ASP A OD1 1 
ATOM   99   O OD2 . ASP A 1 23  ? 11.471  1.815   -13.061 1.00 25.21  ? 23   ASP A OD2 1 
ATOM   100  N N   . ALA A 1 24  ? 9.260   3.079   -11.219 1.00 15.96  ? 24   ALA A N   1 
ATOM   101  C CA  . ALA A 1 24  ? 7.915   2.519   -11.329 1.00 16.70  ? 24   ALA A CA  1 
ATOM   102  C C   . ALA A 1 24  ? 7.892   1.197   -12.089 1.00 18.15  ? 24   ALA A C   1 
ATOM   103  O O   . ALA A 1 24  ? 7.124   0.293   -11.758 1.00 16.42  ? 24   ALA A O   1 
ATOM   104  C CB  . ALA A 1 24  ? 6.987   3.525   -12.007 1.00 20.10  ? 24   ALA A CB  1 
ATOM   105  N N   . GLN A 1 25  ? 8.737   1.095   -13.111 1.00 18.28  ? 25   GLN A N   1 
ATOM   106  C CA  . GLN A 1 25  ? 8.819   -0.108  -13.927 1.00 19.94  ? 25   GLN A CA  1 
ATOM   107  C C   . GLN A 1 25  ? 9.196   -1.344  -13.116 1.00 18.58  ? 25   GLN A C   1 
ATOM   108  O O   . GLN A 1 25  ? 8.639   -2.430  -13.309 1.00 19.09  ? 25   GLN A O   1 
ATOM   109  C CB  . GLN A 1 25  ? 9.833   0.096   -15.056 1.00 23.30  ? 25   GLN A CB  1 
ATOM   110  C CG  . GLN A 1 25  ? 9.366   1.040   -16.152 1.00 29.59  ? 25   GLN A CG  1 
ATOM   111  C CD  . GLN A 1 25  ? 8.104   0.544   -16.837 1.00 34.19  ? 25   GLN A CD  1 
ATOM   112  O OE1 . GLN A 1 25  ? 8.031   -0.613  -17.261 1.00 38.29  ? 25   GLN A OE1 1 
ATOM   113  N NE2 . GLN A 1 25  ? 7.110   1.418   -16.961 1.00 34.15  ? 25   GLN A NE2 1 
ATOM   114  N N   . GLN A 1 26  ? 10.144  -1.179  -12.202 1.00 15.44  ? 26   GLN A N   1 
ATOM   115  C CA  . GLN A 1 26  ? 10.592  -2.291  -11.365 1.00 15.90  ? 26   GLN A CA  1 
ATOM   116  C C   . GLN A 1 26  ? 9.610   -2.583  -10.236 1.00 14.13  ? 26   GLN A C   1 
ATOM   117  O O   . GLN A 1 26  ? 9.558   -3.699  -9.713  1.00 12.33  ? 26   GLN A O   1 
ATOM   118  C CB  . GLN A 1 26  ? 11.956  -1.980  -10.765 1.00 17.36  ? 26   GLN A CB  1 
ATOM   119  C CG  . GLN A 1 26  ? 13.055  -1.808  -11.781 1.00 20.29  ? 26   GLN A CG  1 
ATOM   120  C CD  . GLN A 1 26  ? 14.390  -1.597  -11.109 1.00 21.45  ? 26   GLN A CD  1 
ATOM   121  O OE1 . GLN A 1 26  ? 14.877  -2.473  -10.391 1.00 22.55  ? 26   GLN A OE1 1 
ATOM   122  N NE2 . GLN A 1 26  ? 14.987  -0.432  -11.327 1.00 25.25  ? 26   GLN A NE2 1 
ATOM   123  N N   . PHE A 1 27  ? 8.833   -1.574  -9.863  1.00 10.61  ? 27   PHE A N   1 
ATOM   124  C CA  . PHE A 1 27  ? 7.860   -1.734  -8.794  1.00 12.44  ? 27   PHE A CA  1 
ATOM   125  C C   . PHE A 1 27  ? 6.561   -2.357  -9.302  1.00 13.44  ? 27   PHE A C   1 
ATOM   126  O O   . PHE A 1 27  ? 5.708   -2.749  -8.513  1.00 12.90  ? 27   PHE A O   1 
ATOM   127  C CB  . PHE A 1 27  ? 7.573   -0.374  -8.156  1.00 12.45  ? 27   PHE A CB  1 
ATOM   128  C CG  . PHE A 1 27  ? 6.832   -0.454  -6.852  1.00 13.14  ? 27   PHE A CG  1 
ATOM   129  C CD1 . PHE A 1 27  ? 5.459   -0.245  -6.791  1.00 14.49  ? 27   PHE A CD1 1 
ATOM   130  C CD2 . PHE A 1 27  ? 7.519   -0.731  -5.676  1.00 13.39  ? 27   PHE A CD2 1 
ATOM   131  C CE1 . PHE A 1 27  ? 4.780   -0.315  -5.569  1.00 14.14  ? 27   PHE A CE1 1 
ATOM   132  C CE2 . PHE A 1 27  ? 6.853   -0.803  -4.455  1.00 14.03  ? 27   PHE A CE2 1 
ATOM   133  C CZ  . PHE A 1 27  ? 5.483   -0.593  -4.404  1.00 15.29  ? 27   PHE A CZ  1 
ATOM   134  N N   . ALA A 1 28  ? 6.414   -2.444  -10.622 1.00 11.52  ? 28   ALA A N   1 
ATOM   135  C CA  . ALA A 1 28  ? 5.204   -3.008  -11.216 1.00 11.96  ? 28   ALA A CA  1 
ATOM   136  C C   . ALA A 1 28  ? 4.964   -4.457  -10.834 1.00 11.96  ? 28   ALA A C   1 
ATOM   137  O O   . ALA A 1 28  ? 5.887   -5.178  -10.442 1.00 13.74  ? 28   ALA A O   1 
ATOM   138  C CB  . ALA A 1 28  ? 5.250   -2.892  -12.745 1.00 12.35  ? 28   ALA A CB  1 
ATOM   139  N N   . GLY A 1 29  ? 3.706   -4.875  -10.952 1.00 10.80  ? 29   GLY A N   1 
ATOM   140  C CA  . GLY A 1 29  ? 3.363   -6.250  -10.653 1.00 11.39  ? 29   GLY A CA  1 
ATOM   141  C C   . GLY A 1 29  ? 2.500   -6.469  -9.436  1.00 12.15  ? 29   GLY A C   1 
ATOM   142  O O   . GLY A 1 29  ? 1.751   -5.590  -8.995  1.00 10.42  ? 29   GLY A O   1 
ATOM   143  N N   . THR A 1 30  ? 2.645   -7.665  -8.875  1.00 11.74  ? 30   THR A N   1 
ATOM   144  C CA  . THR A 1 30  ? 1.861   -8.088  -7.728  1.00 11.35  ? 30   THR A CA  1 
ATOM   145  C C   . THR A 1 30  ? 2.555   -7.971  -6.378  1.00 10.80  ? 30   THR A C   1 
ATOM   146  O O   . THR A 1 30  ? 3.700   -8.392  -6.206  1.00 9.76   ? 30   THR A O   1 
ATOM   147  C CB  . THR A 1 30  ? 1.384   -9.543  -7.932  1.00 12.87  ? 30   THR A CB  1 
ATOM   148  O OG1 . THR A 1 30  ? 0.552   -9.608  -9.101  1.00 12.62  ? 30   THR A OG1 1 
ATOM   149  C CG2 . THR A 1 30  ? 0.610   -10.032 -6.707  1.00 11.45  ? 30   THR A CG2 1 
ATOM   150  N N   . TRP A 1 31  ? 1.835   -7.389  -5.421  1.00 9.37   ? 31   TRP A N   1 
ATOM   151  C CA  . TRP A 1 31  ? 2.335   -7.212  -4.059  1.00 8.98   ? 31   TRP A CA  1 
ATOM   152  C C   . TRP A 1 31  ? 1.311   -7.775  -3.086  1.00 9.06   ? 31   TRP A C   1 
ATOM   153  O O   . TRP A 1 31  ? 0.109   -7.657  -3.318  1.00 10.62  ? 31   TRP A O   1 
ATOM   154  C CB  . TRP A 1 31  ? 2.553   -5.729  -3.756  1.00 8.89   ? 31   TRP A CB  1 
ATOM   155  C CG  . TRP A 1 31  ? 3.696   -5.136  -4.490  1.00 8.68   ? 31   TRP A CG  1 
ATOM   156  C CD1 . TRP A 1 31  ? 3.653   -4.379  -5.637  1.00 9.57   ? 31   TRP A CD1 1 
ATOM   157  C CD2 . TRP A 1 31  ? 5.071   -5.229  -4.123  1.00 7.75   ? 31   TRP A CD2 1 
ATOM   158  N NE1 . TRP A 1 31  ? 4.926   -3.993  -5.996  1.00 7.75   ? 31   TRP A NE1 1 
ATOM   159  C CE2 . TRP A 1 31  ? 5.816   -4.504  -5.082  1.00 8.72   ? 31   TRP A CE2 1 
ATOM   160  C CE3 . TRP A 1 31  ? 5.753   -5.857  -3.066  1.00 7.66   ? 31   TRP A CE3 1 
ATOM   161  C CZ2 . TRP A 1 31  ? 7.206   -4.390  -5.022  1.00 7.72   ? 31   TRP A CZ2 1 
ATOM   162  C CZ3 . TRP A 1 31  ? 7.136   -5.745  -3.003  1.00 7.13   ? 31   TRP A CZ3 1 
ATOM   163  C CH2 . TRP A 1 31  ? 7.849   -5.012  -3.978  1.00 9.43   ? 31   TRP A CH2 1 
ATOM   164  N N   . LEU A 1 32  ? 1.781   -8.402  -2.009  1.00 8.21   ? 32   LEU A N   1 
ATOM   165  C CA  . LEU A 1 32  ? 0.887   -8.979  -1.000  1.00 8.23   ? 32   LEU A CA  1 
ATOM   166  C C   . LEU A 1 32  ? 1.047   -8.202  0.303   1.00 8.91   ? 32   LEU A C   1 
ATOM   167  O O   . LEU A 1 32  ? 2.171   -7.938  0.726   1.00 8.30   ? 32   LEU A O   1 
ATOM   168  C CB  . LEU A 1 32  ? 1.256   -10.447 -0.765  1.00 8.54   ? 32   LEU A CB  1 
ATOM   169  C CG  . LEU A 1 32  ? 1.284   -11.347 -2.008  1.00 9.04   ? 32   LEU A CG  1 
ATOM   170  C CD1 . LEU A 1 32  ? 1.881   -12.713 -1.649  1.00 9.69   ? 32   LEU A CD1 1 
ATOM   171  C CD2 . LEU A 1 32  ? -0.130  -11.516 -2.527  1.00 12.02  ? 32   LEU A CD2 1 
ATOM   172  N N   . LEU A 1 33  ? -0.061  -7.840  0.942   1.00 7.16   ? 33   LEU A N   1 
ATOM   173  C CA  . LEU A 1 33  ? 0.006   -7.087  2.201   1.00 7.59   ? 33   LEU A CA  1 
ATOM   174  C C   . LEU A 1 33  ? 0.433   -7.996  3.353   1.00 9.15   ? 33   LEU A C   1 
ATOM   175  O O   . LEU A 1 33  ? -0.129  -9.071  3.541   1.00 9.49   ? 33   LEU A O   1 
ATOM   176  C CB  . LEU A 1 33  ? -1.354  -6.455  2.530   1.00 8.30   ? 33   LEU A CB  1 
ATOM   177  C CG  . LEU A 1 33  ? -1.411  -5.621  3.816   1.00 10.56  ? 33   LEU A CG  1 
ATOM   178  C CD1 . LEU A 1 33  ? -0.485  -4.404  3.700   1.00 8.77   ? 33   LEU A CD1 1 
ATOM   179  C CD2 . LEU A 1 33  ? -2.851  -5.168  4.065   1.00 12.70  ? 33   LEU A CD2 1 
ATOM   180  N N   . VAL A 1 34  ? 1.415   -7.545  4.126   1.00 9.31   ? 34   VAL A N   1 
ATOM   181  C CA  . VAL A 1 34  ? 1.948   -8.309  5.250   1.00 9.65   ? 34   VAL A CA  1 
ATOM   182  C C   . VAL A 1 34  ? 1.505   -7.738  6.582   1.00 10.81  ? 34   VAL A C   1 
ATOM   183  O O   . VAL A 1 34  ? 1.120   -8.474  7.489   1.00 12.82  ? 34   VAL A O   1 
ATOM   184  C CB  . VAL A 1 34  ? 3.491   -8.313  5.225   1.00 8.71   ? 34   VAL A CB  1 
ATOM   185  C CG1 . VAL A 1 34  ? 4.049   -9.012  6.462   1.00 9.76   ? 34   VAL A CG1 1 
ATOM   186  C CG2 . VAL A 1 34  ? 3.982   -8.994  3.956   1.00 8.20   ? 34   VAL A CG2 1 
ATOM   187  N N   . ALA A 1 35  ? 1.565   -6.419  6.703   1.00 9.29   ? 35   ALA A N   1 
ATOM   188  C CA  . ALA A 1 35  ? 1.172   -5.780  7.947   1.00 9.20   ? 35   ALA A CA  1 
ATOM   189  C C   . ALA A 1 35  ? 0.913   -4.305  7.737   1.00 10.26  ? 35   ALA A C   1 
ATOM   190  O O   . ALA A 1 35  ? 1.372   -3.708  6.762   1.00 9.34   ? 35   ALA A O   1 
ATOM   191  C CB  . ALA A 1 35  ? 2.257   -5.975  9.001   1.00 9.02   ? 35   ALA A CB  1 
ATOM   192  N N   . VAL A 1 36  ? 0.163   -3.735  8.674   1.00 8.84   ? 36   VAL A N   1 
ATOM   193  C CA  . VAL A 1 36  ? -0.194  -2.332  8.636   1.00 9.51   ? 36   VAL A CA  1 
ATOM   194  C C   . VAL A 1 36  ? -0.057  -1.713  10.018  1.00 10.07  ? 36   VAL A C   1 
ATOM   195  O O   . VAL A 1 36  ? -0.475  -2.293  11.016  1.00 10.41  ? 36   VAL A O   1 
ATOM   196  C CB  . VAL A 1 36  ? -1.659  -2.138  8.151   1.00 9.75   ? 36   VAL A CB  1 
ATOM   197  C CG1 . VAL A 1 36  ? -2.045  -0.659  8.228   1.00 10.61  ? 36   VAL A CG1 1 
ATOM   198  C CG2 . VAL A 1 36  ? -1.808  -2.658  6.723   1.00 12.14  ? 36   VAL A CG2 1 
ATOM   199  N N   . GLY A 1 37  ? 0.557   -0.542  10.059  1.00 10.48  ? 37   GLY A N   1 
ATOM   200  C CA  . GLY A 1 37  ? 0.709   0.176   11.303  1.00 11.93  ? 37   GLY A CA  1 
ATOM   201  C C   . GLY A 1 37  ? -0.224  1.358   11.149  1.00 13.03  ? 37   GLY A C   1 
ATOM   202  O O   . GLY A 1 37  ? -0.068  2.140   10.211  1.00 12.41  ? 37   GLY A O   1 
ATOM   203  N N   . SER A 1 38  ? -1.209  1.487   12.029  1.00 14.11  ? 38   SER A N   1 
ATOM   204  C CA  . SER A 1 38  ? -2.153  2.599   11.920  1.00 17.01  ? 38   SER A CA  1 
ATOM   205  C C   . SER A 1 38  ? -2.930  2.833   13.206  1.00 19.21  ? 38   SER A C   1 
ATOM   206  O O   . SER A 1 38  ? -3.163  1.906   13.980  1.00 19.52  ? 38   SER A O   1 
ATOM   207  C CB  . SER A 1 38  ? -3.138  2.336   10.773  1.00 17.19  ? 38   SER A CB  1 
ATOM   208  O OG  . SER A 1 38  ? -4.110  3.369   10.696  1.00 19.51  ? 38   SER A OG  1 
ATOM   209  N N   . ALA A 1 39  ? -3.328  4.081   13.429  1.00 22.36  ? 39   ALA A N   1 
ATOM   210  C CA  . ALA A 1 39  ? -4.086  4.440   14.622  1.00 26.20  ? 39   ALA A CA  1 
ATOM   211  C C   . ALA A 1 39  ? -5.578  4.518   14.310  1.00 31.40  ? 39   ALA A C   1 
ATOM   212  O O   . ALA A 1 39  ? -6.386  4.870   15.172  1.00 31.71  ? 39   ALA A O   1 
ATOM   213  C CB  . ALA A 1 39  ? -3.600  5.772   15.171  1.00 22.84  ? 39   ALA A CB  1 
ATOM   214  N N   . ALA A 1 40  ? -5.937  4.182   13.074  1.00 37.76  ? 40   ALA A N   1 
ATOM   215  C CA  . ALA A 1 40  ? -7.330  4.215   12.640  1.00 42.55  ? 40   ALA A CA  1 
ATOM   216  C C   . ALA A 1 40  ? -8.197  3.327   13.526  1.00 48.01  ? 40   ALA A C   1 
ATOM   217  O O   . ALA A 1 40  ? -7.883  2.158   13.752  1.00 47.84  ? 40   ALA A O   1 
ATOM   218  C CB  . ALA A 1 40  ? -7.435  3.773   11.190  1.00 42.37  ? 40   ALA A CB  1 
ATOM   219  N N   . ARG A 1 41  ? -9.293  3.893   14.024  1.00 53.86  ? 41   ARG A N   1 
ATOM   220  C CA  . ARG A 1 41  ? -10.207 3.174   14.903  1.00 58.87  ? 41   ARG A CA  1 
ATOM   221  C C   . ARG A 1 41  ? -10.943 2.043   14.183  1.00 61.32  ? 41   ARG A C   1 
ATOM   222  O O   . ARG A 1 41  ? -11.113 0.956   14.737  1.00 62.49  ? 41   ARG A O   1 
ATOM   223  C CB  . ARG A 1 41  ? -11.216 4.155   15.509  1.00 60.59  ? 41   ARG A CB  1 
ATOM   224  C CG  . ARG A 1 41  ? -11.770 3.744   16.864  1.00 63.93  ? 41   ARG A CG  1 
ATOM   225  C CD  . ARG A 1 41  ? -12.744 2.582   16.762  1.00 66.64  ? 41   ARG A CD  1 
ATOM   226  N NE  . ARG A 1 41  ? -13.285 2.219   18.067  1.00 69.51  ? 41   ARG A NE  1 
ATOM   227  C CZ  . ARG A 1 41  ? -14.173 1.251   18.267  1.00 71.80  ? 41   ARG A CZ  1 
ATOM   228  N NH1 . ARG A 1 41  ? -14.626 0.540   17.244  1.00 71.05  ? 41   ARG A NH1 1 
ATOM   229  N NH2 . ARG A 1 41  ? -14.612 0.997   19.494  1.00 74.98  ? 41   ARG A NH2 1 
ATOM   230  N N   . ALA A 1 50  ? -12.692 -8.817  7.979   1.00 85.56  ? 50   ALA A N   1 
ATOM   231  C CA  . ALA A 1 50  ? -12.354 -8.243  6.683   1.00 81.96  ? 50   ALA A CA  1 
ATOM   232  C C   . ALA A 1 50  ? -10.876 -7.869  6.614   1.00 80.23  ? 50   ALA A C   1 
ATOM   233  O O   . ALA A 1 50  ? -10.496 -6.745  6.941   1.00 79.29  ? 50   ALA A O   1 
ATOM   234  C CB  . ALA A 1 50  ? -13.221 -7.017  6.414   1.00 82.31  ? 50   ALA A CB  1 
ATOM   235  N N   . GLU A 1 51  ? -10.047 -8.820  6.192   1.00 77.66  ? 51   GLU A N   1 
ATOM   236  C CA  . GLU A 1 51  ? -8.605  -8.606  6.068   1.00 74.18  ? 51   GLU A CA  1 
ATOM   237  C C   . GLU A 1 51  ? -8.075  -9.191  4.753   1.00 69.98  ? 51   GLU A C   1 
ATOM   238  O O   . GLU A 1 51  ? -8.851  -9.468  3.836   1.00 70.70  ? 51   GLU A O   1 
ATOM   239  C CB  . GLU A 1 51  ? -7.864  -9.248  7.246   1.00 76.65  ? 51   GLU A CB  1 
ATOM   240  C CG  . GLU A 1 51  ? -8.049  -8.558  8.595   1.00 78.98  ? 51   GLU A CG  1 
ATOM   241  C CD  . GLU A 1 51  ? -9.428  -8.767  9.193   1.00 80.12  ? 51   GLU A CD  1 
ATOM   242  O OE1 . GLU A 1 51  ? -9.866  -9.933  9.287   1.00 81.10  ? 51   GLU A OE1 1 
ATOM   243  O OE2 . GLU A 1 51  ? -10.073 -7.768  9.579   1.00 79.22  ? 51   GLU A OE2 1 
ATOM   244  N N   . ALA A 1 52  ? -6.757  -9.377  4.675   1.00 63.88  ? 52   ALA A N   1 
ATOM   245  C CA  . ALA A 1 52  ? -6.097  -9.927  3.492   1.00 58.05  ? 52   ALA A CA  1 
ATOM   246  C C   . ALA A 1 52  ? -6.175  -8.985  2.295   1.00 51.66  ? 52   ALA A C   1 
ATOM   247  O O   . ALA A 1 52  ? -7.247  -8.471  1.972   1.00 52.41  ? 52   ALA A O   1 
ATOM   248  C CB  . ALA A 1 52  ? -6.703  -11.284 3.135   1.00 59.40  ? 52   ALA A CB  1 
ATOM   249  N N   . THR A 1 53  ? -5.043  -8.763  1.624   1.00 42.39  ? 53   THR A N   1 
ATOM   250  C CA  . THR A 1 53  ? -5.022  -7.855  0.473   1.00 30.18  ? 53   THR A CA  1 
ATOM   251  C C   . THR A 1 53  ? -3.915  -8.073  -0.562  1.00 24.21  ? 53   THR A C   1 
ATOM   252  O O   . THR A 1 53  ? -2.763  -8.373  -0.239  1.00 17.48  ? 53   THR A O   1 
ATOM   253  C CB  . THR A 1 53  ? -4.960  -6.387  0.936   1.00 30.87  ? 53   THR A CB  1 
ATOM   254  O OG1 . THR A 1 53  ? -6.017  -6.147  1.870   1.00 34.73  ? 53   THR A OG1 1 
ATOM   255  C CG2 . THR A 1 53  ? -5.101  -5.439  -0.246  1.00 29.81  ? 53   THR A CG2 1 
ATOM   256  N N   . THR A 1 54  ? -4.293  -7.878  -1.819  1.00 17.68  ? 54   THR A N   1 
ATOM   257  C CA  . THR A 1 54  ? -3.394  -8.021  -2.949  1.00 15.87  ? 54   THR A CA  1 
ATOM   258  C C   . THR A 1 54  ? -3.381  -6.729  -3.756  1.00 16.25  ? 54   THR A C   1 
ATOM   259  O O   . THR A 1 54  ? -4.413  -6.078  -3.918  1.00 13.88  ? 54   THR A O   1 
ATOM   260  C CB  . THR A 1 54  ? -3.846  -9.170  -3.877  1.00 16.47  ? 54   THR A CB  1 
ATOM   261  O OG1 . THR A 1 54  ? -3.801  -10.405 -3.158  1.00 13.83  ? 54   THR A OG1 1 
ATOM   262  C CG2 . THR A 1 54  ? -2.953  -9.253  -5.111  1.00 16.22  ? 54   THR A CG2 1 
ATOM   263  N N   . LEU A 1 55  ? -2.201  -6.370  -4.251  1.00 14.13  ? 55   LEU A N   1 
ATOM   264  C CA  . LEU A 1 55  ? -2.011  -5.175  -5.067  1.00 15.40  ? 55   LEU A CA  1 
ATOM   265  C C   . LEU A 1 55  ? -1.461  -5.539  -6.438  1.00 15.30  ? 55   LEU A C   1 
ATOM   266  O O   . LEU A 1 55  ? -0.556  -6.361  -6.545  1.00 15.67  ? 55   LEU A O   1 
ATOM   267  C CB  . LEU A 1 55  ? -1.014  -4.222  -4.405  1.00 17.14  ? 55   LEU A CB  1 
ATOM   268  C CG  . LEU A 1 55  ? -1.484  -3.102  -3.493  1.00 21.22  ? 55   LEU A CG  1 
ATOM   269  C CD1 . LEU A 1 55  ? -0.274  -2.262  -3.075  1.00 21.47  ? 55   LEU A CD1 1 
ATOM   270  C CD2 . LEU A 1 55  ? -2.480  -2.227  -4.237  1.00 25.32  ? 55   LEU A CD2 1 
ATOM   271  N N   . HIS A 1 56  ? -2.031  -4.933  -7.477  1.00 14.10  ? 56   HIS A N   1 
ATOM   272  C CA  . HIS A 1 56  ? -1.570  -5.115  -8.844  1.00 14.04  ? 56   HIS A CA  1 
ATOM   273  C C   . HIS A 1 56  ? -1.232  -3.697  -9.286  1.00 15.80  ? 56   HIS A C   1 
ATOM   274  O O   . HIS A 1 56  ? -2.109  -2.837  -9.342  1.00 15.00  ? 56   HIS A O   1 
ATOM   275  C CB  . HIS A 1 56  ? -2.667  -5.674  -9.757  1.00 16.87  ? 56   HIS A CB  1 
ATOM   276  C CG  . HIS A 1 56  ? -2.813  -7.162  -9.699  1.00 19.11  ? 56   HIS A CG  1 
ATOM   277  N ND1 . HIS A 1 56  ? -3.567  -7.870  -10.616 1.00 19.92  ? 56   HIS A ND1 1 
ATOM   278  C CD2 . HIS A 1 56  ? -2.314  -8.079  -8.839  1.00 21.50  ? 56   HIS A CD2 1 
ATOM   279  C CE1 . HIS A 1 56  ? -3.523  -9.154  -10.320 1.00 21.17  ? 56   HIS A CE1 1 
ATOM   280  N NE2 . HIS A 1 56  ? -2.769  -9.310  -9.243  1.00 21.75  ? 56   HIS A NE2 1 
ATOM   281  N N   . VAL A 1 57  ? 0.037   -3.449  -9.576  1.00 15.21  ? 57   VAL A N   1 
ATOM   282  C CA  . VAL A 1 57  ? 0.463   -2.122  -9.981  1.00 15.67  ? 57   VAL A CA  1 
ATOM   283  C C   . VAL A 1 57  ? 0.930   -2.122  -11.428 1.00 15.17  ? 57   VAL A C   1 
ATOM   284  O O   . VAL A 1 57  ? 1.769   -2.932  -11.828 1.00 14.68  ? 57   VAL A O   1 
ATOM   285  C CB  . VAL A 1 57  ? 1.612   -1.612  -9.081  1.00 15.03  ? 57   VAL A CB  1 
ATOM   286  C CG1 . VAL A 1 57  ? 1.946   -0.173  -9.420  1.00 15.69  ? 57   VAL A CG1 1 
ATOM   287  C CG2 . VAL A 1 57  ? 1.214   -1.729  -7.626  1.00 18.06  ? 57   VAL A CG2 1 
ATOM   288  N N   . ALA A 1 58  ? 0.377   -1.211  -12.214 1.00 16.86  ? 58   ALA A N   1 
ATOM   289  C CA  . ALA A 1 58  ? 0.756   -1.101  -13.613 1.00 20.04  ? 58   ALA A CA  1 
ATOM   290  C C   . ALA A 1 58  ? 1.028   0.360   -13.945 1.00 22.79  ? 58   ALA A C   1 
ATOM   291  O O   . ALA A 1 58  ? 0.115   1.183   -13.929 1.00 21.90  ? 58   ALA A O   1 
ATOM   292  C CB  . ALA A 1 58  ? -0.357  -1.647  -14.496 1.00 22.18  ? 58   ALA A CB  1 
ATOM   293  N N   . PRO A 1 59  ? 2.293   0.702   -14.235 1.00 25.88  ? 59   PRO A N   1 
ATOM   294  C CA  . PRO A 1 59  ? 2.653   2.082   -14.568 1.00 30.57  ? 59   PRO A CA  1 
ATOM   295  C C   . PRO A 1 59  ? 1.839   2.590   -15.751 1.00 34.11  ? 59   PRO A C   1 
ATOM   296  O O   . PRO A 1 59  ? 1.600   1.859   -16.713 1.00 34.10  ? 59   PRO A O   1 
ATOM   297  C CB  . PRO A 1 59  ? 4.142   1.983   -14.897 1.00 29.91  ? 59   PRO A CB  1 
ATOM   298  C CG  . PRO A 1 59  ? 4.598   0.864   -14.017 1.00 29.97  ? 59   PRO A CG  1 
ATOM   299  C CD  . PRO A 1 59  ? 3.492   -0.151  -14.195 1.00 27.83  ? 59   PRO A CD  1 
ATOM   300  N N   . GLN A 1 60  ? 1.405   3.841   -15.668 1.00 38.27  ? 60   GLN A N   1 
ATOM   301  C CA  . GLN A 1 60  ? 0.621   4.451   -16.731 1.00 42.36  ? 60   GLN A CA  1 
ATOM   302  C C   . GLN A 1 60  ? 1.202   5.829   -17.010 1.00 44.71  ? 60   GLN A C   1 
ATOM   303  O O   . GLN A 1 60  ? 0.784   6.824   -16.415 1.00 46.79  ? 60   GLN A O   1 
ATOM   304  C CB  . GLN A 1 60  ? -0.843  4.563   -16.301 1.00 45.49  ? 60   GLN A CB  1 
ATOM   305  C CG  . GLN A 1 60  ? -1.770  5.148   -17.354 1.00 50.21  ? 60   GLN A CG  1 
ATOM   306  C CD  . GLN A 1 60  ? -3.236  5.005   -16.981 1.00 53.15  ? 60   GLN A CD  1 
ATOM   307  O OE1 . GLN A 1 60  ? -4.113  5.548   -17.648 1.00 54.09  ? 60   GLN A OE1 1 
ATOM   308  N NE2 . GLN A 1 60  ? -3.507  4.259   -15.912 1.00 55.49  ? 60   GLN A NE2 1 
ATOM   309  N N   . GLY A 1 61  ? 2.172   5.876   -17.917 1.00 44.66  ? 61   GLY A N   1 
ATOM   310  C CA  . GLY A 1 61  ? 2.812   7.134   -18.245 1.00 44.45  ? 61   GLY A CA  1 
ATOM   311  C C   . GLY A 1 61  ? 3.586   7.623   -17.039 1.00 44.90  ? 61   GLY A C   1 
ATOM   312  O O   . GLY A 1 61  ? 4.650   7.097   -16.714 1.00 46.54  ? 61   GLY A O   1 
ATOM   313  N N   . THR A 1 62  ? 3.039   8.625   -16.361 1.00 43.78  ? 62   THR A N   1 
ATOM   314  C CA  . THR A 1 62  ? 3.678   9.182   -15.177 1.00 43.49  ? 62   THR A CA  1 
ATOM   315  C C   . THR A 1 62  ? 2.997   8.681   -13.903 1.00 41.33  ? 62   THR A C   1 
ATOM   316  O O   . THR A 1 62  ? 3.601   8.664   -12.829 1.00 42.12  ? 62   THR A O   1 
ATOM   317  C CB  . THR A 1 62  ? 3.636   10.727  -15.204 1.00 44.07  ? 62   THR A CB  1 
ATOM   318  O OG1 . THR A 1 62  ? 2.294   11.169  -15.447 1.00 43.15  ? 62   THR A OG1 1 
ATOM   319  C CG2 . THR A 1 62  ? 4.547   11.260  -16.297 1.00 47.38  ? 62   THR A CG2 1 
ATOM   320  N N   . ALA A 1 63  ? 1.742   8.266   -14.035 1.00 36.96  ? 63   ALA A N   1 
ATOM   321  C CA  . ALA A 1 63  ? 0.967   7.773   -12.902 1.00 35.44  ? 63   ALA A CA  1 
ATOM   322  C C   . ALA A 1 63  ? 1.077   6.259   -12.720 1.00 33.86  ? 63   ALA A C   1 
ATOM   323  O O   . ALA A 1 63  ? 1.873   5.591   -13.386 1.00 34.37  ? 63   ALA A O   1 
ATOM   324  C CB  . ALA A 1 63  ? -0.498  8.168   -13.065 1.00 32.92  ? 63   ALA A CB  1 
ATOM   325  N N   . MET A 1 64  ? 0.273   5.731   -11.803 1.00 29.35  ? 64   MET A N   1 
ATOM   326  C CA  . MET A 1 64  ? 0.256   4.304   -11.506 1.00 26.22  ? 64   MET A CA  1 
ATOM   327  C C   . MET A 1 64  ? -1.174  3.782   -11.439 1.00 22.95  ? 64   MET A C   1 
ATOM   328  O O   . MET A 1 64  ? -1.968  4.242   -10.623 1.00 21.96  ? 64   MET A O   1 
ATOM   329  C CB  . MET A 1 64  ? 0.939   4.047   -10.163 1.00 27.36  ? 64   MET A CB  1 
ATOM   330  C CG  . MET A 1 64  ? 2.369   4.513   -10.106 1.00 30.35  ? 64   MET A CG  1 
ATOM   331  S SD  . MET A 1 64  ? 3.453   3.430   -11.030 1.00 36.72  ? 64   MET A SD  1 
ATOM   332  C CE  . MET A 1 64  ? 4.285   2.605   -9.697  1.00 30.35  ? 64   MET A CE  1 
ATOM   333  N N   . ALA A 1 65  ? -1.500  2.829   -12.309 1.00 19.10  ? 65   ALA A N   1 
ATOM   334  C CA  . ALA A 1 65  ? -2.826  2.219   -12.311 1.00 17.19  ? 65   ALA A CA  1 
ATOM   335  C C   . ALA A 1 65  ? -2.766  1.157   -11.217 1.00 16.43  ? 65   ALA A C   1 
ATOM   336  O O   . ALA A 1 65  ? -1.900  0.280   -11.249 1.00 16.70  ? 65   ALA A O   1 
ATOM   337  C CB  . ALA A 1 65  ? -3.111  1.578   -13.657 1.00 19.46  ? 65   ALA A CB  1 
ATOM   338  N N   . VAL A 1 66  ? -3.676  1.235   -10.254 1.00 15.55  ? 66   VAL A N   1 
ATOM   339  C CA  . VAL A 1 66  ? -3.665  0.298   -9.141  1.00 14.86  ? 66   VAL A CA  1 
ATOM   340  C C   . VAL A 1 66  ? -4.970  -0.437  -8.870  1.00 16.47  ? 66   VAL A C   1 
ATOM   341  O O   . VAL A 1 66  ? -6.038  0.168   -8.782  1.00 14.35  ? 66   VAL A O   1 
ATOM   342  C CB  . VAL A 1 66  ? -3.269  1.011   -7.826  1.00 15.57  ? 66   VAL A CB  1 
ATOM   343  C CG1 . VAL A 1 66  ? -3.296  0.027   -6.670  1.00 17.26  ? 66   VAL A CG1 1 
ATOM   344  C CG2 . VAL A 1 66  ? -1.885  1.629   -7.963  1.00 16.89  ? 66   VAL A CG2 1 
ATOM   345  N N   . SER A 1 67  ? -4.872  -1.754  -8.733  1.00 14.05  ? 67   SER A N   1 
ATOM   346  C CA  . SER A 1 67  ? -6.035  -2.562  -8.400  1.00 14.49  ? 67   SER A CA  1 
ATOM   347  C C   . SER A 1 67  ? -5.737  -3.243  -7.077  1.00 13.86  ? 67   SER A C   1 
ATOM   348  O O   . SER A 1 67  ? -4.648  -3.787  -6.868  1.00 12.77  ? 67   SER A O   1 
ATOM   349  C CB  . SER A 1 67  ? -6.320  -3.614  -9.476  1.00 14.91  ? 67   SER A CB  1 
ATOM   350  O OG  . SER A 1 67  ? -7.209  -3.106  -10.464 1.00 17.82  ? 67   SER A OG  1 
ATOM   351  N N   . THR A 1 68  ? -6.702  -3.181  -6.170  1.00 12.16  ? 68   THR A N   1 
ATOM   352  C CA  . THR A 1 68  ? -6.572  -3.807  -4.864  1.00 13.81  ? 68   THR A CA  1 
ATOM   353  C C   . THR A 1 68  ? -7.662  -4.862  -4.772  1.00 14.02  ? 68   THR A C   1 
ATOM   354  O O   . THR A 1 68  ? -8.793  -4.635  -5.201  1.00 14.13  ? 68   THR A O   1 
ATOM   355  C CB  . THR A 1 68  ? -6.761  -2.799  -3.717  1.00 16.65  ? 68   THR A CB  1 
ATOM   356  O OG1 . THR A 1 68  ? -8.072  -2.228  -3.785  1.00 20.43  ? 68   THR A OG1 1 
ATOM   357  C CG2 . THR A 1 68  ? -5.724  -1.692  -3.809  1.00 17.79  ? 68   THR A CG2 1 
ATOM   358  N N   . PHE A 1 69  ? -7.313  -6.024  -4.235  1.00 13.24  ? 69   PHE A N   1 
ATOM   359  C CA  . PHE A 1 69  ? -8.269  -7.109  -4.100  1.00 13.65  ? 69   PHE A CA  1 
ATOM   360  C C   . PHE A 1 69  ? -8.356  -7.554  -2.648  1.00 17.33  ? 69   PHE A C   1 
ATOM   361  O O   . PHE A 1 69  ? -7.338  -7.726  -1.972  1.00 17.21  ? 69   PHE A O   1 
ATOM   362  C CB  . PHE A 1 69  ? -7.860  -8.316  -4.952  1.00 12.90  ? 69   PHE A CB  1 
ATOM   363  C CG  . PHE A 1 69  ? -7.658  -8.006  -6.413  1.00 13.57  ? 69   PHE A CG  1 
ATOM   364  C CD1 . PHE A 1 69  ? -6.429  -7.542  -6.876  1.00 13.97  ? 69   PHE A CD1 1 
ATOM   365  C CD2 . PHE A 1 69  ? -8.692  -8.206  -7.328  1.00 12.46  ? 69   PHE A CD2 1 
ATOM   366  C CE1 . PHE A 1 69  ? -6.229  -7.287  -8.233  1.00 15.05  ? 69   PHE A CE1 1 
ATOM   367  C CE2 . PHE A 1 69  ? -8.506  -7.954  -8.687  1.00 13.32  ? 69   PHE A CE2 1 
ATOM   368  C CZ  . PHE A 1 69  ? -7.271  -7.493  -9.145  1.00 14.38  ? 69   PHE A CZ  1 
ATOM   369  N N   . ARG A 1 70  ? -9.580  -7.743  -2.172  1.00 18.30  ? 70   ARG A N   1 
ATOM   370  C CA  . ARG A 1 70  ? -9.813  -8.195  -0.807  1.00 23.21  ? 70   ARG A CA  1 
ATOM   371  C C   . ARG A 1 70  ? -10.899 -9.264  -0.840  1.00 22.15  ? 70   ARG A C   1 
ATOM   372  O O   . ARG A 1 70  ? -11.903 -9.112  -1.526  1.00 19.03  ? 70   ARG A O   1 
ATOM   373  C CB  . ARG A 1 70  ? -10.253 -7.021  0.076   1.00 29.70  ? 70   ARG A CB  1 
ATOM   374  C CG  . ARG A 1 70  ? -11.441 -6.254  -0.477  1.00 41.61  ? 70   ARG A CG  1 
ATOM   375  C CD  . ARG A 1 70  ? -11.784 -5.047  0.378   1.00 51.20  ? 70   ARG A CD  1 
ATOM   376  N NE  . ARG A 1 70  ? -10.681 -4.094  0.445   1.00 59.07  ? 70   ARG A NE  1 
ATOM   377  C CZ  . ARG A 1 70  ? -10.720 -2.953  1.124   1.00 62.78  ? 70   ARG A CZ  1 
ATOM   378  N NH1 . ARG A 1 70  ? -11.812 -2.612  1.795   1.00 65.39  ? 70   ARG A NH1 1 
ATOM   379  N NH2 . ARG A 1 70  ? -9.661  -2.157  1.142   1.00 64.98  ? 70   ARG A NH2 1 
ATOM   380  N N   . LYS A 1 71  ? -10.679 -10.348 -0.105  1.00 22.73  ? 71   LYS A N   1 
ATOM   381  C CA  . LYS A 1 71  ? -11.633 -11.448 -0.040  1.00 26.57  ? 71   LYS A CA  1 
ATOM   382  C C   . LYS A 1 71  ? -12.536 -11.250 1.170   1.00 28.41  ? 71   LYS A C   1 
ATOM   383  O O   . LYS A 1 71  ? -12.058 -11.216 2.305   1.00 28.86  ? 71   LYS A O   1 
ATOM   384  C CB  . LYS A 1 71  ? -10.891 -12.781 0.092   1.00 29.50  ? 71   LYS A CB  1 
ATOM   385  C CG  . LYS A 1 71  ? -11.795 -13.968 0.370   1.00 32.60  ? 71   LYS A CG  1 
ATOM   386  C CD  . LYS A 1 71  ? -12.217 -14.675 -0.903  1.00 34.53  ? 71   LYS A CD  1 
ATOM   387  C CE  . LYS A 1 71  ? -11.156 -15.668 -1.352  1.00 36.98  ? 71   LYS A CE  1 
ATOM   388  N NZ  . LYS A 1 71  ? -10.947 -16.731 -0.324  1.00 36.23  ? 71   LYS A NZ  1 
ATOM   389  N N   . LEU A 1 72  ? -13.838 -11.113 0.926   1.00 28.40  ? 72   LEU A N   1 
ATOM   390  C CA  . LEU A 1 72  ? -14.809 -10.917 2.001   1.00 30.14  ? 72   LEU A CA  1 
ATOM   391  C C   . LEU A 1 72  ? -15.928 -11.947 1.880   1.00 30.69  ? 72   LEU A C   1 
ATOM   392  O O   . LEU A 1 72  ? -16.612 -12.016 0.859   1.00 31.25  ? 72   LEU A O   1 
ATOM   393  C CB  . LEU A 1 72  ? -15.407 -9.514  1.922   1.00 30.95  ? 72   LEU A CB  1 
ATOM   394  C CG  . LEU A 1 72  ? -14.404 -8.359  1.867   1.00 32.57  ? 72   LEU A CG  1 
ATOM   395  C CD1 . LEU A 1 72  ? -15.151 -7.050  1.680   1.00 32.91  ? 72   LEU A CD1 1 
ATOM   396  C CD2 . LEU A 1 72  ? -13.581 -8.332  3.146   1.00 34.07  ? 72   LEU A CD2 1 
ATOM   397  N N   . ASP A 1 73  ? -16.120 -12.738 2.929   1.00 31.55  ? 73   ASP A N   1 
ATOM   398  C CA  . ASP A 1 73  ? -17.150 -13.773 2.923   1.00 30.08  ? 73   ASP A CA  1 
ATOM   399  C C   . ASP A 1 73  ? -16.973 -14.662 1.689   1.00 27.97  ? 73   ASP A C   1 
ATOM   400  O O   . ASP A 1 73  ? -17.946 -15.016 1.022   1.00 27.92  ? 73   ASP A O   1 
ATOM   401  C CB  . ASP A 1 73  ? -18.549 -13.146 2.909   1.00 32.84  ? 73   ASP A CB  1 
ATOM   402  C CG  . ASP A 1 73  ? -18.742 -12.108 4.002   1.00 37.41  ? 73   ASP A CG  1 
ATOM   403  O OD1 . ASP A 1 73  ? -18.269 -12.338 5.138   1.00 35.53  ? 73   ASP A OD1 1 
ATOM   404  O OD2 . ASP A 1 73  ? -19.380 -11.065 3.724   1.00 37.85  ? 73   ASP A OD2 1 
ATOM   405  N N   . GLY A 1 74  ? -15.721 -15.004 1.391   1.00 25.10  ? 74   GLY A N   1 
ATOM   406  C CA  . GLY A 1 74  ? -15.423 -15.865 0.260   1.00 23.96  ? 74   GLY A CA  1 
ATOM   407  C C   . GLY A 1 74  ? -15.533 -15.206 -1.103  1.00 22.27  ? 74   GLY A C   1 
ATOM   408  O O   . GLY A 1 74  ? -15.269 -15.841 -2.126  1.00 21.71  ? 74   GLY A O   1 
ATOM   409  N N   . ILE A 1 75  ? -15.916 -13.936 -1.130  1.00 19.06  ? 75   ILE A N   1 
ATOM   410  C CA  . ILE A 1 75  ? -16.060 -13.212 -2.390  1.00 17.72  ? 75   ILE A CA  1 
ATOM   411  C C   . ILE A 1 75  ? -14.938 -12.207 -2.623  1.00 15.76  ? 75   ILE A C   1 
ATOM   412  O O   . ILE A 1 75  ? -14.588 -11.449 -1.728  1.00 17.03  ? 75   ILE A O   1 
ATOM   413  C CB  . ILE A 1 75  ? -17.412 -12.478 -2.432  1.00 19.64  ? 75   ILE A CB  1 
ATOM   414  C CG1 . ILE A 1 75  ? -18.548 -13.483 -2.203  1.00 20.35  ? 75   ILE A CG1 1 
ATOM   415  C CG2 . ILE A 1 75  ? -17.592 -11.787 -3.774  1.00 19.77  ? 75   ILE A CG2 1 
ATOM   416  C CD1 . ILE A 1 75  ? -19.919 -12.853 -2.115  1.00 23.82  ? 75   ILE A CD1 1 
ATOM   417  N N   . CYS A 1 76  ? -14.368 -12.195 -3.825  1.00 13.41  ? 76   CYS A N   1 
ATOM   418  C CA  . CYS A 1 76  ? -13.279 -11.255 -4.129  1.00 11.86  ? 76   CYS A CA  1 
ATOM   419  C C   . CYS A 1 76  ? -13.826 -9.921  -4.620  1.00 12.57  ? 76   CYS A C   1 
ATOM   420  O O   . CYS A 1 76  ? -14.644 -9.868  -5.531  1.00 11.46  ? 76   CYS A O   1 
ATOM   421  C CB  . CYS A 1 76  ? -12.352 -11.849 -5.191  1.00 12.90  ? 76   CYS A CB  1 
ATOM   422  S SG  . CYS A 1 76  ? -10.762 -11.018 -5.368  1.00 13.88  ? 76   CYS A SG  1 
ATOM   423  N N   . TRP A 1 77  ? -13.353 -8.851  -3.992  1.00 12.30  ? 77   TRP A N   1 
ATOM   424  C CA  . TRP A 1 77  ? -13.751 -7.510  -4.363  1.00 12.93  ? 77   TRP A CA  1 
ATOM   425  C C   . TRP A 1 77  ? -12.547 -6.768  -4.913  1.00 14.79  ? 77   TRP A C   1 
ATOM   426  O O   . TRP A 1 77  ? -11.457 -6.829  -4.344  1.00 14.09  ? 77   TRP A O   1 
ATOM   427  C CB  . TRP A 1 77  ? -14.307 -6.747  -3.164  1.00 14.23  ? 77   TRP A CB  1 
ATOM   428  C CG  . TRP A 1 77  ? -15.586 -7.303  -2.629  1.00 16.23  ? 77   TRP A CG  1 
ATOM   429  C CD1 . TRP A 1 77  ? -15.731 -8.382  -1.807  1.00 16.90  ? 77   TRP A CD1 1 
ATOM   430  C CD2 . TRP A 1 77  ? -16.902 -6.776  -2.840  1.00 16.70  ? 77   TRP A CD2 1 
ATOM   431  N NE1 . TRP A 1 77  ? -17.060 -8.556  -1.484  1.00 19.55  ? 77   TRP A NE1 1 
ATOM   432  C CE2 . TRP A 1 77  ? -17.799 -7.583  -2.106  1.00 17.72  ? 77   TRP A CE2 1 
ATOM   433  C CE3 . TRP A 1 77  ? -17.411 -5.700  -3.580  1.00 18.99  ? 77   TRP A CE3 1 
ATOM   434  C CZ2 . TRP A 1 77  ? -19.175 -7.344  -2.079  1.00 19.98  ? 77   TRP A CZ2 1 
ATOM   435  C CZ3 . TRP A 1 77  ? -18.785 -5.463  -3.555  1.00 21.33  ? 77   TRP A CZ3 1 
ATOM   436  C CH2 . TRP A 1 77  ? -19.648 -6.284  -2.809  1.00 20.60  ? 77   TRP A CH2 1 
ATOM   437  N N   . GLN A 1 78  ? -12.754 -6.070  -6.023  1.00 11.56  ? 78   GLN A N   1 
ATOM   438  C CA  . GLN A 1 78  ? -11.682 -5.317  -6.646  1.00 12.74  ? 78   GLN A CA  1 
ATOM   439  C C   . GLN A 1 78  ? -11.987 -3.827  -6.694  1.00 13.95  ? 78   GLN A C   1 
ATOM   440  O O   . GLN A 1 78  ? -13.116 -3.414  -6.958  1.00 12.60  ? 78   GLN A O   1 
ATOM   441  C CB  . GLN A 1 78  ? -11.440 -5.820  -8.068  1.00 14.27  ? 78   GLN A CB  1 
ATOM   442  C CG  . GLN A 1 78  ? -10.394 -5.011  -8.834  1.00 12.99  ? 78   GLN A CG  1 
ATOM   443  C CD  . GLN A 1 78  ? -10.303 -5.399  -10.299 1.00 16.14  ? 78   GLN A CD  1 
ATOM   444  O OE1 . GLN A 1 78  ? -11.011 -6.293  -10.760 1.00 15.07  ? 78   GLN A OE1 1 
ATOM   445  N NE2 . GLN A 1 78  ? -9.435  -4.721  -11.041 1.00 15.83  ? 78   GLN A NE2 1 
ATOM   446  N N   . VAL A 1 79  ? -10.972 -3.018  -6.423  1.00 12.39  ? 79   VAL A N   1 
ATOM   447  C CA  . VAL A 1 79  ? -11.118 -1.575  -6.480  1.00 14.61  ? 79   VAL A CA  1 
ATOM   448  C C   . VAL A 1 79  ? -10.036 -1.095  -7.433  1.00 16.30  ? 79   VAL A C   1 
ATOM   449  O O   . VAL A 1 79  ? -8.856  -1.369  -7.221  1.00 17.07  ? 79   VAL A O   1 
ATOM   450  C CB  . VAL A 1 79  ? -10.914 -0.915  -5.099  1.00 16.48  ? 79   VAL A CB  1 
ATOM   451  C CG1 . VAL A 1 79  ? -11.109 0.597   -5.220  1.00 17.84  ? 79   VAL A CG1 1 
ATOM   452  C CG2 . VAL A 1 79  ? -11.894 -1.489  -4.088  1.00 16.01  ? 79   VAL A CG2 1 
ATOM   453  N N   . ARG A 1 80  ? -10.445 -0.413  -8.498  1.00 16.98  ? 80   ARG A N   1 
ATOM   454  C CA  . ARG A 1 80  ? -9.499  0.105   -9.480  1.00 20.13  ? 80   ARG A CA  1 
ATOM   455  C C   . ARG A 1 80  ? -9.306  1.590   -9.218  1.00 20.25  ? 80   ARG A C   1 
ATOM   456  O O   . ARG A 1 80  ? -10.270 2.353   -9.196  1.00 19.10  ? 80   ARG A O   1 
ATOM   457  C CB  . ARG A 1 80  ? -10.020 -0.092  -10.904 1.00 26.90  ? 80   ARG A CB  1 
ATOM   458  C CG  . ARG A 1 80  ? -10.352 -1.532  -11.261 1.00 37.57  ? 80   ARG A CG  1 
ATOM   459  C CD  . ARG A 1 80  ? -10.605 -1.682  -12.756 1.00 45.89  ? 80   ARG A CD  1 
ATOM   460  N NE  . ARG A 1 80  ? -9.410  -1.377  -13.535 1.00 52.97  ? 80   ARG A NE  1 
ATOM   461  C CZ  . ARG A 1 80  ? -9.333  -1.469  -14.859 1.00 56.90  ? 80   ARG A CZ  1 
ATOM   462  N NH1 . ARG A 1 80  ? -10.387 -1.861  -15.564 1.00 59.95  ? 80   ARG A NH1 1 
ATOM   463  N NH2 . ARG A 1 80  ? -8.200  -1.164  -15.481 1.00 57.64  ? 80   ARG A NH2 1 
ATOM   464  N N   . GLN A 1 81  ? -8.056  1.993   -9.025  1.00 17.31  ? 81   GLN A N   1 
ATOM   465  C CA  . GLN A 1 81  ? -7.743  3.380   -8.743  1.00 17.94  ? 81   GLN A CA  1 
ATOM   466  C C   . GLN A 1 81  ? -6.561  3.858   -9.570  1.00 17.00  ? 81   GLN A C   1 
ATOM   467  O O   . GLN A 1 81  ? -5.842  3.067   -10.185 1.00 16.73  ? 81   GLN A O   1 
ATOM   468  C CB  . GLN A 1 81  ? -7.415  3.558   -7.252  1.00 18.59  ? 81   GLN A CB  1 
ATOM   469  C CG  . GLN A 1 81  ? -8.503  3.050   -6.306  1.00 20.39  ? 81   GLN A CG  1 
ATOM   470  C CD  . GLN A 1 81  ? -8.090  3.110   -4.848  1.00 18.37  ? 81   GLN A CD  1 
ATOM   471  O OE1 . GLN A 1 81  ? -7.076  2.533   -4.450  1.00 18.11  ? 81   GLN A OE1 1 
ATOM   472  N NE2 . GLN A 1 81  ? -8.882  3.795   -4.039  1.00 20.88  ? 81   GLN A NE2 1 
ATOM   473  N N   . LEU A 1 82  ? -6.370  5.170   -9.584  1.00 17.23  ? 82   LEU A N   1 
ATOM   474  C CA  . LEU A 1 82  ? -5.255  5.768   -10.296 1.00 15.59  ? 82   LEU A CA  1 
ATOM   475  C C   . LEU A 1 82  ? -4.524  6.653   -9.301  1.00 14.57  ? 82   LEU A C   1 
ATOM   476  O O   . LEU A 1 82  ? -5.120  7.534   -8.681  1.00 16.19  ? 82   LEU A O   1 
ATOM   477  C CB  . LEU A 1 82  ? -5.754  6.606   -11.477 1.00 17.50  ? 82   LEU A CB  1 
ATOM   478  C CG  . LEU A 1 82  ? -4.662  7.280   -12.309 1.00 20.59  ? 82   LEU A CG  1 
ATOM   479  C CD1 . LEU A 1 82  ? -3.761  6.225   -12.933 1.00 21.15  ? 82   LEU A CD1 1 
ATOM   480  C CD2 . LEU A 1 82  ? -5.297  8.148   -13.389 1.00 22.47  ? 82   LEU A CD2 1 
ATOM   481  N N   . TYR A 1 83  ? -3.236  6.387   -9.125  1.00 13.30  ? 83   TYR A N   1 
ATOM   482  C CA  . TYR A 1 83  ? -2.412  7.174   -8.218  1.00 13.49  ? 83   TYR A CA  1 
ATOM   483  C C   . TYR A 1 83  ? -1.546  8.087   -9.076  1.00 13.29  ? 83   TYR A C   1 
ATOM   484  O O   . TYR A 1 83  ? -0.632  7.632   -9.762  1.00 16.40  ? 83   TYR A O   1 
ATOM   485  C CB  . TYR A 1 83  ? -1.551  6.264   -7.334  1.00 12.67  ? 83   TYR A CB  1 
ATOM   486  C CG  . TYR A 1 83  ? -2.355  5.576   -6.242  1.00 12.72  ? 83   TYR A CG  1 
ATOM   487  C CD1 . TYR A 1 83  ? -3.185  4.495   -6.536  1.00 15.83  ? 83   TYR A CD1 1 
ATOM   488  C CD2 . TYR A 1 83  ? -2.362  6.072   -4.940  1.00 14.09  ? 83   TYR A CD2 1 
ATOM   489  C CE1 . TYR A 1 83  ? -4.012  3.928   -5.563  1.00 17.39  ? 83   TYR A CE1 1 
ATOM   490  C CE2 . TYR A 1 83  ? -3.184  5.515   -3.952  1.00 17.10  ? 83   TYR A CE2 1 
ATOM   491  C CZ  . TYR A 1 83  ? -4.008  4.445   -4.274  1.00 17.52  ? 83   TYR A CZ  1 
ATOM   492  O OH  . TYR A 1 83  ? -4.824  3.897   -3.310  1.00 15.56  ? 83   TYR A OH  1 
ATOM   493  N N   . GLY A 1 84  ? -1.852  9.381   -9.043  1.00 13.04  ? 84   GLY A N   1 
ATOM   494  C CA  . GLY A 1 84  ? -1.125  10.332  -9.860  1.00 11.70  ? 84   GLY A CA  1 
ATOM   495  C C   . GLY A 1 84  ? 0.249   10.739  -9.379  1.00 10.29  ? 84   GLY A C   1 
ATOM   496  O O   . GLY A 1 84  ? 0.551   10.697  -8.185  1.00 9.19   ? 84   GLY A O   1 
ATOM   497  N N   . ASP A 1 85  ? 1.081   11.131  -10.338 1.00 12.60  ? 85   ASP A N   1 
ATOM   498  C CA  . ASP A 1 85  ? 2.444   11.577  -10.075 1.00 14.46  ? 85   ASP A CA  1 
ATOM   499  C C   . ASP A 1 85  ? 2.343   12.950  -9.414  1.00 12.71  ? 85   ASP A C   1 
ATOM   500  O O   . ASP A 1 85  ? 1.500   13.758  -9.788  1.00 11.21  ? 85   ASP A O   1 
ATOM   501  C CB  . ASP A 1 85  ? 3.212   11.674  -11.397 1.00 16.11  ? 85   ASP A CB  1 
ATOM   502  C CG  . ASP A 1 85  ? 4.675   12.014  -11.207 1.00 20.82  ? 85   ASP A CG  1 
ATOM   503  O OD1 . ASP A 1 85  ? 4.977   13.114  -10.704 1.00 22.79  ? 85   ASP A OD1 1 
ATOM   504  O OD2 . ASP A 1 85  ? 5.528   11.171  -11.565 1.00 27.64  ? 85   ASP A OD2 1 
ATOM   505  N N   . THR A 1 86  ? 3.206   13.212  -8.437  1.00 12.73  ? 86   THR A N   1 
ATOM   506  C CA  . THR A 1 86  ? 3.174   14.478  -7.707  1.00 13.31  ? 86   THR A CA  1 
ATOM   507  C C   . THR A 1 86  ? 4.378   15.376  -7.933  1.00 13.79  ? 86   THR A C   1 
ATOM   508  O O   . THR A 1 86  ? 4.509   16.403  -7.270  1.00 17.00  ? 86   THR A O   1 
ATOM   509  C CB  . THR A 1 86  ? 3.095   14.235  -6.206  1.00 15.27  ? 86   THR A CB  1 
ATOM   510  O OG1 . THR A 1 86  ? 4.260   13.509  -5.789  1.00 15.39  ? 86   THR A OG1 1 
ATOM   511  C CG2 . THR A 1 86  ? 1.849   13.428  -5.867  1.00 16.78  ? 86   THR A CG2 1 
ATOM   512  N N   . GLY A 1 87  ? 5.265   14.998  -8.844  1.00 14.28  ? 87   GLY A N   1 
ATOM   513  C CA  . GLY A 1 87  ? 6.438   15.822  -9.087  1.00 16.83  ? 87   GLY A CA  1 
ATOM   514  C C   . GLY A 1 87  ? 7.659   15.352  -8.313  1.00 17.15  ? 87   GLY A C   1 
ATOM   515  O O   . GLY A 1 87  ? 8.760   15.874  -8.494  1.00 17.10  ? 87   GLY A O   1 
ATOM   516  N N   . VAL A 1 88  ? 7.458   14.372  -7.436  1.00 15.23  ? 88   VAL A N   1 
ATOM   517  C CA  . VAL A 1 88  ? 8.548   13.799  -6.653  1.00 15.58  ? 88   VAL A CA  1 
ATOM   518  C C   . VAL A 1 88  ? 8.495   12.291  -6.827  1.00 16.30  ? 88   VAL A C   1 
ATOM   519  O O   . VAL A 1 88  ? 7.450   11.672  -6.630  1.00 13.89  ? 88   VAL A O   1 
ATOM   520  C CB  . VAL A 1 88  ? 8.436   14.154  -5.140  1.00 16.48  ? 88   VAL A CB  1 
ATOM   521  C CG1 . VAL A 1 88  ? 9.300   13.205  -4.311  1.00 17.38  ? 88   VAL A CG1 1 
ATOM   522  C CG2 . VAL A 1 88  ? 8.895   15.596  -4.906  1.00 18.22  ? 88   VAL A CG2 1 
ATOM   523  N N   . LEU A 1 89  ? 9.624   11.704  -7.217  1.00 13.99  ? 89   LEU A N   1 
ATOM   524  C CA  . LEU A 1 89  ? 9.689   10.265  -7.419  1.00 14.78  ? 89   LEU A CA  1 
ATOM   525  C C   . LEU A 1 89  ? 9.360   9.528   -6.135  1.00 13.54  ? 89   LEU A C   1 
ATOM   526  O O   . LEU A 1 89  ? 9.881   9.853   -5.064  1.00 14.22  ? 89   LEU A O   1 
ATOM   527  C CB  . LEU A 1 89  ? 11.079  9.852   -7.907  1.00 14.49  ? 89   LEU A CB  1 
ATOM   528  C CG  . LEU A 1 89  ? 11.396  10.155  -9.371  1.00 14.50  ? 89   LEU A CG  1 
ATOM   529  C CD1 . LEU A 1 89  ? 12.890  10.009  -9.598  1.00 17.09  ? 89   LEU A CD1 1 
ATOM   530  C CD2 . LEU A 1 89  ? 10.613  9.214   -10.279 1.00 15.57  ? 89   LEU A CD2 1 
ATOM   531  N N   . GLY A 1 90  ? 8.482   8.543   -6.250  1.00 12.96  ? 90   GLY A N   1 
ATOM   532  C CA  . GLY A 1 90  ? 8.101   7.766   -5.090  1.00 12.15  ? 90   GLY A CA  1 
ATOM   533  C C   . GLY A 1 90  ? 6.924   8.329   -4.318  1.00 11.75  ? 90   GLY A C   1 
ATOM   534  O O   . GLY A 1 90  ? 6.445   7.697   -3.383  1.00 11.23  ? 90   GLY A O   1 
ATOM   535  N N   . ARG A 1 91  ? 6.455   9.515   -4.694  1.00 10.57  ? 91   ARG A N   1 
ATOM   536  C CA  . ARG A 1 91  ? 5.322   10.128  -4.005  1.00 12.61  ? 91   ARG A CA  1 
ATOM   537  C C   . ARG A 1 91  ? 4.123   10.242  -4.939  1.00 12.25  ? 91   ARG A C   1 
ATOM   538  O O   . ARG A 1 91  ? 4.202   10.863  -6.003  1.00 6.78   ? 91   ARG A O   1 
ATOM   539  C CB  . ARG A 1 91  ? 5.704   11.510  -3.481  1.00 16.59  ? 91   ARG A CB  1 
ATOM   540  C CG  . ARG A 1 91  ? 4.591   12.213  -2.722  1.00 25.23  ? 91   ARG A CG  1 
ATOM   541  C CD  . ARG A 1 91  ? 5.013   13.610  -2.305  1.00 33.23  ? 91   ARG A CD  1 
ATOM   542  N NE  . ARG A 1 91  ? 6.211   13.588  -1.475  1.00 40.67  ? 91   ARG A NE  1 
ATOM   543  C CZ  . ARG A 1 91  ? 6.782   14.674  -0.965  1.00 44.76  ? 91   ARG A CZ  1 
ATOM   544  N NH1 . ARG A 1 91  ? 6.258   15.870  -1.201  1.00 45.71  ? 91   ARG A NH1 1 
ATOM   545  N NH2 . ARG A 1 91  ? 7.883   14.565  -0.229  1.00 45.31  ? 91   ARG A NH2 1 
ATOM   546  N N   . PHE A 1 92  ? 3.004   9.653   -4.530  1.00 11.17  ? 92   PHE A N   1 
ATOM   547  C CA  . PHE A 1 92  ? 1.809   9.674   -5.363  1.00 9.01   ? 92   PHE A CA  1 
ATOM   548  C C   . PHE A 1 92  ? 0.578   10.207  -4.635  1.00 8.88   ? 92   PHE A C   1 
ATOM   549  O O   . PHE A 1 92  ? 0.575   10.364  -3.413  1.00 9.71   ? 92   PHE A O   1 
ATOM   550  C CB  . PHE A 1 92  ? 1.521   8.269   -5.898  1.00 11.32  ? 92   PHE A CB  1 
ATOM   551  C CG  . PHE A 1 92  ? 2.689   7.638   -6.606  1.00 11.32  ? 92   PHE A CG  1 
ATOM   552  C CD1 . PHE A 1 92  ? 3.669   6.960   -5.888  1.00 14.03  ? 92   PHE A CD1 1 
ATOM   553  C CD2 . PHE A 1 92  ? 2.819   7.750   -7.983  1.00 13.34  ? 92   PHE A CD2 1 
ATOM   554  C CE1 . PHE A 1 92  ? 4.769   6.399   -6.530  1.00 14.77  ? 92   PHE A CE1 1 
ATOM   555  C CE2 . PHE A 1 92  ? 3.913   7.197   -8.645  1.00 14.12  ? 92   PHE A CE2 1 
ATOM   556  C CZ  . PHE A 1 92  ? 4.892   6.518   -7.920  1.00 15.96  ? 92   PHE A CZ  1 
ATOM   557  N N   . LEU A 1 93  ? -0.473  10.473  -5.401  1.00 10.11  ? 93   LEU A N   1 
ATOM   558  C CA  . LEU A 1 93  ? -1.705  11.001  -4.845  1.00 9.02   ? 93   LEU A CA  1 
ATOM   559  C C   . LEU A 1 93  ? -2.932  10.299  -5.380  1.00 7.60   ? 93   LEU A C   1 
ATOM   560  O O   . LEU A 1 93  ? -3.058  10.091  -6.587  1.00 9.22   ? 93   LEU A O   1 
ATOM   561  C CB  . LEU A 1 93  ? -1.851  12.488  -5.188  1.00 10.66  ? 93   LEU A CB  1 
ATOM   562  C CG  . LEU A 1 93  ? -3.136  13.176  -4.709  1.00 11.63  ? 93   LEU A CG  1 
ATOM   563  C CD1 . LEU A 1 93  ? -3.139  13.267  -3.195  1.00 9.82   ? 93   LEU A CD1 1 
ATOM   564  C CD2 . LEU A 1 93  ? -3.211  14.575  -5.305  1.00 11.69  ? 93   LEU A CD2 1 
ATOM   565  N N   . LEU A 1 94  ? -3.823  9.925   -4.472  1.00 10.15  ? 94   LEU A N   1 
ATOM   566  C CA  . LEU A 1 94  ? -5.096  9.342   -4.851  1.00 12.37  ? 94   LEU A CA  1 
ATOM   567  C C   . LEU A 1 94  ? -5.947  10.564  -4.575  1.00 13.59  ? 94   LEU A C   1 
ATOM   568  O O   . LEU A 1 94  ? -6.171  10.920  -3.413  1.00 14.42  ? 94   LEU A O   1 
ATOM   569  C CB  . LEU A 1 94  ? -5.501  8.216   -3.906  1.00 12.82  ? 94   LEU A CB  1 
ATOM   570  C CG  . LEU A 1 94  ? -6.899  7.638   -4.190  1.00 16.47  ? 94   LEU A CG  1 
ATOM   571  C CD1 . LEU A 1 94  ? -6.906  6.914   -5.534  1.00 16.55  ? 94   LEU A CD1 1 
ATOM   572  C CD2 . LEU A 1 94  ? -7.292  6.673   -3.077  1.00 15.82  ? 94   LEU A CD2 1 
ATOM   573  N N   . GLN A 1 95  ? -6.389  11.230  -5.631  1.00 15.12  ? 95   GLN A N   1 
ATOM   574  C CA  . GLN A 1 95  ? -7.190  12.431  -5.467  1.00 18.07  ? 95   GLN A CA  1 
ATOM   575  C C   . GLN A 1 95  ? -8.499  12.159  -4.757  1.00 20.90  ? 95   GLN A C   1 
ATOM   576  O O   . GLN A 1 95  ? -9.067  11.076  -4.872  1.00 19.94  ? 95   GLN A O   1 
ATOM   577  C CB  . GLN A 1 95  ? -7.461  13.065  -6.828  1.00 18.70  ? 95   GLN A CB  1 
ATOM   578  C CG  . GLN A 1 95  ? -6.243  13.749  -7.412  1.00 16.52  ? 95   GLN A CG  1 
ATOM   579  C CD  . GLN A 1 95  ? -6.418  14.117  -8.862  1.00 19.39  ? 95   GLN A CD  1 
ATOM   580  O OE1 . GLN A 1 95  ? -5.546  14.742  -9.458  1.00 20.15  ? 95   GLN A OE1 1 
ATOM   581  N NE2 . GLN A 1 95  ? -7.545  13.725  -9.443  1.00 17.65  ? 95   GLN A NE2 1 
ATOM   582  N N   . ALA A 1 96  ? -8.969  13.148  -4.008  1.00 25.26  ? 96   ALA A N   1 
ATOM   583  C CA  . ALA A 1 96  ? -10.226 12.997  -3.303  1.00 32.12  ? 96   ALA A CA  1 
ATOM   584  C C   . ALA A 1 96  ? -11.323 12.961  -4.358  1.00 36.42  ? 96   ALA A C   1 
ATOM   585  O O   . ALA A 1 96  ? -11.115 13.397  -5.492  1.00 34.40  ? 96   ALA A O   1 
ATOM   586  C CB  . ALA A 1 96  ? -10.439 14.168  -2.352  1.00 29.77  ? 96   ALA A CB  1 
ATOM   587  N N   . ARG A 1 97  ? -12.480 12.422  -3.985  1.00 42.34  ? 97   ARG A N   1 
ATOM   588  C CA  . ARG A 1 97  ? -13.626 12.334  -4.888  1.00 49.37  ? 97   ARG A CA  1 
ATOM   589  C C   . ARG A 1 97  ? -14.886 11.910  -4.144  1.00 52.47  ? 97   ARG A C   1 
ATOM   590  O O   . ARG A 1 97  ? -15.045 10.742  -3.787  1.00 53.24  ? 97   ARG A O   1 
ATOM   591  C CB  . ARG A 1 97  ? -13.348 11.348  -6.026  1.00 51.27  ? 97   ARG A CB  1 
ATOM   592  C CG  . ARG A 1 97  ? -12.813 9.993   -5.587  1.00 54.93  ? 97   ARG A CG  1 
ATOM   593  C CD  . ARG A 1 97  ? -12.827 9.021   -6.755  1.00 57.86  ? 97   ARG A CD  1 
ATOM   594  N NE  . ARG A 1 97  ? -14.190 8.657   -7.129  1.00 62.70  ? 97   ARG A NE  1 
ATOM   595  C CZ  . ARG A 1 97  ? -14.528 8.084   -8.281  1.00 64.56  ? 97   ARG A CZ  1 
ATOM   596  N NH1 . ARG A 1 97  ? -13.601 7.808   -9.188  1.00 63.62  ? 97   ARG A NH1 1 
ATOM   597  N NH2 . ARG A 1 97  ? -15.795 7.774   -8.522  1.00 66.62  ? 97   ARG A NH2 1 
ATOM   598  N N   . GLY A 1 98  ? -15.783 12.865  -3.919  1.00 55.01  ? 98   GLY A N   1 
ATOM   599  C CA  . GLY A 1 98  ? -17.017 12.573  -3.215  1.00 57.55  ? 98   GLY A CA  1 
ATOM   600  C C   . GLY A 1 98  ? -16.789 12.497  -1.719  1.00 59.69  ? 98   GLY A C   1 
ATOM   601  O O   . GLY A 1 98  ? -16.320 13.457  -1.105  1.00 61.26  ? 98   GLY A O   1 
ATOM   602  N N   . ALA A 1 99  ? -17.119 11.353  -1.129  1.00 61.13  ? 99   ALA A N   1 
ATOM   603  C CA  . ALA A 1 99  ? -16.939 11.145  0.302   1.00 61.78  ? 99   ALA A CA  1 
ATOM   604  C C   . ALA A 1 99  ? -15.500 10.725  0.578   1.00 61.89  ? 99   ALA A C   1 
ATOM   605  O O   . ALA A 1 99  ? -14.992 10.903  1.685   1.00 61.99  ? 99   ALA A O   1 
ATOM   606  C CB  . ALA A 1 99  ? -17.901 10.073  0.798   1.00 62.52  ? 99   ALA A CB  1 
ATOM   607  N N   . ARG A 1 100 ? -14.849 10.174  -0.441  1.00 61.05  ? 100  ARG A N   1 
ATOM   608  C CA  . ARG A 1 100 ? -13.467 9.727   -0.318  1.00 60.07  ? 100  ARG A CA  1 
ATOM   609  C C   . ARG A 1 100 ? -12.504 10.901  -0.190  1.00 55.25  ? 100  ARG A C   1 
ATOM   610  O O   . ARG A 1 100 ? -12.457 11.777  -1.055  1.00 55.75  ? 100  ARG A O   1 
ATOM   611  C CB  . ARG A 1 100 ? -13.067 8.885   -1.533  1.00 65.45  ? 100  ARG A CB  1 
ATOM   612  C CG  . ARG A 1 100 ? -13.930 7.659   -1.763  1.00 72.11  ? 100  ARG A CG  1 
ATOM   613  C CD  . ARG A 1 100 ? -13.415 6.850   -2.944  1.00 78.41  ? 100  ARG A CD  1 
ATOM   614  N NE  . ARG A 1 100 ? -12.087 6.292   -2.689  1.00 84.62  ? 100  ARG A NE  1 
ATOM   615  C CZ  . ARG A 1 100 ? -11.835 5.368   -1.768  1.00 87.98  ? 100  ARG A CZ  1 
ATOM   616  N NH1 . ARG A 1 100 ? -12.820 4.898   -1.014  1.00 89.63  ? 100  ARG A NH1 1 
ATOM   617  N NH2 . ARG A 1 100 ? -10.601 4.911   -1.598  1.00 91.76  ? 100  ARG A NH2 1 
ATOM   618  N N   . GLY A 1 101 ? -11.741 10.916  0.896   1.00 48.79  ? 101  GLY A N   1 
ATOM   619  C CA  . GLY A 1 101 ? -10.774 11.976  1.097   1.00 41.24  ? 101  GLY A CA  1 
ATOM   620  C C   . GLY A 1 101 ? -9.519  11.644  0.314   1.00 35.31  ? 101  GLY A C   1 
ATOM   621  O O   . GLY A 1 101 ? -9.314  10.495  -0.071  1.00 33.91  ? 101  GLY A O   1 
ATOM   622  N N   . ALA A 1 102 ? -8.680  12.640  0.065   1.00 29.57  ? 102  ALA A N   1 
ATOM   623  C CA  . ALA A 1 102 ? -7.451  12.406  -0.684  1.00 25.10  ? 102  ALA A CA  1 
ATOM   624  C C   . ALA A 1 102 ? -6.510  11.515  0.117   1.00 21.78  ? 102  ALA A C   1 
ATOM   625  O O   . ALA A 1 102 ? -6.489  11.566  1.346   1.00 20.92  ? 102  ALA A O   1 
ATOM   626  C CB  . ALA A 1 102 ? -6.770  13.733  -0.994  1.00 23.44  ? 102  ALA A CB  1 
ATOM   627  N N   . VAL A 1 103 ? -5.736  10.697  -0.583  1.00 17.83  ? 103  VAL A N   1 
ATOM   628  C CA  . VAL A 1 103 ? -4.786  9.823   0.081   1.00 15.21  ? 103  VAL A CA  1 
ATOM   629  C C   . VAL A 1 103 ? -3.400  10.018  -0.519  1.00 14.03  ? 103  VAL A C   1 
ATOM   630  O O   . VAL A 1 103 ? -3.193  9.786   -1.707  1.00 14.03  ? 103  VAL A O   1 
ATOM   631  C CB  . VAL A 1 103 ? -5.186  8.336   -0.042  1.00 14.42  ? 103  VAL A CB  1 
ATOM   632  C CG1 . VAL A 1 103 ? -4.182  7.470   0.712   1.00 14.61  ? 103  VAL A CG1 1 
ATOM   633  C CG2 . VAL A 1 103 ? -6.588  8.120   0.533   1.00 16.33  ? 103  VAL A CG2 1 
ATOM   634  N N   . HIS A 1 104 ? -2.462  10.459  0.311   1.00 13.34  ? 104  HIS A N   1 
ATOM   635  C CA  . HIS A 1 104 ? -1.084  10.686  -0.114  1.00 13.52  ? 104  HIS A CA  1 
ATOM   636  C C   . HIS A 1 104 ? -0.309  9.402   0.128   1.00 13.64  ? 104  HIS A C   1 
ATOM   637  O O   . HIS A 1 104 ? -0.456  8.764   1.177   1.00 11.61  ? 104  HIS A O   1 
ATOM   638  C CB  . HIS A 1 104 ? -0.480  11.829  0.694   1.00 16.51  ? 104  HIS A CB  1 
ATOM   639  C CG  . HIS A 1 104 ? -1.139  13.151  0.443   1.00 17.82  ? 104  HIS A CG  1 
ATOM   640  N ND1 . HIS A 1 104 ? -0.748  13.991  -0.574  1.00 18.98  ? 104  HIS A ND1 1 
ATOM   641  C CD2 . HIS A 1 104 ? -2.201  13.745  1.037   1.00 21.85  ? 104  HIS A CD2 1 
ATOM   642  C CE1 . HIS A 1 104 ? -1.543  15.048  -0.601  1.00 21.80  ? 104  HIS A CE1 1 
ATOM   643  N NE2 . HIS A 1 104 ? -2.433  14.922  0.365   1.00 21.69  ? 104  HIS A NE2 1 
ATOM   644  N N   . VAL A 1 105 ? 0.513   9.026   -0.844  1.00 12.90  ? 105  VAL A N   1 
ATOM   645  C CA  . VAL A 1 105 ? 1.286   7.792   -0.759  1.00 11.55  ? 105  VAL A CA  1 
ATOM   646  C C   . VAL A 1 105 ? 2.761   8.014   -1.037  1.00 11.38  ? 105  VAL A C   1 
ATOM   647  O O   . VAL A 1 105 ? 3.125   8.738   -1.954  1.00 12.54  ? 105  VAL A O   1 
ATOM   648  C CB  . VAL A 1 105 ? 0.764   6.757   -1.777  1.00 11.65  ? 105  VAL A CB  1 
ATOM   649  C CG1 . VAL A 1 105 ? 1.602   5.480   -1.713  1.00 12.58  ? 105  VAL A CG1 1 
ATOM   650  C CG2 . VAL A 1 105 ? -0.694  6.460   -1.487  1.00 13.42  ? 105  VAL A CG2 1 
ATOM   651  N N   . VAL A 1 106 ? 3.607   7.386   -0.236  1.00 10.61  ? 106  VAL A N   1 
ATOM   652  C CA  . VAL A 1 106 ? 5.037   7.491   -0.437  1.00 10.17  ? 106  VAL A CA  1 
ATOM   653  C C   . VAL A 1 106 ? 5.641   6.104   -0.371  1.00 10.35  ? 106  VAL A C   1 
ATOM   654  O O   . VAL A 1 106 ? 5.387   5.357   0.570   1.00 8.98   ? 106  VAL A O   1 
ATOM   655  C CB  . VAL A 1 106 ? 5.711   8.365   0.639   1.00 11.22  ? 106  VAL A CB  1 
ATOM   656  C CG1 . VAL A 1 106 ? 7.224   8.208   0.550   1.00 13.07  ? 106  VAL A CG1 1 
ATOM   657  C CG2 . VAL A 1 106 ? 5.327   9.826   0.448   1.00 13.63  ? 106  VAL A CG2 1 
ATOM   658  N N   . VAL A 1 107 ? 6.405   5.742   -1.393  1.00 8.56   ? 107  VAL A N   1 
ATOM   659  C CA  . VAL A 1 107 ? 7.062   4.452   -1.375  1.00 10.87  ? 107  VAL A CA  1 
ATOM   660  C C   . VAL A 1 107 ? 8.409   4.760   -0.755  1.00 11.56  ? 107  VAL A C   1 
ATOM   661  O O   . VAL A 1 107 ? 9.207   5.508   -1.328  1.00 12.70  ? 107  VAL A O   1 
ATOM   662  C CB  . VAL A 1 107 ? 7.278   3.874   -2.787  1.00 9.72   ? 107  VAL A CB  1 
ATOM   663  C CG1 . VAL A 1 107 ? 8.110   2.597   -2.697  1.00 10.20  ? 107  VAL A CG1 1 
ATOM   664  C CG2 . VAL A 1 107 ? 5.933   3.566   -3.438  1.00 10.79  ? 107  VAL A CG2 1 
ATOM   665  N N   . ALA A 1 108 ? 8.637   4.222   0.436   1.00 10.50  ? 108  ALA A N   1 
ATOM   666  C CA  . ALA A 1 108 ? 9.892   4.437   1.134   1.00 14.72  ? 108  ALA A CA  1 
ATOM   667  C C   . ALA A 1 108 ? 10.840  3.281   0.807   1.00 14.29  ? 108  ALA A C   1 
ATOM   668  O O   . ALA A 1 108 ? 11.168  3.068   -0.354  1.00 22.79  ? 108  ALA A O   1 
ATOM   669  C CB  . ALA A 1 108 ? 9.633   4.537   2.634   1.00 11.71  ? 108  ALA A CB  1 
ATOM   670  N N   . GLU A 1 109 ? 11.277  2.525   1.804   1.00 18.89  ? 109  GLU A N   1 
ATOM   671  C CA  . GLU A 1 109 ? 12.194  1.427   1.523   1.00 17.24  ? 109  GLU A CA  1 
ATOM   672  C C   . GLU A 1 109 ? 11.583  0.344   0.612   1.00 17.07  ? 109  GLU A C   1 
ATOM   673  O O   . GLU A 1 109 ? 10.416  -0.016  0.750   1.00 13.91  ? 109  GLU A O   1 
ATOM   674  C CB  . GLU A 1 109 ? 12.674  0.783   2.832   1.00 19.66  ? 109  GLU A CB  1 
ATOM   675  C CG  . GLU A 1 109 ? 13.584  1.647   3.713   1.00 23.30  ? 109  GLU A CG  1 
ATOM   676  C CD  . GLU A 1 109 ? 12.841  2.416   4.787   1.00 23.98  ? 109  GLU A CD  1 
ATOM   677  O OE1 . GLU A 1 109 ? 13.496  3.161   5.538   1.00 27.74  ? 109  GLU A OE1 1 
ATOM   678  O OE2 . GLU A 1 109 ? 11.606  2.287   4.894   1.00 24.31  ? 109  GLU A OE2 1 
ATOM   679  N N   . THR A 1 110 ? 12.384  -0.150  -0.330  1.00 16.49  ? 110  THR A N   1 
ATOM   680  C CA  . THR A 1 110 ? 11.978  -1.222  -1.237  1.00 13.80  ? 110  THR A CA  1 
ATOM   681  C C   . THR A 1 110 ? 13.133  -1.692  -2.107  1.00 14.99  ? 110  THR A C   1 
ATOM   682  O O   . THR A 1 110 ? 13.968  -0.897  -2.538  1.00 14.39  ? 110  THR A O   1 
ATOM   683  C CB  . THR A 1 110 ? 10.807  -0.824  -2.176  1.00 12.23  ? 110  THR A CB  1 
ATOM   684  O OG1 . THR A 1 110 ? 10.429  -1.961  -2.962  1.00 11.62  ? 110  THR A OG1 1 
ATOM   685  C CG2 . THR A 1 110 ? 11.219  0.302   -3.125  1.00 15.01  ? 110  THR A CG2 1 
ATOM   686  N N   . ASP A 1 111 ? 13.183  -2.998  -2.347  1.00 11.81  ? 111  ASP A N   1 
ATOM   687  C CA  . ASP A 1 111 ? 14.216  -3.572  -3.201  1.00 13.14  ? 111  ASP A CA  1 
ATOM   688  C C   . ASP A 1 111 ? 13.549  -4.084  -4.483  1.00 13.53  ? 111  ASP A C   1 
ATOM   689  O O   . ASP A 1 111 ? 14.177  -4.737  -5.313  1.00 13.86  ? 111  ASP A O   1 
ATOM   690  C CB  . ASP A 1 111 ? 14.949  -4.708  -2.471  1.00 13.34  ? 111  ASP A CB  1 
ATOM   691  C CG  . ASP A 1 111 ? 14.039  -5.872  -2.122  1.00 13.43  ? 111  ASP A CG  1 
ATOM   692  O OD1 . ASP A 1 111 ? 14.552  -6.905  -1.629  1.00 12.87  ? 111  ASP A OD1 1 
ATOM   693  O OD2 . ASP A 1 111 ? 12.813  -5.765  -2.336  1.00 12.17  ? 111  ASP A OD2 1 
ATOM   694  N N   . TYR A 1 112 ? 12.266  -3.757  -4.633  1.00 10.71  ? 112  TYR A N   1 
ATOM   695  C CA  . TYR A 1 112 ? 11.460  -4.151  -5.790  1.00 12.52  ? 112  TYR A CA  1 
ATOM   696  C C   . TYR A 1 112 ? 11.287  -5.656  -5.962  1.00 13.61  ? 112  TYR A C   1 
ATOM   697  O O   . TYR A 1 112 ? 10.290  -6.102  -6.528  1.00 14.28  ? 112  TYR A O   1 
ATOM   698  C CB  . TYR A 1 112 ? 12.062  -3.612  -7.093  1.00 12.33  ? 112  TYR A CB  1 
ATOM   699  C CG  . TYR A 1 112 ? 12.343  -2.131  -7.110  1.00 12.42  ? 112  TYR A CG  1 
ATOM   700  C CD1 . TYR A 1 112 ? 13.643  -1.653  -6.992  1.00 11.69  ? 112  TYR A CD1 1 
ATOM   701  C CD2 . TYR A 1 112 ? 11.309  -1.210  -7.252  1.00 10.48  ? 112  TYR A CD2 1 
ATOM   702  C CE1 . TYR A 1 112 ? 13.914  -0.288  -7.018  1.00 13.98  ? 112  TYR A CE1 1 
ATOM   703  C CE2 . TYR A 1 112 ? 11.562  0.152   -7.278  1.00 9.57   ? 112  TYR A CE2 1 
ATOM   704  C CZ  . TYR A 1 112 ? 12.865  0.606   -7.162  1.00 13.58  ? 112  TYR A CZ  1 
ATOM   705  O OH  . TYR A 1 112 ? 13.108  1.954   -7.187  1.00 13.47  ? 112  TYR A OH  1 
ATOM   706  N N   . GLN A 1 113 ? 12.254  -6.430  -5.478  1.00 15.68  ? 113  GLN A N   1 
ATOM   707  C CA  . GLN A 1 113 ? 12.232  -7.879  -5.641  1.00 13.34  ? 113  GLN A CA  1 
ATOM   708  C C   . GLN A 1 113 ? 11.658  -8.708  -4.499  1.00 12.97  ? 113  GLN A C   1 
ATOM   709  O O   . GLN A 1 113 ? 11.383  -9.891  -4.688  1.00 10.57  ? 113  GLN A O   1 
ATOM   710  C CB  . GLN A 1 113 ? 13.650  -8.377  -5.939  1.00 17.24  ? 113  GLN A CB  1 
ATOM   711  C CG  . GLN A 1 113 ? 14.391  -7.546  -6.975  1.00 21.15  ? 113  GLN A CG  1 
ATOM   712  C CD  . GLN A 1 113 ? 15.796  -8.056  -7.222  1.00 25.32  ? 113  GLN A CD  1 
ATOM   713  O OE1 . GLN A 1 113 ? 16.549  -8.309  -6.280  1.00 25.97  ? 113  GLN A OE1 1 
ATOM   714  N NE2 . GLN A 1 113 ? 16.160  -8.204  -8.492  1.00 30.11  ? 113  GLN A NE2 1 
ATOM   715  N N   . SER A 1 114 ? 11.466  -8.109  -3.327  1.00 10.45  ? 114  SER A N   1 
ATOM   716  C CA  . SER A 1 114 ? 10.942  -8.866  -2.201  1.00 10.50  ? 114  SER A CA  1 
ATOM   717  C C   . SER A 1 114 ? 10.025  -8.090  -1.254  1.00 9.35   ? 114  SER A C   1 
ATOM   718  O O   . SER A 1 114 ? 9.041   -8.647  -0.760  1.00 10.15  ? 114  SER A O   1 
ATOM   719  C CB  . SER A 1 114 ? 12.096  -9.466  -1.384  1.00 11.94  ? 114  SER A CB  1 
ATOM   720  O OG  . SER A 1 114 ? 12.779  -8.480  -0.632  1.00 15.21  ? 114  SER A OG  1 
ATOM   721  N N   . PHE A 1 115 ? 10.326  -6.819  -1.005  1.00 10.20  ? 115  PHE A N   1 
ATOM   722  C CA  . PHE A 1 115 ? 9.520   -6.049  -0.056  1.00 6.87   ? 115  PHE A CA  1 
ATOM   723  C C   . PHE A 1 115 ? 9.351   -4.587  -0.427  1.00 7.63   ? 115  PHE A C   1 
ATOM   724  O O   . PHE A 1 115 ? 10.098  -4.053  -1.243  1.00 9.37   ? 115  PHE A O   1 
ATOM   725  C CB  . PHE A 1 115 ? 10.175  -6.111  1.337   1.00 9.44   ? 115  PHE A CB  1 
ATOM   726  C CG  . PHE A 1 115 ? 11.314  -5.127  1.517   1.00 9.90   ? 115  PHE A CG  1 
ATOM   727  C CD1 . PHE A 1 115 ? 11.082  -3.866  2.064   1.00 11.03  ? 115  PHE A CD1 1 
ATOM   728  C CD2 . PHE A 1 115 ? 12.608  -5.447  1.101   1.00 11.38  ? 115  PHE A CD2 1 
ATOM   729  C CE1 . PHE A 1 115 ? 12.119  -2.938  2.193   1.00 11.64  ? 115  PHE A CE1 1 
ATOM   730  C CE2 . PHE A 1 115 ? 13.652  -4.526  1.224   1.00 13.17  ? 115  PHE A CE2 1 
ATOM   731  C CZ  . PHE A 1 115 ? 13.407  -3.275  1.770   1.00 11.75  ? 115  PHE A CZ  1 
ATOM   732  N N   . ALA A 1 116 ? 8.379   -3.941  0.214   1.00 6.41   ? 116  ALA A N   1 
ATOM   733  C CA  . ALA A 1 116 ? 8.126   -2.525  -0.001  1.00 6.07   ? 116  ALA A CA  1 
ATOM   734  C C   . ALA A 1 116 ? 7.452   -1.966  1.240   1.00 6.31   ? 116  ALA A C   1 
ATOM   735  O O   . ALA A 1 116 ? 6.521   -2.574  1.758   1.00 6.01   ? 116  ALA A O   1 
ATOM   736  C CB  . ALA A 1 116 ? 7.204   -2.323  -1.205  1.00 7.14   ? 116  ALA A CB  1 
ATOM   737  N N   . VAL A 1 117 ? 7.928   -0.818  1.711   1.00 6.06   ? 117  VAL A N   1 
ATOM   738  C CA  . VAL A 1 117 ? 7.335   -0.156  2.857   1.00 6.58   ? 117  VAL A CA  1 
ATOM   739  C C   . VAL A 1 117 ? 6.689   1.112   2.305   1.00 8.71   ? 117  VAL A C   1 
ATOM   740  O O   . VAL A 1 117 ? 7.365   1.980   1.733   1.00 7.19   ? 117  VAL A O   1 
ATOM   741  C CB  . VAL A 1 117 ? 8.405   0.230   3.906   1.00 6.02   ? 117  VAL A CB  1 
ATOM   742  C CG1 . VAL A 1 117 ? 7.782   1.059   5.035   1.00 9.01   ? 117  VAL A CG1 1 
ATOM   743  C CG2 . VAL A 1 117 ? 9.040   -1.030  4.460   1.00 7.01   ? 117  VAL A CG2 1 
ATOM   744  N N   . LEU A 1 118 ? 5.374   1.198   2.449   1.00 9.58   ? 118  LEU A N   1 
ATOM   745  C CA  . LEU A 1 118 ? 4.627   2.356   1.972   1.00 10.93  ? 118  LEU A CA  1 
ATOM   746  C C   . LEU A 1 118 ? 4.003   3.141   3.124   1.00 11.42  ? 118  LEU A C   1 
ATOM   747  O O   . LEU A 1 118 ? 3.599   2.573   4.136   1.00 11.69  ? 118  LEU A O   1 
ATOM   748  C CB  . LEU A 1 118 ? 3.511   1.897   1.017   1.00 13.03  ? 118  LEU A CB  1 
ATOM   749  C CG  . LEU A 1 118 ? 3.837   1.693   -0.470  1.00 16.35  ? 118  LEU A CG  1 
ATOM   750  C CD1 . LEU A 1 118 ? 4.908   0.636   -0.639  1.00 19.32  ? 118  LEU A CD1 1 
ATOM   751  C CD2 . LEU A 1 118 ? 2.568   1.288   -1.216  1.00 19.38  ? 118  LEU A CD2 1 
ATOM   752  N N   . TYR A 1 119 ? 3.956   4.457   2.967   1.00 7.45   ? 119  TYR A N   1 
ATOM   753  C CA  . TYR A 1 119 ? 3.329   5.314   3.953   1.00 9.80   ? 119  TYR A CA  1 
ATOM   754  C C   . TYR A 1 119 ? 2.095   5.927   3.292   1.00 11.17  ? 119  TYR A C   1 
ATOM   755  O O   . TYR A 1 119 ? 2.118   6.282   2.111   1.00 7.08   ? 119  TYR A O   1 
ATOM   756  C CB  . TYR A 1 119 ? 4.281   6.421   4.417   1.00 9.24   ? 119  TYR A CB  1 
ATOM   757  C CG  . TYR A 1 119 ? 5.413   5.954   5.299   1.00 9.51   ? 119  TYR A CG  1 
ATOM   758  C CD1 . TYR A 1 119 ? 6.547   5.357   4.752   1.00 9.12   ? 119  TYR A CD1 1 
ATOM   759  C CD2 . TYR A 1 119 ? 5.372   6.150   6.683   1.00 10.01  ? 119  TYR A CD2 1 
ATOM   760  C CE1 . TYR A 1 119 ? 7.619   4.972   5.554   1.00 8.75   ? 119  TYR A CE1 1 
ATOM   761  C CE2 . TYR A 1 119 ? 6.446   5.766   7.490   1.00 11.49  ? 119  TYR A CE2 1 
ATOM   762  C CZ  . TYR A 1 119 ? 7.563   5.181   6.912   1.00 10.28  ? 119  TYR A CZ  1 
ATOM   763  O OH  . TYR A 1 119 ? 8.637   4.822   7.697   1.00 12.01  ? 119  TYR A OH  1 
ATOM   764  N N   . LEU A 1 120 ? 1.006   6.007   4.045   1.00 10.05  ? 120  LEU A N   1 
ATOM   765  C CA  . LEU A 1 120 ? -0.219  6.590   3.532   1.00 12.98  ? 120  LEU A CA  1 
ATOM   766  C C   . LEU A 1 120 ? -0.701  7.625   4.519   1.00 14.52  ? 120  LEU A C   1 
ATOM   767  O O   . LEU A 1 120 ? -0.585  7.443   5.732   1.00 13.90  ? 120  LEU A O   1 
ATOM   768  C CB  . LEU A 1 120 ? -1.316  5.540   3.366   1.00 12.69  ? 120  LEU A CB  1 
ATOM   769  C CG  . LEU A 1 120 ? -1.246  4.560   2.194   1.00 17.30  ? 120  LEU A CG  1 
ATOM   770  C CD1 . LEU A 1 120 ? -0.148  3.544   2.432   1.00 18.36  ? 120  LEU A CD1 1 
ATOM   771  C CD2 . LEU A 1 120 ? -2.596  3.858   2.061   1.00 20.88  ? 120  LEU A CD2 1 
ATOM   772  N N   . GLU A 1 121 ? -1.243  8.717   4.000   1.00 13.79  ? 121  GLU A N   1 
ATOM   773  C CA  . GLU A 1 121 ? -1.763  9.753   4.868   1.00 16.33  ? 121  GLU A CA  1 
ATOM   774  C C   . GLU A 1 121 ? -3.112  10.233  4.362   1.00 19.36  ? 121  GLU A C   1 
ATOM   775  O O   . GLU A 1 121 ? -3.285  10.499  3.175   1.00 17.35  ? 121  GLU A O   1 
ATOM   776  C CB  . GLU A 1 121 ? -0.793  10.931  4.961   1.00 18.72  ? 121  GLU A CB  1 
ATOM   777  C CG  . GLU A 1 121 ? -1.244  12.015  5.940   1.00 21.15  ? 121  GLU A CG  1 
ATOM   778  C CD  . GLU A 1 121 ? -0.259  13.156  6.030   1.00 23.07  ? 121  GLU A CD  1 
ATOM   779  O OE1 . GLU A 1 121 ? 0.877   12.924  6.496   1.00 25.46  ? 121  GLU A OE1 1 
ATOM   780  O OE2 . GLU A 1 121 ? -0.620  14.283  5.627   1.00 26.34  ? 121  GLU A OE2 1 
ATOM   781  N N   . ARG A 1 122 ? -4.065  10.321  5.279   1.00 21.09  ? 122  ARG A N   1 
ATOM   782  C CA  . ARG A 1 122 ? -5.410  10.783  4.968   1.00 26.27  ? 122  ARG A CA  1 
ATOM   783  C C   . ARG A 1 122 ? -5.885  11.610  6.156   1.00 27.69  ? 122  ARG A C   1 
ATOM   784  O O   . ARG A 1 122 ? -5.875  11.136  7.293   1.00 27.72  ? 122  ARG A O   1 
ATOM   785  C CB  . ARG A 1 122 ? -6.352  9.597   4.755   1.00 29.52  ? 122  ARG A CB  1 
ATOM   786  C CG  . ARG A 1 122 ? -7.759  9.987   4.325   1.00 36.76  ? 122  ARG A CG  1 
ATOM   787  C CD  . ARG A 1 122 ? -8.680  8.780   4.325   1.00 41.58  ? 122  ARG A CD  1 
ATOM   788  N NE  . ARG A 1 122 ? -8.103  7.661   3.590   1.00 47.89  ? 122  ARG A NE  1 
ATOM   789  C CZ  . ARG A 1 122 ? -8.641  6.448   3.527   1.00 49.96  ? 122  ARG A CZ  1 
ATOM   790  N NH1 . ARG A 1 122 ? -9.779  6.196   4.159   1.00 49.86  ? 122  ARG A NH1 1 
ATOM   791  N NH2 . ARG A 1 122 ? -8.037  5.484   2.844   1.00 50.26  ? 122  ARG A NH2 1 
ATOM   792  N N   . ALA A 1 123 ? -6.280  12.851  5.891   1.00 27.83  ? 123  ALA A N   1 
ATOM   793  C CA  . ALA A 1 123 ? -6.756  13.752  6.932   1.00 28.10  ? 123  ALA A CA  1 
ATOM   794  C C   . ALA A 1 123 ? -5.703  13.986  8.013   1.00 27.90  ? 123  ALA A C   1 
ATOM   795  O O   . ALA A 1 123 ? -6.032  14.142  9.191   1.00 28.10  ? 123  ALA A O   1 
ATOM   796  C CB  . ALA A 1 123 ? -8.036  13.202  7.553   1.00 28.26  ? 123  ALA A CB  1 
ATOM   797  N N   . GLY A 1 124 ? -4.437  14.000  7.605   1.00 25.95  ? 124  GLY A N   1 
ATOM   798  C CA  . GLY A 1 124 ? -3.350  14.232  8.542   1.00 27.18  ? 124  GLY A CA  1 
ATOM   799  C C   . GLY A 1 124 ? -2.914  13.024  9.347   1.00 25.50  ? 124  GLY A C   1 
ATOM   800  O O   . GLY A 1 124 ? -1.983  13.121  10.148  1.00 27.55  ? 124  GLY A O   1 
ATOM   801  N N   . GLN A 1 125 ? -3.574  11.889  9.142   1.00 25.42  ? 125  GLN A N   1 
ATOM   802  C CA  . GLN A 1 125 ? -3.236  10.664  9.870   1.00 24.51  ? 125  GLN A CA  1 
ATOM   803  C C   . GLN A 1 125 ? -2.320  9.761   9.044   1.00 22.95  ? 125  GLN A C   1 
ATOM   804  O O   . GLN A 1 125 ? -2.691  9.313   7.962   1.00 21.82  ? 125  GLN A O   1 
ATOM   805  C CB  . GLN A 1 125 ? -4.512  9.905   10.240  1.00 25.47  ? 125  GLN A CB  1 
ATOM   806  C CG  . GLN A 1 125 ? -5.461  10.710  11.112  1.00 30.19  ? 125  GLN A CG  1 
ATOM   807  C CD  . GLN A 1 125 ? -4.783  11.247  12.359  1.00 32.69  ? 125  GLN A CD  1 
ATOM   808  O OE1 . GLN A 1 125 ? -4.303  10.483  13.197  1.00 34.33  ? 125  GLN A OE1 1 
ATOM   809  N NE2 . GLN A 1 125 ? -4.735  12.567  12.484  1.00 35.33  ? 125  GLN A NE2 1 
ATOM   810  N N   . LEU A 1 126 ? -1.132  9.495   9.575   1.00 22.13  ? 126  LEU A N   1 
ATOM   811  C CA  . LEU A 1 126 ? -0.138  8.674   8.902   1.00 20.08  ? 126  LEU A CA  1 
ATOM   812  C C   . LEU A 1 126 ? -0.233  7.188   9.243   1.00 20.41  ? 126  LEU A C   1 
ATOM   813  O O   . LEU A 1 126 ? -0.436  6.813   10.398  1.00 19.64  ? 126  LEU A O   1 
ATOM   814  C CB  . LEU A 1 126 ? 1.267   9.174   9.253   1.00 20.67  ? 126  LEU A CB  1 
ATOM   815  C CG  . LEU A 1 126 ? 2.438   8.536   8.498   1.00 19.08  ? 126  LEU A CG  1 
ATOM   816  C CD1 . LEU A 1 126 ? 2.370   8.968   7.040   1.00 18.92  ? 126  LEU A CD1 1 
ATOM   817  C CD2 . LEU A 1 126 ? 3.771   8.968   9.109   1.00 20.06  ? 126  LEU A CD2 1 
ATOM   818  N N   . SER A 1 127 ? -0.087  6.348   8.223   1.00 17.63  ? 127  SER A N   1 
ATOM   819  C CA  . SER A 1 127 ? -0.124  4.900   8.397   1.00 14.80  ? 127  SER A CA  1 
ATOM   820  C C   . SER A 1 127 ? 1.051   4.305   7.637   1.00 12.70  ? 127  SER A C   1 
ATOM   821  O O   . SER A 1 127 ? 1.592   4.934   6.728   1.00 13.90  ? 127  SER A O   1 
ATOM   822  C CB  . SER A 1 127 ? -1.436  4.329   7.859   1.00 15.69  ? 127  SER A CB  1 
ATOM   823  O OG  . SER A 1 127 ? -2.524  4.709   8.690   1.00 21.64  ? 127  SER A OG  1 
ATOM   824  N N   . VAL A 1 128 ? 1.443   3.095   8.011   1.00 11.98  ? 128  VAL A N   1 
ATOM   825  C CA  . VAL A 1 128 ? 2.571   2.436   7.365   1.00 10.16  ? 128  VAL A CA  1 
ATOM   826  C C   . VAL A 1 128 ? 2.171   1.019   6.973   1.00 10.16  ? 128  VAL A C   1 
ATOM   827  O O   . VAL A 1 128 ? 1.589   0.287   7.779   1.00 9.35   ? 128  VAL A O   1 
ATOM   828  C CB  . VAL A 1 128 ? 3.784   2.368   8.319   1.00 13.80  ? 128  VAL A CB  1 
ATOM   829  C CG1 . VAL A 1 128 ? 5.047   2.052   7.539   1.00 12.38  ? 128  VAL A CG1 1 
ATOM   830  C CG2 . VAL A 1 128 ? 3.930   3.684   9.066   1.00 14.15  ? 128  VAL A CG2 1 
ATOM   831  N N   . LYS A 1 129 ? 2.488   0.633   5.742   1.00 8.16   ? 129  LYS A N   1 
ATOM   832  C CA  . LYS A 1 129 ? 2.141   -0.692  5.255   1.00 7.07   ? 129  LYS A CA  1 
ATOM   833  C C   . LYS A 1 129 ? 3.356   -1.426  4.692   1.00 7.35   ? 129  LYS A C   1 
ATOM   834  O O   . LYS A 1 129 ? 4.225   -0.829  4.050   1.00 10.08  ? 129  LYS A O   1 
ATOM   835  C CB  . LYS A 1 129 ? 1.038   -0.588  4.188   1.00 9.23   ? 129  LYS A CB  1 
ATOM   836  C CG  . LYS A 1 129 ? -0.266  0.046   4.703   1.00 12.51  ? 129  LYS A CG  1 
ATOM   837  C CD  . LYS A 1 129 ? -1.421  -0.077  3.692   1.00 17.51  ? 129  LYS A CD  1 
ATOM   838  C CE  . LYS A 1 129 ? -2.715  0.576   4.217   1.00 23.19  ? 129  LYS A CE  1 
ATOM   839  N NZ  . LYS A 1 129 ? -3.877  0.398   3.284   1.00 24.73  ? 129  LYS A NZ  1 
ATOM   840  N N   . LEU A 1 130 ? 3.423   -2.722  4.977   1.00 7.43   ? 130  LEU A N   1 
ATOM   841  C CA  . LEU A 1 130 ? 4.509   -3.572  4.491   1.00 6.61   ? 130  LEU A CA  1 
ATOM   842  C C   . LEU A 1 130 ? 3.937   -4.547  3.468   1.00 7.71   ? 130  LEU A C   1 
ATOM   843  O O   . LEU A 1 130 ? 2.990   -5.282  3.754   1.00 7.64   ? 130  LEU A O   1 
ATOM   844  C CB  . LEU A 1 130 ? 5.157   -4.354  5.645   1.00 7.93   ? 130  LEU A CB  1 
ATOM   845  C CG  . LEU A 1 130 ? 6.193   -5.388  5.200   1.00 8.47   ? 130  LEU A CG  1 
ATOM   846  C CD1 . LEU A 1 130 ? 7.384   -4.690  4.530   1.00 7.69   ? 130  LEU A CD1 1 
ATOM   847  C CD2 . LEU A 1 130 ? 6.668   -6.199  6.414   1.00 7.36   ? 130  LEU A CD2 1 
ATOM   848  N N   . TYR A 1 131 ? 4.503   -4.527  2.267   1.00 7.66   ? 131  TYR A N   1 
ATOM   849  C CA  . TYR A 1 131 ? 4.076   -5.414  1.199   1.00 7.25   ? 131  TYR A CA  1 
ATOM   850  C C   . TYR A 1 131 ? 5.247   -6.316  0.829   1.00 7.20   ? 131  TYR A C   1 
ATOM   851  O O   . TYR A 1 131 ? 6.405   -5.934  1.015   1.00 8.21   ? 131  TYR A O   1 
ATOM   852  C CB  . TYR A 1 131 ? 3.652   -4.616  -0.035  1.00 6.93   ? 131  TYR A CB  1 
ATOM   853  C CG  . TYR A 1 131 ? 2.300   -3.954  0.085   1.00 11.10  ? 131  TYR A CG  1 
ATOM   854  C CD1 . TYR A 1 131 ? 2.175   -2.659  0.589   1.00 13.66  ? 131  TYR A CD1 1 
ATOM   855  C CD2 . TYR A 1 131 ? 1.138   -4.631  -0.298  1.00 13.92  ? 131  TYR A CD2 1 
ATOM   856  C CE1 . TYR A 1 131 ? 0.922   -2.054  0.707   1.00 15.96  ? 131  TYR A CE1 1 
ATOM   857  C CE2 . TYR A 1 131 ? -0.117  -4.035  -0.179  1.00 15.82  ? 131  TYR A CE2 1 
ATOM   858  C CZ  . TYR A 1 131 ? -0.213  -2.745  0.324   1.00 16.20  ? 131  TYR A CZ  1 
ATOM   859  O OH  . TYR A 1 131 ? -1.452  -2.151  0.436   1.00 23.51  ? 131  TYR A OH  1 
ATOM   860  N N   . ALA A 1 132 ? 4.937   -7.499  0.304   1.00 5.92   ? 132  ALA A N   1 
ATOM   861  C CA  . ALA A 1 132 ? 5.954   -8.459  -0.102  1.00 7.71   ? 132  ALA A CA  1 
ATOM   862  C C   . ALA A 1 132 ? 5.620   -9.077  -1.453  1.00 6.72   ? 132  ALA A C   1 
ATOM   863  O O   . ALA A 1 132 ? 4.450   -9.179  -1.830  1.00 7.57   ? 132  ALA A O   1 
ATOM   864  C CB  . ALA A 1 132 ? 6.082   -9.546  0.936   1.00 6.85   ? 132  ALA A CB  1 
ATOM   865  N N   . ARG A 1 133 ? 6.646   -9.472  -2.202  1.00 7.94   ? 133  ARG A N   1 
ATOM   866  C CA  . ARG A 1 133 ? 6.414   -10.112 -3.505  1.00 8.15   ? 133  ARG A CA  1 
ATOM   867  C C   . ARG A 1 133 ? 5.936   -11.535 -3.262  1.00 9.88   ? 133  ARG A C   1 
ATOM   868  O O   . ARG A 1 133 ? 5.172   -12.097 -4.048  1.00 8.53   ? 133  ARG A O   1 
ATOM   869  C CB  . ARG A 1 133 ? 7.707   -10.130 -4.317  1.00 8.96   ? 133  ARG A CB  1 
ATOM   870  C CG  . ARG A 1 133 ? 8.113   -8.776  -4.869  1.00 8.26   ? 133  ARG A CG  1 
ATOM   871  C CD  . ARG A 1 133 ? 7.128   -8.247  -5.914  1.00 9.05   ? 133  ARG A CD  1 
ATOM   872  N NE  . ARG A 1 133 ? 7.719   -7.133  -6.653  1.00 8.65   ? 133  ARG A NE  1 
ATOM   873  C CZ  . ARG A 1 133 ? 7.122   -6.482  -7.646  1.00 10.49  ? 133  ARG A CZ  1 
ATOM   874  N NH1 . ARG A 1 133 ? 5.895   -6.832  -8.027  1.00 9.17   ? 133  ARG A NH1 1 
ATOM   875  N NH2 . ARG A 1 133 ? 7.767   -5.502  -8.272  1.00 7.93   ? 133  ARG A NH2 1 
ATOM   876  N N   . SER A 1 134 ? 6.407   -12.121 -2.166  1.00 9.42   ? 134  SER A N   1 
ATOM   877  C CA  . SER A 1 134 ? 6.020   -13.491 -1.807  1.00 8.71   ? 134  SER A CA  1 
ATOM   878  C C   . SER A 1 134 ? 6.222   -13.697 -0.313  1.00 10.52  ? 134  SER A C   1 
ATOM   879  O O   . SER A 1 134 ? 6.913   -12.911 0.348   1.00 9.12   ? 134  SER A O   1 
ATOM   880  C CB  . SER A 1 134 ? 6.861   -14.506 -2.581  1.00 10.81  ? 134  SER A CB  1 
ATOM   881  O OG  . SER A 1 134 ? 8.240   -14.329 -2.328  1.00 13.66  ? 134  SER A OG  1 
ATOM   882  N N   . LEU A 1 135 ? 5.633   -14.762 0.218   1.00 8.47   ? 135  LEU A N   1 
ATOM   883  C CA  . LEU A 1 135 ? 5.731   -15.039 1.643   1.00 10.32  ? 135  LEU A CA  1 
ATOM   884  C C   . LEU A 1 135 ? 6.577   -16.256 1.989   1.00 12.06  ? 135  LEU A C   1 
ATOM   885  O O   . LEU A 1 135 ? 6.653   -17.206 1.210   1.00 11.21  ? 135  LEU A O   1 
ATOM   886  C CB  . LEU A 1 135 ? 4.319   -15.230 2.207   1.00 10.54  ? 135  LEU A CB  1 
ATOM   887  C CG  . LEU A 1 135 ? 3.329   -14.127 1.813   1.00 8.99   ? 135  LEU A CG  1 
ATOM   888  C CD1 . LEU A 1 135 ? 1.938   -14.525 2.261   1.00 12.47  ? 135  LEU A CD1 1 
ATOM   889  C CD2 . LEU A 1 135 ? 3.745   -12.809 2.441   1.00 13.80  ? 135  LEU A CD2 1 
ATOM   890  N N   . PRO A 1 136 ? 7.215   -16.243 3.175   1.00 12.59  ? 136  PRO A N   1 
ATOM   891  C CA  . PRO A 1 136 ? 7.173   -15.173 4.179   1.00 14.19  ? 136  PRO A CA  1 
ATOM   892  C C   . PRO A 1 136 ? 8.202   -14.067 3.935   1.00 14.15  ? 136  PRO A C   1 
ATOM   893  O O   . PRO A 1 136 ? 9.152   -14.247 3.171   1.00 13.96  ? 136  PRO A O   1 
ATOM   894  C CB  . PRO A 1 136 ? 7.458   -15.918 5.476   1.00 14.40  ? 136  PRO A CB  1 
ATOM   895  C CG  . PRO A 1 136 ? 8.481   -16.916 5.031   1.00 16.25  ? 136  PRO A CG  1 
ATOM   896  C CD  . PRO A 1 136 ? 7.913   -17.427 3.713   1.00 15.97  ? 136  PRO A CD  1 
ATOM   897  N N   . VAL A 1 137 ? 8.007   -12.919 4.577   1.00 14.48  ? 137  VAL A N   1 
ATOM   898  C CA  . VAL A 1 137 ? 8.963   -11.828 4.442   1.00 16.26  ? 137  VAL A CA  1 
ATOM   899  C C   . VAL A 1 137 ? 10.132  -12.199 5.355   1.00 16.10  ? 137  VAL A C   1 
ATOM   900  O O   . VAL A 1 137 ? 9.963   -12.970 6.296   1.00 15.00  ? 137  VAL A O   1 
ATOM   901  C CB  . VAL A 1 137 ? 8.377   -10.479 4.897   1.00 18.84  ? 137  VAL A CB  1 
ATOM   902  C CG1 . VAL A 1 137 ? 7.271   -10.052 3.951   1.00 22.93  ? 137  VAL A CG1 1 
ATOM   903  C CG2 . VAL A 1 137 ? 7.843   -10.588 6.314   1.00 20.77  ? 137  VAL A CG2 1 
ATOM   904  N N   . SER A 1 138 ? 11.312  -11.668 5.073   1.00 16.12  ? 138  SER A N   1 
ATOM   905  C CA  . SER A 1 138 ? 12.476  -11.973 5.891   1.00 17.28  ? 138  SER A CA  1 
ATOM   906  C C   . SER A 1 138 ? 12.329  -11.338 7.266   1.00 17.41  ? 138  SER A C   1 
ATOM   907  O O   . SER A 1 138 ? 11.636  -10.336 7.432   1.00 17.47  ? 138  SER A O   1 
ATOM   908  C CB  . SER A 1 138 ? 13.744  -11.441 5.230   1.00 18.61  ? 138  SER A CB  1 
ATOM   909  O OG  . SER A 1 138 ? 13.721  -10.032 5.184   1.00 20.51  ? 138  SER A OG  1 
ATOM   910  N N   . ASP A 1 139 ? 12.984  -11.931 8.256   1.00 17.65  ? 139  ASP A N   1 
ATOM   911  C CA  . ASP A 1 139 ? 12.937  -11.408 9.612   1.00 17.83  ? 139  ASP A CA  1 
ATOM   912  C C   . ASP A 1 139 ? 13.484  -9.987  9.657   1.00 15.44  ? 139  ASP A C   1 
ATOM   913  O O   . ASP A 1 139 ? 12.947  -9.128  10.357  1.00 16.55  ? 139  ASP A O   1 
ATOM   914  C CB  . ASP A 1 139 ? 13.753  -12.306 10.540  1.00 22.88  ? 139  ASP A CB  1 
ATOM   915  C CG  . ASP A 1 139 ? 13.170  -13.700 10.659  1.00 26.59  ? 139  ASP A CG  1 
ATOM   916  O OD1 . ASP A 1 139 ? 13.812  -14.558 11.300  1.00 31.45  ? 139  ASP A OD1 1 
ATOM   917  O OD2 . ASP A 1 139 ? 12.070  -13.940 10.117  1.00 30.53  ? 139  ASP A OD2 1 
ATOM   918  N N   . SER A 1 140 ? 14.556  -9.736  8.914   1.00 13.56  ? 140  SER A N   1 
ATOM   919  C CA  . SER A 1 140 ? 15.148  -8.404  8.895   1.00 12.35  ? 140  SER A CA  1 
ATOM   920  C C   . SER A 1 140 ? 14.158  -7.371  8.361   1.00 11.08  ? 140  SER A C   1 
ATOM   921  O O   . SER A 1 140 ? 14.077  -6.258  8.887   1.00 10.33  ? 140  SER A O   1 
ATOM   922  C CB  . SER A 1 140 ? 16.430  -8.396  8.055   1.00 15.42  ? 140  SER A CB  1 
ATOM   923  O OG  . SER A 1 140 ? 16.154  -8.592  6.681   1.00 19.98  ? 140  SER A OG  1 
ATOM   924  N N   . VAL A 1 141 ? 13.401  -7.728  7.324   1.00 9.79   ? 141  VAL A N   1 
ATOM   925  C CA  . VAL A 1 141 ? 12.424  -6.786  6.774   1.00 8.25   ? 141  VAL A CA  1 
ATOM   926  C C   . VAL A 1 141 ? 11.285  -6.561  7.761   1.00 9.63   ? 141  VAL A C   1 
ATOM   927  O O   . VAL A 1 141 ? 10.868  -5.426  7.985   1.00 9.30   ? 141  VAL A O   1 
ATOM   928  C CB  . VAL A 1 141 ? 11.837  -7.271  5.435   1.00 11.00  ? 141  VAL A CB  1 
ATOM   929  C CG1 . VAL A 1 141 ? 10.697  -6.345  5.006   1.00 9.63   ? 141  VAL A CG1 1 
ATOM   930  C CG2 . VAL A 1 141 ? 12.921  -7.257  4.368   1.00 12.56  ? 141  VAL A CG2 1 
ATOM   931  N N   . LEU A 1 142 ? 10.784  -7.639  8.360   1.00 9.68   ? 142  LEU A N   1 
ATOM   932  C CA  . LEU A 1 142 ? 9.701   -7.503  9.327   1.00 9.98   ? 142  LEU A CA  1 
ATOM   933  C C   . LEU A 1 142 ? 10.170  -6.605  10.468  1.00 11.15  ? 142  LEU A C   1 
ATOM   934  O O   . LEU A 1 142 ? 9.477   -5.661  10.855  1.00 11.26  ? 142  LEU A O   1 
ATOM   935  C CB  . LEU A 1 142 ? 9.286   -8.866  9.882   1.00 10.94  ? 142  LEU A CB  1 
ATOM   936  C CG  . LEU A 1 142 ? 8.085   -8.857  10.828  1.00 14.08  ? 142  LEU A CG  1 
ATOM   937  C CD1 . LEU A 1 142 ? 6.908   -8.148  10.160  1.00 15.67  ? 142  LEU A CD1 1 
ATOM   938  C CD2 . LEU A 1 142 ? 7.708   -10.290 11.197  1.00 15.83  ? 142  LEU A CD2 1 
ATOM   939  N N   . SER A 1 143 ? 11.345  -6.900  11.012  1.00 11.62  ? 143  SER A N   1 
ATOM   940  C CA  . SER A 1 143 ? 11.883  -6.091  12.100  1.00 11.57  ? 143  SER A CA  1 
ATOM   941  C C   . SER A 1 143 ? 12.090  -4.642  11.649  1.00 12.61  ? 143  SER A C   1 
ATOM   942  O O   . SER A 1 143 ? 11.821  -3.703  12.398  1.00 12.53  ? 143  SER A O   1 
ATOM   943  C CB  . SER A 1 143 ? 13.208  -6.681  12.596  1.00 14.94  ? 143  SER A CB  1 
ATOM   944  O OG  . SER A 1 143 ? 13.013  -8.001  13.074  1.00 20.61  ? 143  SER A OG  1 
ATOM   945  N N   . GLY A 1 144 ? 12.567  -4.470  10.418  1.00 12.07  ? 144  GLY A N   1 
ATOM   946  C CA  . GLY A 1 144 ? 12.794  -3.133  9.893   1.00 10.86  ? 144  GLY A CA  1 
ATOM   947  C C   . GLY A 1 144 ? 11.494  -2.349  9.840   1.00 12.33  ? 144  GLY A C   1 
ATOM   948  O O   . GLY A 1 144 ? 11.443  -1.176  10.208  1.00 10.32  ? 144  GLY A O   1 
ATOM   949  N N   . PHE A 1 145 ? 10.441  -3.006  9.364   1.00 9.48   ? 145  PHE A N   1 
ATOM   950  C CA  . PHE A 1 145 ? 9.125   -2.395  9.285   1.00 9.27   ? 145  PHE A CA  1 
ATOM   951  C C   . PHE A 1 145 ? 8.678   -1.966  10.678  1.00 9.66   ? 145  PHE A C   1 
ATOM   952  O O   . PHE A 1 145 ? 8.209   -0.846  10.883  1.00 10.07  ? 145  PHE A O   1 
ATOM   953  C CB  . PHE A 1 145 ? 8.127   -3.398  8.704   1.00 8.42   ? 145  PHE A CB  1 
ATOM   954  C CG  . PHE A 1 145 ? 6.693   -2.996  8.876   1.00 8.32   ? 145  PHE A CG  1 
ATOM   955  C CD1 . PHE A 1 145 ? 6.168   -1.901  8.192   1.00 7.41   ? 145  PHE A CD1 1 
ATOM   956  C CD2 . PHE A 1 145 ? 5.862   -3.717  9.722   1.00 6.99   ? 145  PHE A CD2 1 
ATOM   957  C CE1 . PHE A 1 145 ? 4.833   -1.541  8.349   1.00 11.59  ? 145  PHE A CE1 1 
ATOM   958  C CE2 . PHE A 1 145 ? 4.528   -3.364  9.884   1.00 8.11   ? 145  PHE A CE2 1 
ATOM   959  C CZ  . PHE A 1 145 ? 4.012   -2.275  9.197   1.00 9.17   ? 145  PHE A CZ  1 
ATOM   960  N N   . GLU A 1 146 ? 8.818   -2.867  11.642  1.00 10.93  ? 146  GLU A N   1 
ATOM   961  C CA  . GLU A 1 146 ? 8.430   -2.559  13.013  1.00 11.69  ? 146  GLU A CA  1 
ATOM   962  C C   . GLU A 1 146 ? 9.189   -1.334  13.543  1.00 11.62  ? 146  GLU A C   1 
ATOM   963  O O   . GLU A 1 146 ? 8.623   -0.516  14.266  1.00 12.32  ? 146  GLU A O   1 
ATOM   964  C CB  . GLU A 1 146 ? 8.655   -3.799  13.889  1.00 13.41  ? 146  GLU A CB  1 
ATOM   965  C CG  . GLU A 1 146 ? 7.648   -4.902  13.548  1.00 16.34  ? 146  GLU A CG  1 
ATOM   966  C CD  . GLU A 1 146 ? 8.010   -6.270  14.093  1.00 18.41  ? 146  GLU A CD  1 
ATOM   967  O OE1 . GLU A 1 146 ? 7.144   -7.170  14.028  1.00 22.24  ? 146  GLU A OE1 1 
ATOM   968  O OE2 . GLU A 1 146 ? 9.149   -6.450  14.568  1.00 19.03  ? 146  GLU A OE2 1 
ATOM   969  N N   . GLN A 1 147 ? 10.458  -1.207  13.170  1.00 12.70  ? 147  GLN A N   1 
ATOM   970  C CA  . GLN A 1 147 ? 11.271  -0.064  13.587  1.00 12.75  ? 147  GLN A CA  1 
ATOM   971  C C   . GLN A 1 147 ? 10.684  1.226   13.000  1.00 13.86  ? 147  GLN A C   1 
ATOM   972  O O   . GLN A 1 147 ? 10.614  2.257   13.674  1.00 14.15  ? 147  GLN A O   1 
ATOM   973  C CB  . GLN A 1 147 ? 12.714  -0.250  13.107  1.00 14.54  ? 147  GLN A CB  1 
ATOM   974  C CG  . GLN A 1 147 ? 13.686  0.878   13.452  1.00 16.80  ? 147  GLN A CG  1 
ATOM   975  C CD  . GLN A 1 147 ? 13.816  1.113   14.953  1.00 19.43  ? 147  GLN A CD  1 
ATOM   976  O OE1 . GLN A 1 147 ? 13.908  0.162   15.739  1.00 20.21  ? 147  GLN A OE1 1 
ATOM   977  N NE2 . GLN A 1 147 ? 13.846  2.382   15.354  1.00 20.51  ? 147  GLN A NE2 1 
ATOM   978  N N   . ARG A 1 148 ? 10.256  1.170   11.743  1.00 12.97  ? 148  ARG A N   1 
ATOM   979  C CA  . ARG A 1 148 ? 9.680   2.348   11.113  1.00 12.62  ? 148  ARG A CA  1 
ATOM   980  C C   . ARG A 1 148 ? 8.346   2.716   11.751  1.00 12.72  ? 148  ARG A C   1 
ATOM   981  O O   . ARG A 1 148 ? 8.014   3.895   11.885  1.00 14.32  ? 148  ARG A O   1 
ATOM   982  C CB  . ARG A 1 148 ? 9.507   2.121   9.609   1.00 11.01  ? 148  ARG A CB  1 
ATOM   983  C CG  . ARG A 1 148 ? 10.826  1.903   8.878   1.00 12.79  ? 148  ARG A CG  1 
ATOM   984  C CD  . ARG A 1 148 ? 11.824  3.032   9.136   1.00 13.93  ? 148  ARG A CD  1 
ATOM   985  N NE  . ARG A 1 148 ? 12.964  2.943   8.225   1.00 17.39  ? 148  ARG A NE  1 
ATOM   986  C CZ  . ARG A 1 148 ? 14.200  3.324   8.529   1.00 19.81  ? 148  ARG A CZ  1 
ATOM   987  N NH1 . ARG A 1 148 ? 14.468  3.822   9.733   1.00 19.58  ? 148  ARG A NH1 1 
ATOM   988  N NH2 . ARG A 1 148 ? 15.165  3.209   7.624   1.00 19.07  ? 148  ARG A NH2 1 
ATOM   989  N N   . VAL A 1 149 ? 7.575   1.712   12.150  1.00 13.10  ? 149  VAL A N   1 
ATOM   990  C CA  . VAL A 1 149 ? 6.287   1.984   12.777  1.00 13.91  ? 149  VAL A CA  1 
ATOM   991  C C   . VAL A 1 149 ? 6.481   2.761   14.075  1.00 15.89  ? 149  VAL A C   1 
ATOM   992  O O   . VAL A 1 149 ? 5.796   3.757   14.325  1.00 14.65  ? 149  VAL A O   1 
ATOM   993  C CB  . VAL A 1 149 ? 5.520   0.676   13.077  1.00 12.48  ? 149  VAL A CB  1 
ATOM   994  C CG1 . VAL A 1 149 ? 4.286   0.973   13.909  1.00 12.90  ? 149  VAL A CG1 1 
ATOM   995  C CG2 . VAL A 1 149 ? 5.124   0.004   11.769  1.00 10.41  ? 149  VAL A CG2 1 
ATOM   996  N N   . GLN A 1 150 ? 7.416   2.310   14.904  1.00 19.39  ? 150  GLN A N   1 
ATOM   997  C CA  . GLN A 1 150 ? 7.678   2.988   16.169  1.00 23.68  ? 150  GLN A CA  1 
ATOM   998  C C   . GLN A 1 150 ? 8.234   4.383   15.891  1.00 22.69  ? 150  GLN A C   1 
ATOM   999  O O   . GLN A 1 150 ? 8.038   5.305   16.679  1.00 22.13  ? 150  GLN A O   1 
ATOM   1000 C CB  . GLN A 1 150 ? 8.665   2.169   17.008  1.00 28.65  ? 150  GLN A CB  1 
ATOM   1001 C CG  . GLN A 1 150 ? 10.124  2.351   16.646  1.00 36.27  ? 150  GLN A CG  1 
ATOM   1002 C CD  . GLN A 1 150 ? 10.798  3.407   17.498  1.00 40.73  ? 150  GLN A CD  1 
ATOM   1003 O OE1 . GLN A 1 150 ? 11.972  3.720   17.305  1.00 46.24  ? 150  GLN A OE1 1 
ATOM   1004 N NE2 . GLN A 1 150 ? 10.057  3.957   18.454  1.00 42.28  ? 150  GLN A NE2 1 
ATOM   1005 N N   . GLU A 1 151 ? 8.920   4.538   14.762  1.00 23.80  ? 151  GLU A N   1 
ATOM   1006 C CA  . GLU A 1 151 ? 9.481   5.830   14.399  1.00 26.23  ? 151  GLU A CA  1 
ATOM   1007 C C   . GLU A 1 151 ? 8.361   6.760   13.932  1.00 24.42  ? 151  GLU A C   1 
ATOM   1008 O O   . GLU A 1 151 ? 8.507   7.983   13.957  1.00 24.00  ? 151  GLU A O   1 
ATOM   1009 C CB  . GLU A 1 151 ? 10.531  5.662   13.298  1.00 29.87  ? 151  GLU A CB  1 
ATOM   1010 C CG  . GLU A 1 151 ? 11.457  6.861   13.128  1.00 39.38  ? 151  GLU A CG  1 
ATOM   1011 C CD  . GLU A 1 151 ? 10.814  8.024   12.391  1.00 43.81  ? 151  GLU A CD  1 
ATOM   1012 O OE1 . GLU A 1 151 ? 11.379  9.138   12.435  1.00 46.07  ? 151  GLU A OE1 1 
ATOM   1013 O OE2 . GLU A 1 151 ? 9.754   7.825   11.756  1.00 47.40  ? 151  GLU A OE2 1 
ATOM   1014 N N   . ALA A 1 152 ? 7.245   6.172   13.512  1.00 19.63  ? 152  ALA A N   1 
ATOM   1015 C CA  . ALA A 1 152 ? 6.091   6.941   13.050  1.00 18.69  ? 152  ALA A CA  1 
ATOM   1016 C C   . ALA A 1 152 ? 5.185   7.252   14.239  1.00 18.80  ? 152  ALA A C   1 
ATOM   1017 O O   . ALA A 1 152 ? 4.042   7.691   14.079  1.00 17.20  ? 152  ALA A O   1 
ATOM   1018 C CB  . ALA A 1 152 ? 5.322   6.157   11.996  1.00 18.67  ? 152  ALA A CB  1 
ATOM   1019 N N   . HIS A 1 153 ? 5.717   7.014   15.432  1.00 18.16  ? 153  HIS A N   1 
ATOM   1020 C CA  . HIS A 1 153 ? 5.008   7.259   16.677  1.00 22.29  ? 153  HIS A CA  1 
ATOM   1021 C C   . HIS A 1 153 ? 3.784   6.376   16.863  1.00 22.73  ? 153  HIS A C   1 
ATOM   1022 O O   . HIS A 1 153 ? 2.780   6.798   17.436  1.00 23.71  ? 153  HIS A O   1 
ATOM   1023 C CB  . HIS A 1 153 ? 4.619   8.736   16.781  1.00 25.86  ? 153  HIS A CB  1 
ATOM   1024 C CG  . HIS A 1 153 ? 5.791   9.666   16.752  1.00 29.45  ? 153  HIS A CG  1 
ATOM   1025 N ND1 . HIS A 1 153 ? 6.393   10.071  15.580  1.00 30.89  ? 153  HIS A ND1 1 
ATOM   1026 C CD2 . HIS A 1 153 ? 6.513   10.219  17.756  1.00 31.98  ? 153  HIS A CD2 1 
ATOM   1027 C CE1 . HIS A 1 153 ? 7.434   10.833  15.862  1.00 31.18  ? 153  HIS A CE1 1 
ATOM   1028 N NE2 . HIS A 1 153 ? 7.530   10.938  17.175  1.00 33.30  ? 153  HIS A NE2 1 
ATOM   1029 N N   . LEU A 1 154 ? 3.875   5.147   16.369  1.00 20.93  ? 154  LEU A N   1 
ATOM   1030 C CA  . LEU A 1 154 ? 2.798   4.174   16.503  1.00 21.84  ? 154  LEU A CA  1 
ATOM   1031 C C   . LEU A 1 154 ? 3.346   3.046   17.369  1.00 22.38  ? 154  LEU A C   1 
ATOM   1032 O O   . LEU A 1 154 ? 4.540   2.753   17.323  1.00 23.08  ? 154  LEU A O   1 
ATOM   1033 C CB  . LEU A 1 154 ? 2.392   3.628   15.135  1.00 18.23  ? 154  LEU A CB  1 
ATOM   1034 C CG  . LEU A 1 154 ? 1.724   4.621   14.172  1.00 18.18  ? 154  LEU A CG  1 
ATOM   1035 C CD1 . LEU A 1 154 ? 1.665   4.022   12.770  1.00 16.15  ? 154  LEU A CD1 1 
ATOM   1036 C CD2 . LEU A 1 154 ? 0.335   4.956   14.673  1.00 17.58  ? 154  LEU A CD2 1 
ATOM   1037 N N   . THR A 1 155 ? 2.483   2.417   18.159  1.00 24.64  ? 155  THR A N   1 
ATOM   1038 C CA  . THR A 1 155 ? 2.925   1.337   19.038  1.00 24.75  ? 155  THR A CA  1 
ATOM   1039 C C   . THR A 1 155 ? 2.764   -0.039  18.407  1.00 25.64  ? 155  THR A C   1 
ATOM   1040 O O   . THR A 1 155 ? 2.152   -0.188  17.351  1.00 25.14  ? 155  THR A O   1 
ATOM   1041 C CB  . THR A 1 155 ? 2.153   1.340   20.369  1.00 23.75  ? 155  THR A CB  1 
ATOM   1042 O OG1 . THR A 1 155 ? 0.796   0.946   20.134  1.00 24.91  ? 155  THR A OG1 1 
ATOM   1043 C CG2 . THR A 1 155 ? 2.175   2.724   20.997  1.00 21.67  ? 155  THR A CG2 1 
ATOM   1044 N N   . GLU A 1 156 ? 3.315   -1.046  19.075  1.00 25.68  ? 156  GLU A N   1 
ATOM   1045 C CA  . GLU A 1 156 ? 3.236   -2.418  18.595  1.00 24.24  ? 156  GLU A CA  1 
ATOM   1046 C C   . GLU A 1 156 ? 1.783   -2.882  18.520  1.00 22.54  ? 156  GLU A C   1 
ATOM   1047 O O   . GLU A 1 156 ? 1.442   -3.714  17.685  1.00 23.68  ? 156  GLU A O   1 
ATOM   1048 C CB  . GLU A 1 156 ? 4.013   -3.349  19.527  1.00 25.73  ? 156  GLU A CB  1 
ATOM   1049 C CG  . GLU A 1 156 ? 3.519   -3.305  20.960  1.00 28.61  ? 156  GLU A CG  1 
ATOM   1050 C CD  . GLU A 1 156 ? 4.116   -4.395  21.825  1.00 32.24  ? 156  GLU A CD  1 
ATOM   1051 O OE1 . GLU A 1 156 ? 3.786   -4.441  23.029  1.00 36.76  ? 156  GLU A OE1 1 
ATOM   1052 O OE2 . GLU A 1 156 ? 4.912   -5.205  21.306  1.00 33.63  ? 156  GLU A OE2 1 
ATOM   1053 N N   . ASP A 1 157 ? 0.933   -2.349  19.392  1.00 19.56  ? 157  ASP A N   1 
ATOM   1054 C CA  . ASP A 1 157 ? -0.469  -2.739  19.394  1.00 18.23  ? 157  ASP A CA  1 
ATOM   1055 C C   . ASP A 1 157 ? -1.281  -2.022  18.317  1.00 17.01  ? 157  ASP A C   1 
ATOM   1056 O O   . ASP A 1 157 ? -2.498  -2.200  18.219  1.00 17.57  ? 157  ASP A O   1 
ATOM   1057 C CB  . ASP A 1 157 ? -1.101  -2.513  20.771  1.00 19.82  ? 157  ASP A CB  1 
ATOM   1058 C CG  . ASP A 1 157 ? -0.564  -3.471  21.824  1.00 24.27  ? 157  ASP A CG  1 
ATOM   1059 O OD1 . ASP A 1 157 ? -0.228  -4.630  21.473  1.00 21.65  ? 157  ASP A OD1 1 
ATOM   1060 O OD2 . ASP A 1 157 ? -0.494  -3.081  23.014  1.00 24.99  ? 157  ASP A OD2 1 
ATOM   1061 N N   . GLN A 1 158 ? -0.611  -1.197  17.521  1.00 15.16  ? 158  GLN A N   1 
ATOM   1062 C CA  . GLN A 1 158 ? -1.279  -0.507  16.428  1.00 14.55  ? 158  GLN A CA  1 
ATOM   1063 C C   . GLN A 1 158 ? -0.795  -1.120  15.118  1.00 13.93  ? 158  GLN A C   1 
ATOM   1064 O O   . GLN A 1 158 ? -0.969  -0.557  14.037  1.00 12.72  ? 158  GLN A O   1 
ATOM   1065 C CB  . GLN A 1 158 ? -0.997  0.995   16.488  1.00 15.80  ? 158  GLN A CB  1 
ATOM   1066 C CG  . GLN A 1 158 ? -1.757  1.671   17.624  1.00 19.30  ? 158  GLN A CG  1 
ATOM   1067 C CD  . GLN A 1 158 ? -1.415  3.131   17.792  1.00 20.37  ? 158  GLN A CD  1 
ATOM   1068 O OE1 . GLN A 1 158 ? -0.245  3.503   17.857  1.00 21.30  ? 158  GLN A OE1 1 
ATOM   1069 N NE2 . GLN A 1 158 ? -2.440  3.971   17.881  1.00 19.35  ? 158  GLN A NE2 1 
ATOM   1070 N N   . ILE A 1 159 ? -0.174  -2.291  15.237  1.00 14.84  ? 159  ILE A N   1 
ATOM   1071 C CA  . ILE A 1 159 ? 0.305   -3.030  14.076  1.00 14.11  ? 159  ILE A CA  1 
ATOM   1072 C C   . ILE A 1 159 ? -0.599  -4.240  13.887  1.00 15.08  ? 159  ILE A C   1 
ATOM   1073 O O   . ILE A 1 159 ? -0.813  -5.026  14.813  1.00 14.69  ? 159  ILE A O   1 
ATOM   1074 C CB  . ILE A 1 159 ? 1.746   -3.554  14.249  1.00 15.79  ? 159  ILE A CB  1 
ATOM   1075 C CG1 . ILE A 1 159 ? 2.729   -2.385  14.360  1.00 15.74  ? 159  ILE A CG1 1 
ATOM   1076 C CG2 . ILE A 1 159 ? 2.119   -4.426  13.055  1.00 16.66  ? 159  ILE A CG2 1 
ATOM   1077 C CD1 . ILE A 1 159 ? 4.134   -2.807  14.770  1.00 19.54  ? 159  ILE A CD1 1 
ATOM   1078 N N   . PHE A 1 160 ? -1.130  -4.384  12.683  1.00 14.88  ? 160  PHE A N   1 
ATOM   1079 C CA  . PHE A 1 160 ? -1.996  -5.505  12.379  1.00 16.42  ? 160  PHE A CA  1 
ATOM   1080 C C   . PHE A 1 160 ? -1.332  -6.376  11.323  1.00 18.39  ? 160  PHE A C   1 
ATOM   1081 O O   . PHE A 1 160 ? -1.069  -5.927  10.206  1.00 16.42  ? 160  PHE A O   1 
ATOM   1082 C CB  . PHE A 1 160 ? -3.358  -4.999  11.901  1.00 19.83  ? 160  PHE A CB  1 
ATOM   1083 C CG  . PHE A 1 160 ? -4.007  -4.038  12.855  1.00 23.80  ? 160  PHE A CG  1 
ATOM   1084 C CD1 . PHE A 1 160 ? -3.584  -2.713  12.921  1.00 23.68  ? 160  PHE A CD1 1 
ATOM   1085 C CD2 . PHE A 1 160 ? -5.011  -4.464  13.720  1.00 25.52  ? 160  PHE A CD2 1 
ATOM   1086 C CE1 . PHE A 1 160 ? -4.148  -1.823  13.836  1.00 24.11  ? 160  PHE A CE1 1 
ATOM   1087 C CE2 . PHE A 1 160 ? -5.581  -3.582  14.640  1.00 27.72  ? 160  PHE A CE2 1 
ATOM   1088 C CZ  . PHE A 1 160 ? -5.147  -2.259  14.699  1.00 24.90  ? 160  PHE A CZ  1 
ATOM   1089 N N   . TYR A 1 161 ? -1.034  -7.615  11.703  1.00 18.65  ? 161  TYR A N   1 
ATOM   1090 C CA  . TYR A 1 161 ? -0.394  -8.563  10.802  1.00 22.04  ? 161  TYR A CA  1 
ATOM   1091 C C   . TYR A 1 161 ? -1.479  -9.342  10.086  1.00 23.84  ? 161  TYR A C   1 
ATOM   1092 O O   . TYR A 1 161 ? -2.390  -9.881  10.716  1.00 26.76  ? 161  TYR A O   1 
ATOM   1093 C CB  . TYR A 1 161 ? 0.517   -9.519  11.579  1.00 20.74  ? 161  TYR A CB  1 
ATOM   1094 C CG  . TYR A 1 161 ? 1.579   -8.827  12.403  1.00 21.81  ? 161  TYR A CG  1 
ATOM   1095 C CD1 . TYR A 1 161 ? 1.279   -8.291  13.655  1.00 22.26  ? 161  TYR A CD1 1 
ATOM   1096 C CD2 . TYR A 1 161 ? 2.884   -8.694  11.925  1.00 22.06  ? 161  TYR A CD2 1 
ATOM   1097 C CE1 . TYR A 1 161 ? 2.250   -7.639  14.413  1.00 20.33  ? 161  TYR A CE1 1 
ATOM   1098 C CE2 . TYR A 1 161 ? 3.862   -8.044  12.674  1.00 22.11  ? 161  TYR A CE2 1 
ATOM   1099 C CZ  . TYR A 1 161 ? 3.539   -7.518  13.916  1.00 22.35  ? 161  TYR A CZ  1 
ATOM   1100 O OH  . TYR A 1 161 ? 4.501   -6.867  14.660  1.00 23.14  ? 161  TYR A OH  1 
ATOM   1101 N N   . PHE A 1 162 ? -1.384  -9.401  8.764   1.00 24.47  ? 162  PHE A N   1 
ATOM   1102 C CA  . PHE A 1 162 ? -2.386  -10.097 7.978   1.00 25.18  ? 162  PHE A CA  1 
ATOM   1103 C C   . PHE A 1 162 ? -2.103  -11.580 7.790   1.00 25.53  ? 162  PHE A C   1 
ATOM   1104 O O   . PHE A 1 162 ? -0.966  -12.034 7.925   1.00 25.81  ? 162  PHE A O   1 
ATOM   1105 C CB  . PHE A 1 162 ? -2.560  -9.405  6.628   1.00 25.79  ? 162  PHE A CB  1 
ATOM   1106 C CG  . PHE A 1 162 ? -3.218  -8.062  6.730   1.00 26.95  ? 162  PHE A CG  1 
ATOM   1107 C CD1 . PHE A 1 162 ? -2.557  -6.986  7.322   1.00 27.90  ? 162  PHE A CD1 1 
ATOM   1108 C CD2 . PHE A 1 162 ? -4.519  -7.882  6.277   1.00 28.20  ? 162  PHE A CD2 1 
ATOM   1109 C CE1 . PHE A 1 162 ? -3.189  -5.750  7.462   1.00 28.45  ? 162  PHE A CE1 1 
ATOM   1110 C CE2 . PHE A 1 162 ? -5.160  -6.656  6.409   1.00 28.45  ? 162  PHE A CE2 1 
ATOM   1111 C CZ  . PHE A 1 162 ? -4.495  -5.586  7.005   1.00 30.36  ? 162  PHE A CZ  1 
ATOM   1112 N N   . PRO A 1 163 ? -3.153  -12.359 7.490   1.00 27.61  ? 163  PRO A N   1 
ATOM   1113 C CA  . PRO A 1 163 ? -3.062  -13.806 7.278   1.00 27.29  ? 163  PRO A CA  1 
ATOM   1114 C C   . PRO A 1 163 ? -2.134  -14.147 6.120   1.00 27.25  ? 163  PRO A C   1 
ATOM   1115 O O   . PRO A 1 163 ? -1.976  -13.362 5.188   1.00 26.34  ? 163  PRO A O   1 
ATOM   1116 C CB  . PRO A 1 163 ? -4.509  -14.203 6.984   1.00 28.39  ? 163  PRO A CB  1 
ATOM   1117 C CG  . PRO A 1 163 ? -5.306  -13.169 7.715   1.00 29.75  ? 163  PRO A CG  1 
ATOM   1118 C CD  . PRO A 1 163 ? -4.551  -11.908 7.383   1.00 28.34  ? 163  PRO A CD  1 
ATOM   1119 N N   . LYS A 1 164 ? -1.512  -15.317 6.191   1.00 28.61  ? 164  LYS A N   1 
ATOM   1120 C CA  . LYS A 1 164 ? -0.625  -15.763 5.131   1.00 29.57  ? 164  LYS A CA  1 
ATOM   1121 C C   . LYS A 1 164 ? -1.468  -16.565 4.148   1.00 28.90  ? 164  LYS A C   1 
ATOM   1122 O O   . LYS A 1 164 ? -0.965  -17.411 3.411   1.00 28.93  ? 164  LYS A O   1 
ATOM   1123 C CB  . LYS A 1 164 ? 0.500   -16.628 5.705   1.00 33.19  ? 164  LYS A CB  1 
ATOM   1124 C CG  . LYS A 1 164 ? 1.534   -15.849 6.513   1.00 36.51  ? 164  LYS A CG  1 
ATOM   1125 C CD  . LYS A 1 164 ? 2.606   -16.771 7.079   1.00 41.21  ? 164  LYS A CD  1 
ATOM   1126 C CE  . LYS A 1 164 ? 3.761   -15.981 7.680   1.00 42.95  ? 164  LYS A CE  1 
ATOM   1127 N NZ  . LYS A 1 164 ? 4.472   -15.178 6.643   1.00 45.20  ? 164  LYS A NZ  1 
ATOM   1128 N N   . TYR A 1 165 ? -2.768  -16.293 4.160   1.00 26.47  ? 165  TYR A N   1 
ATOM   1129 C CA  . TYR A 1 165 ? -3.709  -16.969 3.277   1.00 25.46  ? 165  TYR A CA  1 
ATOM   1130 C C   . TYR A 1 165 ? -4.965  -16.110 3.172   1.00 23.50  ? 165  TYR A C   1 
ATOM   1131 O O   . TYR A 1 165 ? -5.096  -15.102 3.866   1.00 26.73  ? 165  TYR A O   1 
ATOM   1132 C CB  . TYR A 1 165 ? -4.060  -18.353 3.832   1.00 25.43  ? 165  TYR A CB  1 
ATOM   1133 C CG  . TYR A 1 165 ? -4.850  -18.318 5.119   1.00 24.04  ? 165  TYR A CG  1 
ATOM   1134 C CD1 . TYR A 1 165 ? -6.245  -18.264 5.105   1.00 25.46  ? 165  TYR A CD1 1 
ATOM   1135 C CD2 . TYR A 1 165 ? -4.201  -18.303 6.355   1.00 25.63  ? 165  TYR A CD2 1 
ATOM   1136 C CE1 . TYR A 1 165 ? -6.976  -18.192 6.290   1.00 26.40  ? 165  TYR A CE1 1 
ATOM   1137 C CE2 . TYR A 1 165 ? -4.920  -18.230 7.546   1.00 25.81  ? 165  TYR A CE2 1 
ATOM   1138 C CZ  . TYR A 1 165 ? -6.307  -18.174 7.505   1.00 26.45  ? 165  TYR A CZ  1 
ATOM   1139 O OH  . TYR A 1 165 ? -7.020  -18.088 8.678   1.00 28.76  ? 165  TYR A OH  1 
ATOM   1140 N N   . GLY A 1 166 ? -5.880  -16.507 2.299   1.00 23.33  ? 166  GLY A N   1 
ATOM   1141 C CA  . GLY A 1 166 ? -7.102  -15.745 2.135   1.00 24.12  ? 166  GLY A CA  1 
ATOM   1142 C C   . GLY A 1 166 ? -6.992  -14.647 1.094   1.00 22.34  ? 166  GLY A C   1 
ATOM   1143 O O   . GLY A 1 166 ? -7.793  -13.711 1.093   1.00 23.76  ? 166  GLY A O   1 
ATOM   1144 N N   . PHE A 1 167 ? -6.005  -14.757 0.209   1.00 16.85  ? 167  PHE A N   1 
ATOM   1145 C CA  . PHE A 1 167 ? -5.816  -13.762 -0.842  1.00 14.70  ? 167  PHE A CA  1 
ATOM   1146 C C   . PHE A 1 167 ? -6.696  -14.059 -2.050  1.00 14.42  ? 167  PHE A C   1 
ATOM   1147 O O   . PHE A 1 167 ? -7.220  -15.158 -2.188  1.00 15.20  ? 167  PHE A O   1 
ATOM   1148 C CB  . PHE A 1 167 ? -4.357  -13.746 -1.329  1.00 15.20  ? 167  PHE A CB  1 
ATOM   1149 C CG  . PHE A 1 167 ? -3.370  -13.296 -0.298  1.00 14.68  ? 167  PHE A CG  1 
ATOM   1150 C CD1 . PHE A 1 167 ? -2.761  -14.213 0.554   1.00 12.82  ? 167  PHE A CD1 1 
ATOM   1151 C CD2 . PHE A 1 167 ? -3.045  -11.949 -0.184  1.00 13.87  ? 167  PHE A CD2 1 
ATOM   1152 C CE1 . PHE A 1 167 ? -1.839  -13.789 1.507   1.00 14.51  ? 167  PHE A CE1 1 
ATOM   1153 C CE2 . PHE A 1 167 ? -2.128  -11.514 0.764   1.00 15.35  ? 167  PHE A CE2 1 
ATOM   1154 C CZ  . PHE A 1 167 ? -1.523  -12.436 1.611   1.00 14.51  ? 167  PHE A CZ  1 
ATOM   1155 N N   . CYS A 1 168 ? -6.870  -13.062 -2.909  1.00 13.06  ? 168  CYS A N   1 
ATOM   1156 C CA  . CYS A 1 168 ? -7.612  -13.231 -4.153  1.00 12.80  ? 168  CYS A CA  1 
ATOM   1157 C C   . CYS A 1 168 ? -7.115  -12.160 -5.116  1.00 12.80  ? 168  CYS A C   1 
ATOM   1158 O O   . CYS A 1 168 ? -6.534  -11.162 -4.692  1.00 11.62  ? 168  CYS A O   1 
ATOM   1159 C CB  . CYS A 1 168 ? -9.130  -13.137 -3.927  1.00 14.11  ? 168  CYS A CB  1 
ATOM   1160 S SG  . CYS A 1 168 ? -9.845  -11.481 -3.605  1.00 19.56  ? 168  CYS A SG  1 
ATOM   1161 N N   . GLU A 1 169 ? -7.292  -12.384 -6.412  1.00 12.47  ? 169  GLU A N   1 
ATOM   1162 C CA  . GLU A 1 169 ? -6.808  -11.408 -7.382  1.00 15.02  ? 169  GLU A CA  1 
ATOM   1163 C C   . GLU A 1 169 ? -7.582  -11.386 -8.694  1.00 15.56  ? 169  GLU A C   1 
ATOM   1164 O O   . GLU A 1 169 ? -7.026  -11.138 -9.762  1.00 15.81  ? 169  GLU A O   1 
ATOM   1165 C CB  . GLU A 1 169 ? -5.321  -11.647 -7.666  1.00 18.03  ? 169  GLU A CB  1 
ATOM   1166 C CG  . GLU A 1 169 ? -5.034  -12.948 -8.377  1.00 20.70  ? 169  GLU A CG  1 
ATOM   1167 C CD  . GLU A 1 169 ? -3.574  -13.100 -8.759  1.00 25.55  ? 169  GLU A CD  1 
ATOM   1168 O OE1 . GLU A 1 169 ? -3.235  -14.146 -9.350  1.00 24.74  ? 169  GLU A OE1 1 
ATOM   1169 O OE2 . GLU A 1 169 ? -2.773  -12.181 -8.472  1.00 25.97  ? 169  GLU A OE2 1 
ATOM   1170 N N   . ALA A 1 170 ? -8.878  -11.643 -8.600  1.00 14.03  ? 170  ALA A N   1 
ATOM   1171 C CA  . ALA A 1 170 ? -9.753  -11.624 -9.764  1.00 14.31  ? 170  ALA A CA  1 
ATOM   1172 C C   . ALA A 1 170 ? -11.165 -11.521 -9.225  1.00 13.72  ? 170  ALA A C   1 
ATOM   1173 O O   . ALA A 1 170 ? -11.577 -12.321 -8.389  1.00 14.15  ? 170  ALA A O   1 
ATOM   1174 C CB  . ALA A 1 170 ? -9.587  -12.899 -10.596 1.00 14.08  ? 170  ALA A CB  1 
ATOM   1175 N N   . ALA A 1 171 ? -11.895 -10.517 -9.690  1.00 14.15  ? 171  ALA A N   1 
ATOM   1176 C CA  . ALA A 1 171 ? -13.261 -10.302 -9.249  1.00 13.79  ? 171  ALA A CA  1 
ATOM   1177 C C   . ALA A 1 171 ? -14.153 -10.258 -10.475 1.00 14.82  ? 171  ALA A C   1 
ATOM   1178 O O   . ALA A 1 171 ? -13.714 -9.836  -11.547 1.00 15.55  ? 171  ALA A O   1 
ATOM   1179 C CB  . ALA A 1 171 ? -13.355 -8.994  -8.486  1.00 14.08  ? 171  ALA A CB  1 
ATOM   1180 N N   . ASP A 1 172 ? -15.397 -10.704 -10.338 1.00 13.90  ? 172  ASP A N   1 
ATOM   1181 C CA  . ASP A 1 172 ? -16.297 -10.655 -11.479 1.00 13.67  ? 172  ASP A CA  1 
ATOM   1182 C C   . ASP A 1 172 ? -16.843 -9.238  -11.595 1.00 15.53  ? 172  ASP A C   1 
ATOM   1183 O O   . ASP A 1 172 ? -16.669 -8.425  -10.686 1.00 15.90  ? 172  ASP A O   1 
ATOM   1184 C CB  . ASP A 1 172 ? -17.430 -11.686 -11.355 1.00 15.60  ? 172  ASP A CB  1 
ATOM   1185 C CG  . ASP A 1 172 ? -18.327 -11.460 -10.149 1.00 15.12  ? 172  ASP A CG  1 
ATOM   1186 O OD1 . ASP A 1 172 ? -18.602 -10.292 -9.805  1.00 14.10  ? 172  ASP A OD1 1 
ATOM   1187 O OD2 . ASP A 1 172 ? -18.774 -12.469 -9.556  1.00 17.23  ? 172  ASP A OD2 1 
ATOM   1188 N N   . GLN A 1 173 ? -17.496 -8.937  -12.710 1.00 14.41  ? 173  GLN A N   1 
ATOM   1189 C CA  . GLN A 1 173 ? -18.024 -7.596  -12.949 1.00 15.08  ? 173  GLN A CA  1 
ATOM   1190 C C   . GLN A 1 173 ? -18.952 -7.027  -11.877 1.00 15.04  ? 173  GLN A C   1 
ATOM   1191 O O   . GLN A 1 173 ? -19.123 -5.815  -11.796 1.00 13.92  ? 173  GLN A O   1 
ATOM   1192 C CB  . GLN A 1 173 ? -18.720 -7.557  -14.310 1.00 14.75  ? 173  GLN A CB  1 
ATOM   1193 C CG  . GLN A 1 173 ? -19.950 -8.442  -14.431 1.00 16.70  ? 173  GLN A CG  1 
ATOM   1194 C CD  . GLN A 1 173 ? -20.471 -8.469  -15.857 1.00 18.05  ? 173  GLN A CD  1 
ATOM   1195 O OE1 . GLN A 1 173 ? -20.299 -9.452  -16.581 1.00 19.72  ? 173  GLN A OE1 1 
ATOM   1196 N NE2 . GLN A 1 173 ? -21.103 -7.378  -16.271 1.00 20.21  ? 173  GLN A NE2 1 
ATOM   1197 N N   . PHE A 1 174 ? -19.535 -7.890  -11.051 1.00 12.97  ? 174  PHE A N   1 
ATOM   1198 C CA  . PHE A 1 174 ? -20.443 -7.440  -10.008 1.00 13.09  ? 174  PHE A CA  1 
ATOM   1199 C C   . PHE A 1 174 ? -19.744 -7.018  -8.726  1.00 13.47  ? 174  PHE A C   1 
ATOM   1200 O O   . PHE A 1 174 ? -20.384 -6.513  -7.806  1.00 12.27  ? 174  PHE A O   1 
ATOM   1201 C CB  . PHE A 1 174 ? -21.457 -8.540  -9.687  1.00 14.42  ? 174  PHE A CB  1 
ATOM   1202 C CG  . PHE A 1 174 ? -22.296 -8.948  -10.854 1.00 16.31  ? 174  PHE A CG  1 
ATOM   1203 C CD1 . PHE A 1 174 ? -22.023 -10.113 -11.556 1.00 18.59  ? 174  PHE A CD1 1 
ATOM   1204 C CD2 . PHE A 1 174 ? -23.361 -8.158  -11.254 1.00 18.27  ? 174  PHE A CD2 1 
ATOM   1205 C CE1 . PHE A 1 174 ? -22.810 -10.487 -12.650 1.00 18.90  ? 174  PHE A CE1 1 
ATOM   1206 C CE2 . PHE A 1 174 ? -24.153 -8.518  -12.342 1.00 19.23  ? 174  PHE A CE2 1 
ATOM   1207 C CZ  . PHE A 1 174 ? -23.875 -9.683  -13.038 1.00 17.43  ? 174  PHE A CZ  1 
ATOM   1208 N N   . HIS A 1 175 ? -18.431 -7.216  -8.670  1.00 12.61  ? 175  HIS A N   1 
ATOM   1209 C CA  . HIS A 1 175 ? -17.668 -6.877  -7.475  1.00 14.26  ? 175  HIS A CA  1 
ATOM   1210 C C   . HIS A 1 175 ? -16.445 -6.026  -7.794  1.00 16.23  ? 175  HIS A C   1 
ATOM   1211 O O   . HIS A 1 175 ? -15.418 -6.119  -7.119  1.00 15.58  ? 175  HIS A O   1 
ATOM   1212 C CB  . HIS A 1 175 ? -17.252 -8.166  -6.763  1.00 13.88  ? 175  HIS A CB  1 
ATOM   1213 C CG  . HIS A 1 175 ? -18.416 -9.014  -6.358  1.00 14.60  ? 175  HIS A CG  1 
ATOM   1214 N ND1 . HIS A 1 175 ? -19.087 -8.838  -5.167  1.00 17.06  ? 175  HIS A ND1 1 
ATOM   1215 C CD2 . HIS A 1 175 ? -19.077 -9.993  -7.018  1.00 12.03  ? 175  HIS A CD2 1 
ATOM   1216 C CE1 . HIS A 1 175 ? -20.111 -9.671  -5.112  1.00 13.15  ? 175  HIS A CE1 1 
ATOM   1217 N NE2 . HIS A 1 175 ? -20.127 -10.383 -6.224  1.00 17.02  ? 175  HIS A NE2 1 
ATOM   1218 N N   . VAL A 1 176 ? -16.567 -5.204  -8.831  1.00 17.57  ? 176  VAL A N   1 
ATOM   1219 C CA  . VAL A 1 176 ? -15.488 -4.316  -9.249  1.00 21.54  ? 176  VAL A CA  1 
ATOM   1220 C C   . VAL A 1 176 ? -15.924 -2.872  -9.048  1.00 24.39  ? 176  VAL A C   1 
ATOM   1221 O O   . VAL A 1 176 ? -16.944 -2.448  -9.588  1.00 24.33  ? 176  VAL A O   1 
ATOM   1222 C CB  . VAL A 1 176 ? -15.132 -4.501  -10.745 1.00 22.41  ? 176  VAL A CB  1 
ATOM   1223 C CG1 . VAL A 1 176 ? -14.031 -3.518  -11.140 1.00 24.14  ? 176  VAL A CG1 1 
ATOM   1224 C CG2 . VAL A 1 176 ? -14.685 -5.929  -11.013 1.00 24.74  ? 176  VAL A CG2 1 
ATOM   1225 N N   . LEU A 1 177 ? -15.163 -2.129  -8.251  1.00 25.57  ? 177  LEU A N   1 
ATOM   1226 C CA  . LEU A 1 177 ? -15.455 -0.723  -8.008  1.00 29.54  ? 177  LEU A CA  1 
ATOM   1227 C C   . LEU A 1 177 ? -14.422 0.078   -8.784  1.00 31.73  ? 177  LEU A C   1 
ATOM   1228 O O   . LEU A 1 177 ? -13.243 0.092   -8.432  1.00 28.97  ? 177  LEU A O   1 
ATOM   1229 C CB  . LEU A 1 177 ? -15.353 -0.393  -6.516  1.00 30.95  ? 177  LEU A CB  1 
ATOM   1230 C CG  . LEU A 1 177 ? -15.494 1.084   -6.125  1.00 34.38  ? 177  LEU A CG  1 
ATOM   1231 C CD1 . LEU A 1 177 ? -16.848 1.622   -6.574  1.00 34.89  ? 177  LEU A CD1 1 
ATOM   1232 C CD2 . LEU A 1 177 ? -15.340 1.227   -4.616  1.00 34.78  ? 177  LEU A CD2 1 
ATOM   1233 N N   . ASP A 1 178 ? -14.861 0.732   -9.854  1.00 33.78  ? 178  ASP A N   1 
ATOM   1234 C CA  . ASP A 1 178 ? -13.949 1.520   -10.669 1.00 37.58  ? 178  ASP A CA  1 
ATOM   1235 C C   . ASP A 1 178 ? -13.955 2.974   -10.217 1.00 38.69  ? 178  ASP A C   1 
ATOM   1236 O O   . ASP A 1 178 ? -14.960 3.668   -10.350 1.00 38.85  ? 178  ASP A O   1 
ATOM   1237 C CB  . ASP A 1 178 ? -14.350 1.430   -12.145 1.00 38.69  ? 178  ASP A CB  1 
ATOM   1238 C CG  . ASP A 1 178 ? -13.252 1.906   -13.079 1.00 41.39  ? 178  ASP A CG  1 
ATOM   1239 O OD1 . ASP A 1 178 ? -12.822 3.072   -12.953 1.00 42.12  ? 178  ASP A OD1 1 
ATOM   1240 O OD2 . ASP A 1 178 ? -12.818 1.110   -13.938 1.00 42.36  ? 178  ASP A OD2 1 
ATOM   1241 N N   . GLU A 1 179 ? -12.833 3.422   -9.665  1.00 38.38  ? 179  GLU A N   1 
ATOM   1242 C CA  . GLU A 1 179 ? -12.702 4.798   -9.206  1.00 39.72  ? 179  GLU A CA  1 
ATOM   1243 C C   . GLU A 1 179 ? -11.799 5.564   -10.165 1.00 40.13  ? 179  GLU A C   1 
ATOM   1244 O O   . GLU A 1 179 ? -11.180 6.564   -9.791  1.00 40.86  ? 179  GLU A O   1 
ATOM   1245 C CB  . GLU A 1 179 ? -12.105 4.843   -7.798  1.00 39.75  ? 179  GLU A CB  1 
ATOM   1246 C CG  . GLU A 1 179 ? -12.962 4.184   -6.734  1.00 40.32  ? 179  GLU A CG  1 
ATOM   1247 C CD  . GLU A 1 179 ? -12.375 4.327   -5.344  1.00 41.17  ? 179  GLU A CD  1 
ATOM   1248 O OE1 . GLU A 1 179 ? -12.995 3.825   -4.382  1.00 42.54  ? 179  GLU A OE1 1 
ATOM   1249 O OE2 . GLU A 1 179 ? -11.292 4.941   -5.210  1.00 39.90  ? 179  GLU A OE2 1 
ATOM   1250 N N   . VAL A 1 180 ? -11.717 5.081   -11.401 1.00 40.05  ? 180  VAL A N   1 
ATOM   1251 C CA  . VAL A 1 180 ? -10.896 5.721   -12.419 1.00 41.37  ? 180  VAL A CA  1 
ATOM   1252 C C   . VAL A 1 180 ? -11.787 6.391   -13.461 1.00 41.15  ? 180  VAL A C   1 
ATOM   1253 O O   . VAL A 1 180 ? -12.843 6.930   -13.131 1.00 41.82  ? 180  VAL A O   1 
ATOM   1254 C CB  . VAL A 1 180 ? -9.985  4.702   -13.134 1.00 41.41  ? 180  VAL A CB  1 
ATOM   1255 C CG1 . VAL A 1 180 ? -9.092  5.420   -14.132 1.00 42.20  ? 180  VAL A CG1 1 
ATOM   1256 C CG2 . VAL A 1 180 ? -9.143  3.950   -12.116 1.00 41.46  ? 180  VAL A CG2 1 
HETATM 1257 O O1  . DAO B 2 .   ? -7.471  2.194   3.436   1.00 70.93  ? 190  DAO A O1  1 
HETATM 1258 O O2  . DAO B 2 .   ? -8.387  1.821   1.475   1.00 74.16  ? 190  DAO A O2  1 
HETATM 1259 C C1  . DAO B 2 .   ? -7.412  2.138   2.189   1.00 71.30  ? 190  DAO A C1  1 
HETATM 1260 C C2  . DAO B 2 .   ? -6.093  2.460   1.513   1.00 69.07  ? 190  DAO A C2  1 
HETATM 1261 C C3  . DAO B 2 .   ? -5.552  1.298   0.703   1.00 64.92  ? 190  DAO A C3  1 
HETATM 1262 C C4  . DAO B 2 .   ? -4.201  1.625   0.099   1.00 60.34  ? 190  DAO A C4  1 
HETATM 1263 C C5  . DAO B 2 .   ? -3.668  0.455   -0.700  1.00 54.79  ? 190  DAO A C5  1 
HETATM 1264 C C6  . DAO B 2 .   ? -2.257  0.703   -1.208  1.00 49.01  ? 190  DAO A C6  1 
HETATM 1265 C C7  . DAO B 2 .   ? -2.194  1.791   -2.272  1.00 43.19  ? 190  DAO A C7  1 
HETATM 1266 C C8  . DAO B 2 .   ? -0.840  1.744   -2.960  1.00 38.72  ? 190  DAO A C8  1 
HETATM 1267 C C9  . DAO B 2 .   ? -0.688  2.783   -4.052  1.00 36.12  ? 190  DAO A C9  1 
HETATM 1268 C C10 . DAO B 2 .   ? 0.612   2.548   -4.802  1.00 33.61  ? 190  DAO A C10 1 
HETATM 1269 C C11 . DAO B 2 .   ? 0.895   3.648   -5.812  1.00 32.58  ? 190  DAO A C11 1 
HETATM 1270 C C12 . DAO B 2 .   ? 2.198   3.388   -6.541  1.00 33.83  ? 190  DAO A C12 1 
HETATM 1271 O O   . HOH C 3 .   ? 12.782  14.367  3.299   1.00 42.62  ? 1001 HOH A O   1 
HETATM 1272 O O   . HOH C 3 .   ? 12.539  9.859   -4.716  1.00 20.31  ? 1002 HOH A O   1 
HETATM 1273 O O   . HOH C 3 .   ? 12.220  8.877   6.032   1.00 45.45  ? 1003 HOH A O   1 
HETATM 1274 O O   . HOH C 3 .   ? 13.831  6.446   1.893   1.00 51.80  ? 1004 HOH A O   1 
HETATM 1275 O O   . HOH C 3 .   ? -0.284  -12.198 -9.807  1.00 22.48  ? 1005 HOH A O   1 
HETATM 1276 O O   . HOH C 3 .   ? 0.667   -8.557  -11.690 1.00 31.46  ? 1006 HOH A O   1 
HETATM 1277 O O   . HOH C 3 .   ? 0.276   -6.110  -12.044 1.00 51.75  ? 1007 HOH A O   1 
HETATM 1278 O O   . HOH C 3 .   ? -2.506  6.419   11.938  1.00 19.19  ? 1008 HOH A O   1 
HETATM 1279 O O   . HOH C 3 .   ? -5.142  1.556   7.704   1.00 50.41  ? 1009 HOH A O   1 
HETATM 1280 O O   . HOH C 3 .   ? -8.371  -0.502  16.965  1.00 77.30  ? 1010 HOH A O   1 
HETATM 1281 O O   . HOH C 3 .   ? 1.949   -4.514  -13.992 1.00 27.79  ? 1011 HOH A O   1 
HETATM 1282 O O   . HOH C 3 .   ? -13.510 -13.220 5.441   1.00 45.52  ? 1012 HOH A O   1 
HETATM 1283 O O   . HOH C 3 .   ? -4.359  11.184  -12.373 1.00 40.45  ? 1013 HOH A O   1 
HETATM 1284 O O   . HOH C 3 .   ? -6.250  -14.678 -6.433  1.00 133.21 ? 1014 HOH A O   1 
HETATM 1285 O O   . HOH C 3 .   ? 9.424   14.413  -12.239 1.00 91.71  ? 1015 HOH A O   1 
HETATM 1286 O O   . HOH C 3 .   ? -3.338  -12.837 -4.572  1.00 20.20  ? 1016 HOH A O   1 
HETATM 1287 O O   . HOH C 3 .   ? 5.044   16.980  -3.976  1.00 45.46  ? 1017 HOH A O   1 
HETATM 1288 O O   . HOH C 3 .   ? 13.171  15.774  -7.944  1.00 31.76  ? 1018 HOH A O   1 
HETATM 1289 O O   . HOH C 3 .   ? 1.127   13.063  -2.287  1.00 26.17  ? 1019 HOH A O   1 
HETATM 1290 O O   . HOH C 3 .   ? -6.670  13.460  3.047   1.00 33.96  ? 1020 HOH A O   1 
HETATM 1291 O O   . HOH C 3 .   ? 16.949  -0.830  -4.503  1.00 29.86  ? 1021 HOH A O   1 
HETATM 1292 O O   . HOH C 3 .   ? 8.746   -12.874 8.874   1.00 38.69  ? 1022 HOH A O   1 
HETATM 1293 O O   . HOH C 3 .   ? 15.911  -9.186  3.377   1.00 31.95  ? 1023 HOH A O   1 
HETATM 1294 O O   . HOH C 3 .   ? 12.565  -3.893  15.140  1.00 23.13  ? 1024 HOH A O   1 
HETATM 1295 O O   . HOH C 3 .   ? 0.259   -6.281  17.178  1.00 35.29  ? 1025 HOH A O   1 
HETATM 1296 O O   . HOH C 3 .   ? -3.573  -4.499  17.859  1.00 71.16  ? 1026 HOH A O   1 
HETATM 1297 O O   . HOH C 3 .   ? 1.745   -11.158 8.405   1.00 27.75  ? 1027 HOH A O   1 
HETATM 1298 O O   . HOH C 3 .   ? -4.537  -16.868 -0.559  1.00 23.97  ? 1028 HOH A O   1 
HETATM 1299 O O   . HOH C 3 .   ? -8.825  -16.628 -3.842  1.00 27.34  ? 1029 HOH A O   1 
HETATM 1300 O O   . HOH C 3 .   ? -1.021  -12.385 -5.794  1.00 56.94  ? 1030 HOH A O   1 
HETATM 1301 O O   . HOH C 3 .   ? 6.199   15.746  -5.730  1.00 157.51 ? 1031 HOH A O   1 
HETATM 1302 O O   . HOH C 3 .   ? -4.839  -15.075 -4.610  1.00 30.32  ? 1032 HOH A O   1 
HETATM 1303 O O   . HOH C 3 .   ? -18.579 -3.889  -13.401 1.00 40.55  ? 1033 HOH A O   1 
HETATM 1304 O O   . HOH C 3 .   ? 11.456  6.644   10.097  1.00 21.99  ? 1034 HOH A O   1 
HETATM 1305 O O   . HOH C 3 .   ? 15.065  1.184   -0.255  1.00 6.33   ? 1035 HOH A O   1 
HETATM 1306 O O   . HOH C 3 .   ? 12.201  14.423  -1.972  1.00 48.10  ? 1036 HOH A O   1 
HETATM 1307 O O   . HOH C 3 .   ? 16.569  2.959   2.751   1.00 45.49  ? 1037 HOH A O   1 
HETATM 1308 O O   . HOH C 3 .   ? 18.599  6.679   0.767   1.00 54.44  ? 1038 HOH A O   1 
HETATM 1309 O O   . HOH C 3 .   ? 16.332  5.551   -0.931  1.00 24.87  ? 1039 HOH A O   1 
HETATM 1310 O O   . HOH C 3 .   ? 15.543  2.850   -7.212  1.00 23.86  ? 1040 HOH A O   1 
HETATM 1311 O O   . HOH C 3 .   ? 15.023  3.972   0.686   1.00 23.94  ? 1041 HOH A O   1 
HETATM 1312 O O   . HOH C 3 .   ? 9.416   5.684   -11.864 1.00 39.64  ? 1042 HOH A O   1 
HETATM 1313 O O   . HOH C 3 .   ? 4.277   -6.433  -14.172 1.00 42.60  ? 1043 HOH A O   1 
HETATM 1314 O O   . HOH C 3 .   ? 11.809  -5.334  -13.477 1.00 45.89  ? 1044 HOH A O   1 
HETATM 1315 O O   . HOH C 3 .   ? 11.072  -5.888  -10.409 1.00 35.91  ? 1045 HOH A O   1 
HETATM 1316 O O   . HOH C 3 .   ? 14.115  -4.876  -9.985  1.00 34.60  ? 1046 HOH A O   1 
HETATM 1317 O O   . HOH C 3 .   ? 4.482   -9.521  -10.152 1.00 17.14  ? 1047 HOH A O   1 
HETATM 1318 O O   . HOH C 3 .   ? 5.847   -11.274 -8.651  1.00 31.20  ? 1048 HOH A O   1 
HETATM 1319 O O   . HOH C 3 .   ? 4.462   -11.093 -6.464  1.00 14.97  ? 1049 HOH A O   1 
HETATM 1320 O O   . HOH C 3 .   ? -8.966  -5.689  5.203   1.00 45.96  ? 1050 HOH A O   1 
HETATM 1321 O O   . HOH C 3 .   ? -13.301 -15.107 2.823   1.00 48.35  ? 1051 HOH A O   1 
HETATM 1322 O O   . HOH C 3 .   ? -10.051 -13.366 3.556   1.00 36.77  ? 1052 HOH A O   1 
HETATM 1323 O O   . HOH C 3 .   ? -6.175  -10.553 -1.848  1.00 16.56  ? 1053 HOH A O   1 
HETATM 1324 O O   . HOH C 3 .   ? -3.348  -2.418  -12.419 1.00 36.17  ? 1054 HOH A O   1 
HETATM 1325 O O   . HOH C 3 .   ? -5.980  -1.714  -12.230 1.00 33.45  ? 1055 HOH A O   1 
HETATM 1326 O O   . HOH C 3 .   ? -6.525  1.205   -12.386 1.00 33.72  ? 1056 HOH A O   1 
HETATM 1327 O O   . HOH C 3 .   ? -6.639  0.349   -5.724  1.00 38.16  ? 1057 HOH A O   1 
HETATM 1328 O O   . HOH C 3 .   ? -10.446 -4.337  -3.008  1.00 37.69  ? 1058 HOH A O   1 
HETATM 1329 O O   . HOH C 3 .   ? -15.919 -11.374 -7.509  1.00 13.44  ? 1059 HOH A O   1 
HETATM 1330 O O   . HOH C 3 .   ? 6.698   14.129  -12.357 1.00 43.43  ? 1060 HOH A O   1 
HETATM 1331 O O   . HOH C 3 .   ? 9.496   -11.475 0.658   1.00 19.82  ? 1061 HOH A O   1 
HETATM 1332 O O   . HOH C 3 .   ? 11.571  -10.199 2.599   1.00 31.13  ? 1062 HOH A O   1 
HETATM 1333 O O   . HOH C 3 .   ? 13.771  -9.548  1.598   1.00 24.13  ? 1063 HOH A O   1 
HETATM 1334 O O   . HOH C 3 .   ? -0.458  10.305  12.295  1.00 33.63  ? 1064 HOH A O   1 
HETATM 1335 O O   . HOH C 3 .   ? 5.694   -12.900 5.950   1.00 23.55  ? 1065 HOH A O   1 
HETATM 1336 O O   . HOH C 3 .   ? 14.640  -14.473 7.642   1.00 34.41  ? 1066 HOH A O   1 
HETATM 1337 O O   . HOH C 3 .   ? 16.925  -6.778  12.278  1.00 26.83  ? 1067 HOH A O   1 
HETATM 1338 O O   . HOH C 3 .   ? -8.279  -14.988 -7.524  1.00 20.89  ? 1068 HOH A O   1 
HETATM 1339 O O   . HOH C 3 .   ? -7.665  -9.774  -12.114 1.00 30.94  ? 1069 HOH A O   1 
HETATM 1340 O O   . HOH C 3 .   ? 10.865  4.472   6.141   1.00 16.28  ? 1070 HOH A O   1 
HETATM 1341 O O   . HOH C 3 .   ? 18.063  4.316   -12.517 1.00 35.64  ? 1071 HOH A O   1 
HETATM 1342 O O   . HOH C 3 .   ? -8.337  -17.343 -0.858  1.00 41.42  ? 1072 HOH A O   1 
HETATM 1343 O O   . HOH C 3 .   ? 17.430  11.263  -4.889  1.00 49.81  ? 1073 HOH A O   1 
HETATM 1344 O O   . HOH C 3 .   ? -1.801  -5.398  -13.113 1.00 44.19  ? 1074 HOH A O   1 
HETATM 1345 O O   . HOH C 3 .   ? -3.158  -10.842 3.594   1.00 68.26  ? 1075 HOH A O   1 
HETATM 1346 O O   . HOH C 3 .   ? -3.694  6.536   7.005   1.00 30.67  ? 1076 HOH A O   1 
HETATM 1347 O O   . HOH C 3 .   ? -7.811  -4.673  2.690   1.00 37.40  ? 1077 HOH A O   1 
HETATM 1348 O O   . HOH C 3 .   ? -18.558 -10.186 0.486   1.00 39.79  ? 1078 HOH A O   1 
HETATM 1349 O O   . HOH C 3 .   ? -15.240 -14.180 -5.983  1.00 20.51  ? 1079 HOH A O   1 
HETATM 1350 O O   . HOH C 3 .   ? -10.785 -14.582 -7.232  1.00 28.47  ? 1080 HOH A O   1 
HETATM 1351 O O   . HOH C 3 .   ? -8.685  6.825   -8.736  1.00 29.83  ? 1081 HOH A O   1 
HETATM 1352 O O   . HOH C 3 .   ? -8.131  9.863   -10.296 1.00 71.68  ? 1082 HOH A O   1 
HETATM 1353 O O   . HOH C 3 .   ? 11.966  13.318  -7.629  1.00 19.65  ? 1083 HOH A O   1 
HETATM 1354 O O   . HOH C 3 .   ? 5.348   11.282  -8.519  1.00 25.06  ? 1084 HOH A O   1 
HETATM 1355 O O   . HOH C 3 .   ? -7.011  15.583  -4.276  1.00 15.22  ? 1085 HOH A O   1 
HETATM 1356 O O   . HOH C 3 .   ? -5.012  17.216  -3.079  1.00 30.58  ? 1086 HOH A O   1 
HETATM 1357 O O   . HOH C 3 .   ? 16.314  -2.018  -0.797  1.00 15.75  ? 1087 HOH A O   1 
HETATM 1358 O O   . HOH C 3 .   ? 16.527  -11.780 7.684   1.00 25.39  ? 1088 HOH A O   1 
HETATM 1359 O O   . HOH C 3 .   ? 15.995  -5.087  10.234  1.00 15.32  ? 1089 HOH A O   1 
HETATM 1360 O O   . HOH C 3 .   ? 8.806   5.805   10.193  1.00 17.73  ? 1090 HOH A O   1 
HETATM 1361 O O   . HOH C 3 .   ? 16.712  3.603   11.868  1.00 26.67  ? 1091 HOH A O   1 
HETATM 1362 O O   . HOH C 3 .   ? -2.525  -8.721  14.131  1.00 23.51  ? 1092 HOH A O   1 
HETATM 1363 O O   . HOH C 3 .   ? -17.470 -11.117 -14.697 1.00 24.67  ? 1093 HOH A O   1 
HETATM 1364 O O   . HOH C 3 .   ? 6.153   4.959   19.469  1.00 46.94  ? 1094 HOH A O   1 
HETATM 1365 O O   . HOH C 3 .   ? -17.857 0.240   -9.893  1.00 60.36  ? 1095 HOH A O   1 
HETATM 1366 O O   . HOH C 3 .   ? -3.422  14.585  5.201   1.00 39.33  ? 1096 HOH A O   1 
HETATM 1367 O O   . HOH C 3 .   ? -9.317  15.151  0.827   1.00 41.48  ? 1097 HOH A O   1 
HETATM 1368 O O   . HOH C 3 .   ? 12.218  -15.045 3.213   1.00 46.86  ? 1098 HOH A O   1 
HETATM 1369 O O   . HOH C 3 .   ? 11.187  -15.285 7.214   1.00 55.88  ? 1099 HOH A O   1 
HETATM 1370 O O   . HOH C 3 .   ? 15.098  -2.099  15.558  1.00 28.10  ? 1100 HOH A O   1 
HETATM 1371 O O   . HOH C 3 .   ? -14.067 -14.116 -10.531 1.00 49.91  ? 1101 HOH A O   1 
HETATM 1372 O O   . HOH C 3 .   ? -5.372  3.320   17.555  1.00 25.94  ? 1102 HOH A O   1 
HETATM 1373 O O   . HOH C 3 .   ? 16.523  2.659   -9.803  1.00 46.44  ? 1103 HOH A O   1 
HETATM 1374 O O   . HOH C 3 .   ? 19.181  1.087   -0.089  1.00 62.07  ? 1104 HOH A O   1 
HETATM 1375 O O   . HOH C 3 .   ? 14.917  10.242  -6.068  1.00 32.32  ? 1105 HOH A O   1 
HETATM 1376 O O   . HOH C 3 .   ? 7.697   -3.616  -15.408 1.00 35.64  ? 1106 HOH A O   1 
HETATM 1377 O O   . HOH C 3 .   ? -5.364  1.456   15.220  1.00 37.30  ? 1107 HOH A O   1 
HETATM 1378 O O   . HOH C 3 .   ? 8.170   12.888  -10.501 1.00 56.24  ? 1108 HOH A O   1 
HETATM 1379 O O   . HOH C 3 .   ? -3.939  2.842   5.883   1.00 46.23  ? 1109 HOH A O   1 
HETATM 1380 O O   . HOH C 3 .   ? 12.981  -11.652 13.252  1.00 58.02  ? 1110 HOH A O   1 
HETATM 1381 O O   . HOH C 3 .   ? 15.222  -9.107  12.817  1.00 56.36  ? 1111 HOH A O   1 
HETATM 1382 O O   . HOH C 3 .   ? 10.595  9.212   15.060  1.00 52.51  ? 1112 HOH A O   1 
HETATM 1383 O O   . HOH C 3 .   ? 0.305   -11.674 4.487   1.00 20.25  ? 1113 HOH A O   1 
HETATM 1384 O O   . HOH C 3 .   ? 11.896  -8.429  -9.178  1.00 44.61  ? 1114 HOH A O   1 
HETATM 1385 O O   . HOH C 3 .   ? 17.844  3.581   8.558   1.00 31.83  ? 1115 HOH A O   1 
HETATM 1386 O O   . HOH C 3 .   ? -5.168  -6.345  -12.656 1.00 47.53  ? 1116 HOH A O   1 
HETATM 1387 O O   . HOH C 3 .   ? 7.225   8.477   -8.871  1.00 25.23  ? 1117 HOH A O   1 
HETATM 1388 O O   . HOH C 3 .   ? -6.019  10.100  -8.151  1.00 19.46  ? 1118 HOH A O   1 
HETATM 1389 O O   . HOH C 3 .   ? -4.431  11.459  -9.834  1.00 33.09  ? 1119 HOH A O   1 
HETATM 1390 O O   . HOH C 3 .   ? 12.894  6.960   21.610  1.00 78.92  ? 1120 HOH A O   1 
HETATM 1391 O O   . HOH C 3 .   ? 6.235   6.248   -19.477 1.00 98.65  ? 1121 HOH A O   1 
HETATM 1392 O O   . HOH C 3 .   ? 21.651  34.022  -13.061 1.00 109.73 ? 1122 HOH A O   1 
HETATM 1393 O O   . HOH C 3 .   ? 11.121  7.652   17.805  1.00 41.17  ? 1123 HOH A O   1 
HETATM 1394 O O   . HOH C 3 .   ? 11.314  0.530   19.107  1.00 157.13 ? 1124 HOH A O   1 
HETATM 1395 O O   . HOH C 3 .   ? 16.075  7.269   15.828  1.00 102.57 ? 1125 HOH A O   1 
HETATM 1396 O O   . HOH C 3 .   ? 12.041  5.341   19.777  1.00 82.53  ? 1126 HOH A O   1 
HETATM 1397 O O   . HOH C 3 .   ? 25.940  38.512  -17.196 1.00 58.94  ? 1127 HOH A O   1 
HETATM 1398 O O   . HOH C 3 .   ? -0.938  -19.646 10.790  1.00 78.35  ? 1128 HOH A O   1 
HETATM 1399 O O   . HOH C 3 .   ? 15.739  41.525  -13.640 1.00 60.59  ? 1129 HOH A O   1 
HETATM 1400 O O   . HOH C 3 .   ? 15.122  6.916   18.729  1.00 81.75  ? 1130 HOH A O   1 
HETATM 1401 O O   . HOH C 3 .   ? 13.311  4.593   13.086  1.00 26.12  ? 1131 HOH A O   1 
HETATM 1402 O O   . HOH C 3 .   ? 8.714   7.760   16.595  1.00 157.79 ? 1132 HOH A O   1 
HETATM 1403 O O   . HOH C 3 .   ? 17.083  32.720  -11.214 1.00 58.47  ? 1133 HOH A O   1 
HETATM 1404 O O   . HOH C 3 .   ? 13.755  9.112   17.476  1.00 78.41  ? 1134 HOH A O   1 
HETATM 1405 O O   . HOH C 3 .   ? 17.005  10.345  17.118  1.00 156.75 ? 1135 HOH A O   1 
HETATM 1406 O O   . HOH C 3 .   ? -10.310 -8.883  -11.713 1.00 28.31  ? 1136 HOH A O   1 
HETATM 1407 O O   . HOH C 3 .   ? 2.666   -12.401 5.991   1.00 32.48  ? 1137 HOH A O   1 
HETATM 1408 O O   . HOH C 3 .   ? -5.542  -1.689  5.242   1.00 45.26  ? 1138 HOH A O   1 
HETATM 1409 O O   . HOH C 3 .   ? -10.010 9.491   -2.454  1.00 43.50  ? 1139 HOH A O   1 
HETATM 1410 O O   . HOH C 3 .   ? 5.222   -0.094  21.204  1.00 38.54  ? 1140 HOH A O   1 
HETATM 1411 O O   . HOH C 3 .   ? 8.013   -9.647  14.522  1.00 50.63  ? 1141 HOH A O   1 
HETATM 1412 O O   . HOH C 3 .   ? 13.401  -12.679 1.095   1.00 44.20  ? 1142 HOH A O   1 
HETATM 1413 O O   . HOH C 3 .   ? -4.893  -16.113 -9.318  1.00 43.90  ? 1143 HOH A O   1 
HETATM 1414 O O   . HOH C 3 .   ? 1.257   16.106  -3.110  1.00 44.80  ? 1144 HOH A O   1 
HETATM 1415 O O   . HOH C 3 .   ? -4.801  -0.738  18.838  1.00 48.67  ? 1145 HOH A O   1 
HETATM 1416 O O   . HOH C 3 .   ? -19.996 -12.514 -14.846 1.00 45.15  ? 1146 HOH A O   1 
HETATM 1417 O O   . HOH C 3 .   ? -10.223 13.615  -8.753  1.00 48.87  ? 1147 HOH A O   1 
HETATM 1418 O O   . HOH C 3 .   ? 6.202   -13.175 8.600   1.00 43.25  ? 1148 HOH A O   1 
HETATM 1419 O O   . HOH C 3 .   ? 6.025   0.635   18.109  1.00 40.43  ? 1149 HOH A O   1 
HETATM 1420 O O   . HOH C 3 .   ? -9.308  9.265   -6.892  1.00 48.20  ? 1150 HOH A O   1 
HETATM 1421 O O   . HOH C 3 .   ? 7.821   -6.632  -11.745 1.00 43.69  ? 1151 HOH A O   1 
HETATM 1422 O O   . HOH C 3 .   ? -17.640 -14.712 6.417   1.00 44.46  ? 1152 HOH A O   1 
HETATM 1423 O O   . HOH C 3 .   ? 19.041  4.568   -6.333  1.00 45.07  ? 1153 HOH A O   1 
HETATM 1424 O O   . HOH C 3 .   ? 2.787   9.920   12.714  1.00 47.29  ? 1154 HOH A O   1 
HETATM 1425 O O   . HOH C 3 .   ? 2.835   15.135  0.508   1.00 48.74  ? 1155 HOH A O   1 
HETATM 1426 O O   . HOH C 3 .   ? 12.937  12.362  -3.539  1.00 45.60  ? 1156 HOH A O   1 
HETATM 1427 O O   . HOH C 3 .   ? -11.400 -11.195 5.133   1.00 47.02  ? 1157 HOH A O   1 
HETATM 1428 O O   . HOH C 3 .   ? 12.253  6.731   4.072   1.00 53.10  ? 1158 HOH A O   1 
HETATM 1429 O O   . HOH C 3 .   ? -6.252  -0.300  11.055  1.00 48.76  ? 1159 HOH A O   1 
HETATM 1430 O O   . HOH C 3 .   ? -8.135  3.980   -0.740  1.00 47.45  ? 1160 HOH A O   1 
HETATM 1431 O O   . HOH C 3 .   ? 7.076   6.820   -10.806 1.00 44.76  ? 1161 HOH A O   1 
HETATM 1432 O O   . HOH C 3 .   ? 19.621  3.185   -10.612 1.00 47.01  ? 1162 HOH A O   1 
HETATM 1433 O O   . HOH C 3 .   ? -5.123  -8.152  10.962  1.00 52.93  ? 1163 HOH A O   1 
HETATM 1434 O O   . HOH C 3 .   ? -3.254  -8.765  -14.665 1.00 57.44  ? 1164 HOH A O   1 
HETATM 1435 O O   . HOH C 3 .   ? 12.169  6.316   7.540   1.00 48.32  ? 1165 HOH A O   1 
HETATM 1436 O O   . HOH C 3 .   ? 10.475  14.422  2.277   1.00 50.39  ? 1166 HOH A O   1 
HETATM 1437 O O   . HOH C 3 .   ? -9.021  -5.494  -14.086 1.00 43.74  ? 1167 HOH A O   1 
HETATM 1438 O O   . HOH C 3 .   ? -20.489 -15.352 0.548   1.00 51.01  ? 1168 HOH A O   1 
HETATM 1439 O O   . HOH C 3 .   ? -11.337 -15.776 -4.927  1.00 45.85  ? 1169 HOH A O   1 
HETATM 1440 O O   . HOH C 3 .   ? 13.507  32.688  -9.890  1.00 48.50  ? 1170 HOH A O   1 
HETATM 1441 O O   . HOH C 3 .   ? -1.014  -17.339 8.576   1.00 51.42  ? 1171 HOH A O   1 
HETATM 1442 O O   . HOH C 3 .   ? -6.239  -13.258 -12.947 1.00 50.46  ? 1172 HOH A O   1 
HETATM 1443 O O   . HOH C 3 .   ? -12.725 15.364  1.198   1.00 49.96  ? 1173 HOH A O   1 
HETATM 1444 O O   . HOH C 3 .   ? 16.983  -6.168  0.609   1.00 46.43  ? 1174 HOH A O   1 
HETATM 1445 O O   . HOH C 3 .   ? -12.972 3.461   -16.829 1.00 55.19  ? 1175 HOH A O   1 
HETATM 1446 O O   . HOH C 3 .   ? -2.254  8.763   13.577  1.00 49.34  ? 1176 HOH A O   1 
HETATM 1447 O O   . HOH C 3 .   ? -14.184 -7.670  -13.831 1.00 53.15  ? 1177 HOH A O   1 
HETATM 1448 O O   . HOH C 3 .   ? 14.610  10.554  -2.197  1.00 53.98  ? 1178 HOH A O   1 
HETATM 1449 O O   . HOH C 3 .   ? -10.971 1.251   -1.334  1.00 51.04  ? 1179 HOH A O   1 
HETATM 1450 O O   . HOH C 3 .   ? -18.367 13.762  1.254   1.00 50.67  ? 1180 HOH A O   1 
HETATM 1451 O O   . HOH C 3 .   ? 11.320  -1.844  16.909  1.00 53.40  ? 1181 HOH A O   1 
HETATM 1452 O O   . HOH C 3 .   ? 1.963   -7.659  -13.909 1.00 49.92  ? 1182 HOH A O   1 
HETATM 1453 O O   . HOH C 3 .   ? -17.427 -15.060 -9.513  1.00 39.68  ? 1183 HOH A O   1 
HETATM 1454 O O   . HOH C 3 .   ? 14.885  -14.870 4.244   1.00 50.80  ? 1184 HOH A O   1 
HETATM 1455 O O   . HOH C 3 .   ? 16.821  -4.336  -5.909  1.00 48.92  ? 1185 HOH A O   1 
HETATM 1456 O O   . HOH C 3 .   ? -6.026  17.176  8.058   1.00 51.25  ? 1186 HOH A O   1 
HETATM 1457 O O   . HOH C 3 .   ? -15.844 14.850  -7.370  1.00 52.07  ? 1187 HOH A O   1 
HETATM 1458 O O   . HOH C 3 .   ? -13.992 -13.443 -13.105 1.00 54.59  ? 1188 HOH A O   1 
HETATM 1459 O O   . HOH C 3 .   ? -13.742 -18.116 -1.404  1.00 47.34  ? 1189 HOH A O   1 
HETATM 1460 O O   . HOH C 3 .   ? 17.527  -12.493 10.268  1.00 53.27  ? 1190 HOH A O   1 
HETATM 1461 O O   . HOH C 3 .   ? -11.523 3.935   4.758   1.00 57.31  ? 1191 HOH A O   1 
HETATM 1462 O O   . HOH C 3 .   ? -8.981  14.558  3.774   1.00 52.10  ? 1192 HOH A O   1 
HETATM 1463 O O   . HOH C 3 .   ? -17.499 10.123  -8.149  1.00 54.05  ? 1193 HOH A O   1 
HETATM 1464 O O   . HOH C 3 .   ? 17.555  0.077   -9.222  1.00 50.12  ? 1194 HOH A O   1 
HETATM 1465 O O   . HOH C 3 .   ? 4.930   13.489  17.386  1.00 52.51  ? 1195 HOH A O   1 
HETATM 1466 O O   . HOH C 3 .   ? -14.316 11.190  -11.530 1.00 53.71  ? 1196 HOH A O   1 
HETATM 1467 O O   . HOH C 3 .   ? -16.932 -15.850 -12.348 1.00 47.66  ? 1197 HOH A O   1 
HETATM 1468 O O   . HOH C 3 .   ? -1.992  16.975  6.937   1.00 49.26  ? 1198 HOH A O   1 
HETATM 1469 O O   . HOH C 3 .   ? -16.477 2.208   -14.650 1.00 57.07  ? 1199 HOH A O   1 
# 
